data_6GG5
#
_entry.id   6GG5
#
_cell.length_a   96.880
_cell.length_b   70.576
_cell.length_c   168.502
_cell.angle_alpha   90.00
_cell.angle_beta   106.02
_cell.angle_gamma   90.00
#
_symmetry.space_group_name_H-M   'P 1 21 1'
#
loop_
_entity.id
_entity.type
_entity.pdbx_description
1 polymer 'Pyruvate kinase PKM'
2 non-polymer 'PHOSPHATE ION'
3 non-polymer TRYPTOPHAN
4 non-polymer 'POTASSIUM ION'
5 water water
#
_entity_poly.entity_id   1
_entity_poly.type   'polypeptide(L)'
_entity_poly.pdbx_seq_one_letter_code
;MGSSHHHHHHSSGLVPRGSHMSKPHSEAGTAFIQTQQLHAAMADTFLEHMCRLDIDSPPITARNTGIICTIGPASRSVET
LKEMIKSGMNVARLNFSHGTHEYHAETIKNVRTATESFASDPILYRPVAVALDTKGPEIRTGLIKGSGTAEVELKKGATL
KITLDNAYMEKCDENILWLDYKNICKVVEVGSKIYVDDGLISLQVKQKGADFLVTEVENGGSLGSKKGVNLPGAAVDLPA
VSEKDIQDLKFGVEQDVDMVFASFIRKASDVHEVRKVLGEKGKNIKIISKIENHEGVRRFDEILEASDGIMVARGDLGIE
IPAEKVFLAQKMMIGRCNRAGKPVICATQMLESMIKKPRPTRAEGSDVANAVLDGADCIMLSGETAKGDYPLEAVRMQHL
IAREAEAAIYHLQLFEELRRLAPITSDPTEATAVGAVEASFKCCSGAIIVLTKSGRSAHQVARYRPRAPIIAVTRNPQTA
RQAHLYRGIFPVL(CSO)KDPVQEAWAEDVDLRVNFAMNVGKARGFFKKGDVVIVLTGWRPGSGFTNTMRVVPVP
;
_entity_poly.pdbx_strand_id   A,B,C,D
#
# COMPACT_ATOMS: atom_id res chain seq x y z
N ALA A 43 16.33 0.79 8.35
CA ALA A 43 15.18 1.67 8.66
C ALA A 43 14.00 1.41 7.72
N ASP A 44 13.07 0.55 8.13
CA ASP A 44 11.84 0.30 7.38
C ASP A 44 10.80 1.43 7.56
N THR A 45 10.91 2.17 8.67
CA THR A 45 10.05 3.34 8.98
C THR A 45 10.92 4.61 9.14
N PHE A 46 10.34 5.79 8.88
CA PHE A 46 11.02 7.09 9.09
C PHE A 46 11.36 7.33 10.56
N LEU A 47 10.47 6.93 11.48
CA LEU A 47 10.73 7.07 12.91
C LEU A 47 11.94 6.24 13.36
N GLU A 48 12.05 5.00 12.86
CA GLU A 48 13.21 4.12 13.12
C GLU A 48 14.53 4.63 12.52
N HIS A 49 14.42 5.36 11.41
CA HIS A 49 15.54 6.08 10.79
C HIS A 49 16.10 7.21 11.68
N MET A 50 15.21 7.84 12.46
CA MET A 50 15.58 8.86 13.47
C MET A 50 16.10 8.27 14.79
N CYS A 51 15.47 7.19 15.26
CA CYS A 51 15.91 6.51 16.49
C CYS A 51 17.26 5.78 16.35
N ARG A 52 17.69 5.47 15.12
CA ARG A 52 19.04 4.92 14.88
C ARG A 52 20.17 5.95 14.95
N LEU A 53 19.85 7.22 14.64
CA LEU A 53 20.84 8.29 14.49
C LEU A 53 21.87 8.39 15.64
N ASP A 54 23.03 7.77 15.41
CA ASP A 54 24.14 7.77 16.36
C ASP A 54 25.08 8.91 16.00
N ILE A 55 25.21 9.87 16.91
CA ILE A 55 26.03 11.06 16.69
C ILE A 55 27.53 10.80 16.98
N ASP A 56 27.82 9.71 17.71
CA ASP A 56 29.20 9.34 18.06
C ASP A 56 29.91 8.56 16.95
N SER A 57 29.19 7.72 16.21
CA SER A 57 29.78 7.01 15.03
C SER A 57 29.99 8.00 13.88
N PRO A 58 31.10 7.86 13.12
CA PRO A 58 31.52 8.90 12.14
C PRO A 58 30.53 9.05 10.96
N PRO A 59 30.57 10.20 10.24
CA PRO A 59 29.49 10.48 9.24
C PRO A 59 29.71 9.69 7.93
N ILE A 60 29.48 8.37 8.02
CA ILE A 60 29.85 7.39 6.97
C ILE A 60 29.31 7.74 5.58
N THR A 61 28.04 8.14 5.51
CA THR A 61 27.42 8.57 4.26
C THR A 61 28.14 9.79 3.68
N ALA A 62 28.39 9.78 2.35
CA ALA A 62 29.04 10.90 1.64
C ALA A 62 28.01 11.97 1.29
N ARG A 63 28.51 13.18 1.10
CA ARG A 63 27.66 14.35 0.84
C ARG A 63 27.04 14.22 -0.53
N ASN A 64 25.81 14.70 -0.68
CA ASN A 64 25.01 14.44 -1.89
C ASN A 64 24.31 15.65 -2.50
N THR A 65 24.59 16.84 -1.98
CA THR A 65 24.00 18.10 -2.47
C THR A 65 25.10 19.02 -2.95
N GLY A 66 24.83 19.82 -4.00
CA GLY A 66 25.83 20.79 -4.50
C GLY A 66 26.19 21.85 -3.47
N ILE A 67 27.40 22.39 -3.58
CA ILE A 67 27.85 23.53 -2.79
C ILE A 67 28.17 24.66 -3.75
N ILE A 68 27.57 25.82 -3.53
CA ILE A 68 27.80 27.00 -4.36
C ILE A 68 28.45 28.04 -3.46
N CYS A 69 29.62 28.54 -3.84
CA CYS A 69 30.33 29.57 -3.10
C CYS A 69 30.44 30.85 -3.90
N THR A 70 30.26 31.96 -3.22
CA THR A 70 30.35 33.28 -3.84
C THR A 70 31.80 33.67 -3.78
N ILE A 71 32.39 33.89 -4.94
CA ILE A 71 33.79 34.31 -5.01
C ILE A 71 33.84 35.83 -4.93
N GLY A 72 34.88 36.31 -4.26
CA GLY A 72 35.10 37.75 -4.01
C GLY A 72 36.48 37.95 -3.36
N PRO A 73 36.76 39.18 -2.89
CA PRO A 73 38.02 39.56 -2.23
C PRO A 73 38.79 38.46 -1.47
N ALA A 74 38.10 37.70 -0.63
CA ALA A 74 38.77 36.74 0.25
C ALA A 74 38.98 35.35 -0.34
N SER A 75 38.42 35.09 -1.53
CA SER A 75 38.42 33.76 -2.13
C SER A 75 38.79 33.73 -3.62
N ARG A 76 39.44 34.79 -4.07
CA ARG A 76 39.62 35.09 -5.48
C ARG A 76 40.95 34.63 -6.06
N SER A 77 41.94 34.43 -5.18
CA SER A 77 43.27 33.90 -5.58
C SER A 77 43.19 32.45 -6.03
N VAL A 78 44.10 32.06 -6.90
CA VAL A 78 44.18 30.70 -7.43
C VAL A 78 44.44 29.69 -6.31
N GLU A 79 45.32 30.07 -5.36
CA GLU A 79 45.70 29.16 -4.26
C GLU A 79 44.52 28.85 -3.34
N THR A 80 43.70 29.87 -3.08
CA THR A 80 42.48 29.68 -2.27
C THR A 80 41.47 28.83 -3.05
N LEU A 81 41.11 29.28 -4.26
CA LEU A 81 40.18 28.55 -5.12
C LEU A 81 40.50 27.07 -5.20
N LYS A 82 41.79 26.78 -5.41
CA LYS A 82 42.30 25.41 -5.31
C LYS A 82 41.84 24.72 -4.02
N GLU A 83 42.04 25.37 -2.87
CA GLU A 83 41.68 24.77 -1.57
C GLU A 83 40.19 24.63 -1.34
N MET A 84 39.41 25.54 -1.93
CA MET A 84 37.96 25.46 -1.87
C MET A 84 37.40 24.37 -2.75
N ILE A 85 38.04 24.16 -3.91
CA ILE A 85 37.64 23.09 -4.81
C ILE A 85 37.90 21.73 -4.21
N LYS A 86 39.05 21.57 -3.53
CA LYS A 86 39.33 20.34 -2.78
C LYS A 86 38.31 20.09 -1.68
N SER A 87 38.04 21.13 -0.89
CA SER A 87 37.11 21.05 0.24
C SER A 87 35.62 20.99 -0.17
N GLY A 88 35.31 21.14 -1.46
CA GLY A 88 34.00 20.79 -1.99
C GLY A 88 33.24 21.77 -2.84
N MET A 89 33.83 22.91 -3.16
CA MET A 89 33.14 23.88 -4.02
C MET A 89 32.77 23.19 -5.32
N ASN A 90 31.54 23.37 -5.77
CA ASN A 90 31.08 22.81 -7.04
C ASN A 90 30.71 23.85 -8.08
N VAL A 91 30.39 25.06 -7.66
CA VAL A 91 29.93 26.13 -8.55
C VAL A 91 30.47 27.43 -8.00
N ALA A 92 31.12 28.23 -8.83
CA ALA A 92 31.61 29.54 -8.43
C ALA A 92 30.57 30.58 -8.81
N ARG A 93 30.09 31.34 -7.80
CA ARG A 93 29.13 32.42 -8.01
C ARG A 93 29.80 33.78 -8.06
N LEU A 94 29.50 34.53 -9.12
CA LEU A 94 30.01 35.88 -9.30
C LEU A 94 28.85 36.87 -9.19
N ASN A 95 28.96 37.74 -8.19
CA ASN A 95 27.93 38.72 -7.89
C ASN A 95 28.18 40.00 -8.67
N PHE A 96 27.44 40.18 -9.76
CA PHE A 96 27.58 41.36 -10.64
C PHE A 96 26.83 42.60 -10.11
N SER A 97 26.38 42.56 -8.86
CA SER A 97 26.01 43.78 -8.15
C SER A 97 27.23 44.63 -7.88
N HIS A 98 28.42 44.03 -7.85
CA HIS A 98 29.70 44.74 -7.60
C HIS A 98 30.76 44.36 -8.63
N GLY A 99 31.78 45.20 -8.71
CA GLY A 99 32.94 44.98 -9.58
C GLY A 99 32.65 45.25 -11.05
N THR A 100 33.69 45.56 -11.80
CA THR A 100 33.61 45.79 -13.25
C THR A 100 33.74 44.47 -14.01
N HIS A 101 33.48 44.50 -15.31
CA HIS A 101 33.64 43.31 -16.17
C HIS A 101 35.07 42.81 -16.15
N GLU A 102 36.02 43.75 -16.20
CA GLU A 102 37.45 43.45 -16.11
C GLU A 102 37.75 42.64 -14.85
N TYR A 103 37.20 43.08 -13.71
CA TYR A 103 37.42 42.41 -12.42
C TYR A 103 36.98 40.94 -12.49
N HIS A 104 35.75 40.73 -12.95
CA HIS A 104 35.13 39.40 -13.01
C HIS A 104 35.83 38.49 -14.01
N ALA A 105 36.18 39.03 -15.18
CA ALA A 105 36.95 38.28 -16.16
C ALA A 105 38.16 37.60 -15.49
N GLU A 106 38.86 38.34 -14.63
CA GLU A 106 40.01 37.80 -13.90
C GLU A 106 39.60 36.75 -12.89
N THR A 107 38.54 37.03 -12.13
CA THR A 107 37.99 36.04 -11.18
C THR A 107 37.70 34.74 -11.93
N ILE A 108 37.00 34.83 -13.07
CA ILE A 108 36.63 33.64 -13.87
C ILE A 108 37.88 32.90 -14.30
N LYS A 109 38.87 33.66 -14.80
CA LYS A 109 40.14 33.10 -15.27
C LYS A 109 40.91 32.39 -14.14
N ASN A 110 40.86 32.96 -12.95
CA ASN A 110 41.44 32.30 -11.77
C ASN A 110 40.70 31.03 -11.34
N VAL A 111 39.37 31.04 -11.48
CA VAL A 111 38.56 29.89 -11.11
C VAL A 111 38.93 28.72 -11.98
N ARG A 112 39.07 28.98 -13.28
CA ARG A 112 39.42 27.93 -14.25
C ARG A 112 40.86 27.43 -14.10
N THR A 113 41.80 28.35 -13.91
CA THR A 113 43.20 28.00 -13.60
C THR A 113 43.28 26.99 -12.46
N ALA A 114 42.51 27.24 -11.41
CA ALA A 114 42.54 26.42 -10.19
C ALA A 114 41.85 25.09 -10.42
N THR A 115 40.70 25.16 -11.08
CA THR A 115 39.90 23.98 -11.49
C THR A 115 40.71 22.97 -12.31
N GLU A 116 41.43 23.48 -13.31
CA GLU A 116 42.20 22.66 -14.21
C GLU A 116 43.51 22.19 -13.64
N SER A 117 44.01 22.82 -12.57
CA SER A 117 45.18 22.28 -11.84
C SER A 117 45.02 20.76 -11.54
N PHE A 118 43.78 20.31 -11.30
CA PHE A 118 43.51 18.90 -10.97
C PHE A 118 43.24 18.01 -12.18
N ALA A 119 43.23 18.55 -13.41
CA ALA A 119 42.87 17.80 -14.63
C ALA A 119 43.90 16.72 -15.02
N SER A 120 45.15 16.95 -14.61
CA SER A 120 46.23 15.98 -14.74
C SER A 120 45.96 14.60 -14.08
N ASP A 121 44.85 14.44 -13.37
CA ASP A 121 44.32 13.12 -12.94
C ASP A 121 42.81 13.07 -13.23
N PRO A 122 42.41 12.54 -14.40
CA PRO A 122 40.98 12.61 -14.79
C PRO A 122 40.00 11.75 -13.94
N ILE A 123 40.55 10.90 -13.05
CA ILE A 123 39.76 10.09 -12.14
C ILE A 123 39.29 10.98 -10.97
N LEU A 124 40.21 11.77 -10.43
CA LEU A 124 39.91 12.67 -9.31
C LEU A 124 39.52 14.11 -9.71
N TYR A 125 39.66 14.48 -10.99
CA TYR A 125 39.21 15.78 -11.47
C TYR A 125 37.72 15.92 -11.28
N ARG A 126 37.33 17.08 -10.72
CA ARG A 126 35.95 17.45 -10.48
C ARG A 126 35.62 18.67 -11.30
N PRO A 127 34.54 18.65 -12.09
CA PRO A 127 34.17 19.88 -12.79
C PRO A 127 33.77 20.97 -11.79
N VAL A 128 34.06 22.22 -12.12
CA VAL A 128 33.61 23.37 -11.32
C VAL A 128 32.85 24.26 -12.29
N ALA A 129 31.68 24.71 -11.89
CA ALA A 129 30.83 25.55 -12.74
C ALA A 129 31.04 27.02 -12.42
N VAL A 130 30.67 27.89 -13.35
CA VAL A 130 30.70 29.34 -13.12
C VAL A 130 29.28 29.90 -13.26
N ALA A 131 28.90 30.75 -12.32
CA ALA A 131 27.53 31.29 -12.26
C ALA A 131 27.52 32.81 -12.23
N LEU A 132 26.82 33.42 -13.17
CA LEU A 132 26.72 34.86 -13.25
C LEU A 132 25.44 35.28 -12.55
N ASP A 133 25.56 36.15 -11.55
CA ASP A 133 24.43 36.57 -10.73
C ASP A 133 24.12 38.05 -10.96
N THR A 134 22.98 38.32 -11.60
CA THR A 134 22.63 39.68 -12.03
C THR A 134 22.44 40.67 -10.87
N LYS A 135 22.63 41.96 -11.16
CA LYS A 135 22.34 43.04 -10.19
C LYS A 135 20.84 43.09 -9.97
N GLY A 136 20.11 43.19 -11.08
CA GLY A 136 18.66 43.27 -11.09
C GLY A 136 18.17 44.69 -10.88
N PRO A 137 16.86 44.86 -10.65
CA PRO A 137 16.38 46.11 -10.08
C PRO A 137 16.84 46.22 -8.61
N GLU A 138 17.69 47.21 -8.31
CA GLU A 138 18.30 47.32 -6.99
C GLU A 138 18.30 48.77 -6.50
N ILE A 139 17.68 48.93 -5.34
CA ILE A 139 17.81 50.16 -4.59
C ILE A 139 19.06 49.98 -3.70
N ARG A 140 19.96 50.96 -3.74
CA ARG A 140 21.12 51.04 -2.86
C ARG A 140 21.28 52.43 -2.24
N THR A 141 21.94 52.50 -1.08
CA THR A 141 22.23 53.75 -0.39
C THR A 141 23.48 54.42 -0.97
N GLY A 142 23.89 55.56 -0.42
CA GLY A 142 25.12 56.26 -0.83
C GLY A 142 26.27 55.94 0.11
N LEU A 143 27.40 56.62 -0.12
CA LEU A 143 28.61 56.49 0.72
C LEU A 143 28.44 57.23 2.04
N ILE A 144 29.06 56.72 3.09
CA ILE A 144 29.02 57.37 4.41
C ILE A 144 30.01 58.54 4.42
N LYS A 145 29.60 59.62 5.08
CA LYS A 145 30.35 60.91 5.09
C LYS A 145 31.73 60.86 5.78
N GLY A 146 32.72 61.54 5.20
CA GLY A 146 33.97 61.86 5.90
C GLY A 146 35.01 60.76 6.07
N SER A 147 35.85 60.92 7.11
CA SER A 147 37.04 60.08 7.36
C SER A 147 36.72 58.87 8.25
N GLY A 148 37.77 58.11 8.54
CA GLY A 148 37.72 57.00 9.50
C GLY A 148 36.90 55.78 9.03
N THR A 149 36.16 55.21 9.99
CA THR A 149 35.27 54.07 9.72
C THR A 149 34.03 54.51 8.91
N ALA A 150 33.63 53.70 7.92
CA ALA A 150 32.43 53.93 7.12
C ALA A 150 31.17 53.36 7.80
N GLU A 151 30.88 53.85 9.01
CA GLU A 151 29.90 53.27 9.94
C GLU A 151 29.20 54.35 10.79
N VAL A 152 27.91 54.58 10.57
CA VAL A 152 27.11 55.45 11.46
C VAL A 152 26.11 54.60 12.26
N GLU A 153 25.97 54.91 13.55
CA GLU A 153 25.12 54.12 14.46
C GLU A 153 23.71 54.65 14.39
N LEU A 154 22.84 53.99 13.61
CA LEU A 154 21.43 54.41 13.47
C LEU A 154 20.74 53.94 14.72
N LYS A 155 20.23 54.93 15.47
CA LYS A 155 19.80 54.76 16.86
C LYS A 155 18.29 54.50 16.87
N LYS A 156 17.88 53.61 17.77
CA LYS A 156 16.52 53.09 17.78
C LYS A 156 15.50 54.18 18.21
N GLY A 157 14.50 54.42 17.37
CA GLY A 157 13.54 55.49 17.57
C GLY A 157 13.94 56.83 17.00
N ALA A 158 15.18 57.01 16.54
CA ALA A 158 15.67 58.32 16.06
C ALA A 158 15.01 58.78 14.73
N THR A 159 15.54 59.85 14.10
CA THR A 159 15.00 60.38 12.83
C THR A 159 16.05 60.40 11.70
N LEU A 160 15.56 60.11 10.49
CA LEU A 160 16.36 59.91 9.30
C LEU A 160 15.63 60.44 8.05
N LYS A 161 16.22 61.44 7.39
CA LYS A 161 15.72 61.99 6.12
C LYS A 161 16.31 61.12 5.00
N ILE A 162 15.46 60.54 4.15
CA ILE A 162 15.88 59.92 2.88
C ILE A 162 15.73 60.99 1.79
N THR A 163 16.78 61.22 1.01
CA THR A 163 16.81 62.27 -0.02
C THR A 163 17.31 61.72 -1.37
N LEU A 164 16.97 62.42 -2.44
CA LEU A 164 17.43 62.11 -3.79
C LEU A 164 18.43 63.18 -4.35
N ASP A 165 18.75 64.18 -3.51
CA ASP A 165 19.64 65.30 -3.86
C ASP A 165 21.08 64.79 -3.93
N ASN A 166 21.63 64.73 -5.14
CA ASN A 166 22.97 64.14 -5.35
C ASN A 166 24.13 64.88 -4.67
N ALA A 167 23.88 66.06 -4.12
CA ALA A 167 24.79 66.67 -3.15
C ALA A 167 25.09 65.72 -1.96
N TYR A 168 24.07 64.98 -1.50
CA TYR A 168 24.25 64.05 -0.39
C TYR A 168 24.68 62.61 -0.82
N MET A 169 25.02 62.42 -2.11
CA MET A 169 25.28 61.09 -2.69
C MET A 169 26.35 60.28 -1.96
N GLU A 170 27.35 61.01 -1.43
CA GLU A 170 28.43 60.43 -0.58
C GLU A 170 28.51 61.22 0.75
N LYS A 171 27.35 61.56 1.29
CA LYS A 171 27.26 62.23 2.58
C LYS A 171 26.12 61.63 3.40
N CYS A 172 26.17 60.30 3.54
CA CYS A 172 25.19 59.58 4.34
C CYS A 172 25.64 59.59 5.78
N ASP A 173 24.71 59.85 6.71
CA ASP A 173 25.00 59.82 8.15
C ASP A 173 23.70 59.61 8.95
N GLU A 174 23.69 60.03 10.22
CA GLU A 174 22.56 59.79 11.13
C GLU A 174 21.33 60.62 10.76
N ASN A 175 21.59 61.83 10.25
CA ASN A 175 20.54 62.73 9.76
C ASN A 175 20.04 62.30 8.40
N ILE A 176 20.88 62.43 7.36
CA ILE A 176 20.44 62.32 5.96
C ILE A 176 21.09 61.08 5.32
N LEU A 177 20.35 60.48 4.38
CA LEU A 177 20.67 59.23 3.73
C LEU A 177 20.25 59.34 2.27
N TRP A 178 21.21 59.29 1.34
CA TRP A 178 20.93 59.23 -0.10
C TRP A 178 20.65 57.80 -0.55
N LEU A 179 19.80 57.66 -1.57
CA LEU A 179 19.67 56.40 -2.29
C LEU A 179 19.33 56.55 -3.79
N ASP A 180 19.53 55.46 -4.56
CA ASP A 180 19.52 55.54 -6.03
C ASP A 180 18.16 55.41 -6.74
N TYR A 181 17.11 54.98 -6.04
CA TYR A 181 15.78 54.94 -6.64
C TYR A 181 15.20 56.37 -6.76
N LYS A 182 15.14 56.89 -7.98
CA LYS A 182 14.66 58.27 -8.23
C LYS A 182 13.15 58.36 -8.00
N ASN A 183 12.39 57.38 -8.48
CA ASN A 183 10.90 57.34 -8.33
C ASN A 183 10.38 56.88 -6.94
N ILE A 184 11.23 56.87 -5.90
CA ILE A 184 10.85 56.28 -4.59
C ILE A 184 9.65 56.98 -3.94
N CYS A 185 9.54 58.30 -4.10
CA CYS A 185 8.43 59.07 -3.51
C CYS A 185 7.02 58.76 -4.09
N LYS A 186 6.95 58.08 -5.24
CA LYS A 186 5.67 57.75 -5.89
C LYS A 186 5.09 56.42 -5.47
N VAL A 187 5.96 55.43 -5.29
CA VAL A 187 5.50 54.08 -4.94
C VAL A 187 5.26 53.91 -3.43
N VAL A 188 6.00 54.66 -2.60
CA VAL A 188 5.99 54.49 -1.14
C VAL A 188 5.02 55.51 -0.52
N GLU A 189 4.29 55.08 0.53
CA GLU A 189 3.23 55.90 1.20
C GLU A 189 3.58 56.21 2.66
N VAL A 190 2.78 57.07 3.32
CA VAL A 190 3.02 57.35 4.76
C VAL A 190 2.70 56.08 5.55
N GLY A 191 3.52 55.81 6.58
CA GLY A 191 3.42 54.58 7.36
C GLY A 191 4.07 53.34 6.75
N SER A 192 4.76 53.48 5.61
CA SER A 192 5.43 52.36 4.94
C SER A 192 6.77 51.98 5.55
N LYS A 193 7.04 50.68 5.56
CA LYS A 193 8.30 50.13 6.04
C LYS A 193 9.39 50.16 4.94
N ILE A 194 10.61 50.49 5.36
CA ILE A 194 11.82 50.49 4.51
C ILE A 194 12.94 49.79 5.27
N TYR A 195 13.58 48.83 4.61
CA TYR A 195 14.64 47.98 5.18
C TYR A 195 15.98 48.22 4.50
N VAL A 196 17.07 48.08 5.25
CA VAL A 196 18.42 48.44 4.78
C VAL A 196 19.49 47.40 5.20
N ASP A 197 20.32 47.01 4.24
CA ASP A 197 21.46 46.09 4.43
C ASP A 197 21.01 44.69 4.81
N ASP A 198 20.39 44.01 3.84
CA ASP A 198 19.81 42.68 4.04
C ASP A 198 18.90 42.72 5.28
N GLY A 199 18.13 43.82 5.37
CA GLY A 199 17.18 44.02 6.46
C GLY A 199 17.67 44.18 7.89
N LEU A 200 18.94 44.56 8.10
CA LEU A 200 19.43 44.75 9.47
C LEU A 200 18.76 45.96 10.17
N ILE A 201 18.46 46.98 9.37
CA ILE A 201 17.92 48.24 9.84
C ILE A 201 16.53 48.36 9.24
N SER A 202 15.57 48.90 10.00
CA SER A 202 14.22 49.19 9.47
C SER A 202 13.79 50.60 9.82
N LEU A 203 12.96 51.18 8.95
CA LEU A 203 12.47 52.57 9.07
C LEU A 203 10.96 52.64 8.73
N GLN A 204 10.30 53.68 9.21
CA GLN A 204 8.90 53.91 8.90
C GLN A 204 8.74 55.32 8.39
N VAL A 205 8.08 55.44 7.24
CA VAL A 205 7.84 56.72 6.57
C VAL A 205 6.81 57.51 7.38
N LYS A 206 7.20 58.70 7.83
CA LYS A 206 6.39 59.58 8.65
C LYS A 206 5.77 60.74 7.84
N GLN A 207 6.56 61.38 6.99
CA GLN A 207 6.11 62.47 6.09
C GLN A 207 6.68 62.25 4.66
N LYS A 208 5.89 62.54 3.62
CA LYS A 208 6.38 62.44 2.22
C LYS A 208 6.93 63.78 1.71
N GLY A 209 7.51 63.78 0.52
CA GLY A 209 7.98 65.01 -0.13
C GLY A 209 8.24 64.83 -1.60
N ALA A 210 8.89 65.82 -2.23
CA ALA A 210 9.33 65.70 -3.64
C ALA A 210 10.61 64.82 -3.77
N ASP A 211 11.63 65.21 -3.01
CA ASP A 211 12.89 64.47 -2.88
C ASP A 211 12.98 63.83 -1.47
N PHE A 212 12.83 64.65 -0.40
CA PHE A 212 12.87 64.15 0.99
C PHE A 212 11.78 63.14 1.34
N LEU A 213 12.12 62.22 2.23
CA LEU A 213 11.14 61.35 2.91
C LEU A 213 11.63 61.23 4.35
N VAL A 214 10.78 61.61 5.30
CA VAL A 214 11.15 61.69 6.71
C VAL A 214 10.70 60.39 7.36
N THR A 215 11.63 59.65 7.97
CA THR A 215 11.33 58.33 8.53
C THR A 215 11.78 58.23 9.97
N GLU A 216 11.23 57.26 10.70
CA GLU A 216 11.61 56.99 12.09
C GLU A 216 12.26 55.61 12.17
N VAL A 217 13.47 55.55 12.71
CA VAL A 217 14.30 54.34 12.71
C VAL A 217 13.80 53.30 13.71
N GLU A 218 13.08 52.28 13.26
CA GLU A 218 12.49 51.27 14.16
C GLU A 218 13.48 50.22 14.71
N ASN A 219 14.36 49.72 13.84
CA ASN A 219 15.44 48.78 14.22
C ASN A 219 16.81 49.44 14.01
N GLY A 220 17.70 49.28 14.98
CA GLY A 220 19.01 49.90 14.96
C GLY A 220 20.06 49.01 14.32
N GLY A 221 21.25 49.56 14.18
CA GLY A 221 22.38 48.86 13.56
C GLY A 221 23.39 49.85 13.00
N SER A 222 24.42 49.30 12.36
CA SER A 222 25.47 50.10 11.77
C SER A 222 25.24 50.24 10.29
N LEU A 223 24.87 51.44 9.86
CA LEU A 223 24.68 51.72 8.46
C LEU A 223 26.05 51.91 7.79
N GLY A 224 26.37 50.98 6.89
CA GLY A 224 27.56 51.09 6.05
C GLY A 224 27.32 51.80 4.72
N SER A 225 28.39 51.87 3.92
CA SER A 225 28.33 52.48 2.59
C SER A 225 27.64 51.54 1.60
N LYS A 226 27.02 52.15 0.58
CA LYS A 226 26.24 51.48 -0.49
C LYS A 226 25.60 50.11 -0.15
N LYS A 227 24.50 50.11 0.63
CA LYS A 227 23.82 48.89 1.07
C LYS A 227 22.45 48.69 0.38
N GLY A 228 21.86 47.49 0.48
CA GLY A 228 20.64 47.12 -0.27
C GLY A 228 19.32 47.44 0.46
N VAL A 229 18.38 48.04 -0.28
CA VAL A 229 17.20 48.72 0.29
C VAL A 229 15.87 48.15 -0.24
N ASN A 230 15.16 47.34 0.56
CA ASN A 230 13.87 46.69 0.12
C ASN A 230 12.62 47.51 0.59
N LEU A 231 11.57 47.45 -0.22
CA LEU A 231 10.34 48.21 -0.02
C LEU A 231 9.16 47.27 -0.10
N PRO A 232 8.92 46.47 0.98
CA PRO A 232 7.85 45.46 0.96
C PRO A 232 6.49 46.04 0.64
N GLY A 233 5.77 45.43 -0.30
CA GLY A 233 4.47 45.96 -0.73
C GLY A 233 4.54 47.36 -1.34
N ALA A 234 5.69 47.70 -1.94
CA ALA A 234 5.77 48.79 -2.90
C ALA A 234 5.72 48.10 -4.26
N ALA A 235 5.35 48.86 -5.28
CA ALA A 235 5.39 48.40 -6.68
C ALA A 235 6.58 49.10 -7.33
N VAL A 236 7.75 48.48 -7.25
CA VAL A 236 8.97 49.12 -7.74
C VAL A 236 8.96 49.13 -9.28
N ASP A 237 8.85 50.33 -9.87
CA ASP A 237 8.65 50.49 -11.32
C ASP A 237 9.87 50.22 -12.20
N LEU A 238 10.97 49.73 -11.60
CA LEU A 238 12.23 49.40 -12.31
C LEU A 238 11.98 48.21 -13.26
N PRO A 239 12.84 48.04 -14.29
CA PRO A 239 12.60 46.98 -15.29
C PRO A 239 13.01 45.59 -14.80
N ALA A 240 12.81 44.56 -15.63
CA ALA A 240 13.28 43.19 -15.32
C ALA A 240 14.74 42.99 -15.64
N VAL A 241 15.13 43.60 -16.77
CA VAL A 241 16.49 43.60 -17.27
C VAL A 241 16.89 45.05 -17.53
N SER A 242 17.68 45.61 -16.61
CA SER A 242 18.19 46.97 -16.72
C SER A 242 19.25 47.03 -17.81
N GLU A 243 19.48 48.24 -18.32
CA GLU A 243 20.53 48.48 -19.33
C GLU A 243 21.85 47.81 -18.91
N LYS A 244 22.16 47.84 -17.60
CA LYS A 244 23.35 47.17 -17.05
C LYS A 244 23.27 45.66 -17.20
N ASP A 245 22.15 45.09 -16.77
CA ASP A 245 21.97 43.64 -16.81
C ASP A 245 22.11 43.09 -18.25
N ILE A 246 21.65 43.86 -19.23
CA ILE A 246 21.80 43.47 -20.61
C ILE A 246 23.28 43.36 -20.95
N GLN A 247 24.09 44.32 -20.49
CA GLN A 247 25.54 44.22 -20.70
C GLN A 247 26.11 43.04 -19.93
N ASP A 248 25.74 42.90 -18.65
CA ASP A 248 26.30 41.84 -17.82
C ASP A 248 26.00 40.44 -18.40
N LEU A 249 24.78 40.24 -18.92
CA LEU A 249 24.40 38.95 -19.51
C LEU A 249 25.15 38.62 -20.82
N LYS A 250 25.41 39.63 -21.64
CA LYS A 250 26.17 39.48 -22.89
C LYS A 250 27.62 39.10 -22.59
N PHE A 251 28.16 39.70 -21.52
CA PHE A 251 29.47 39.36 -20.99
C PHE A 251 29.49 37.93 -20.47
N GLY A 252 28.39 37.52 -19.85
CA GLY A 252 28.23 36.12 -19.43
C GLY A 252 28.39 35.17 -20.60
N VAL A 253 27.66 35.44 -21.68
CA VAL A 253 27.74 34.61 -22.87
C VAL A 253 29.19 34.60 -23.38
N GLU A 254 29.75 35.79 -23.56
CA GLU A 254 31.16 35.96 -23.94
C GLU A 254 32.12 35.11 -23.10
N GLN A 255 31.94 35.13 -21.78
CA GLN A 255 32.85 34.41 -20.88
C GLN A 255 32.51 32.91 -20.72
N ASP A 256 31.45 32.42 -21.38
CA ASP A 256 31.10 30.99 -21.36
C ASP A 256 30.68 30.49 -19.96
N VAL A 257 29.84 31.28 -19.32
CA VAL A 257 29.26 30.86 -18.05
C VAL A 257 28.27 29.70 -18.26
N ASP A 258 28.01 28.96 -17.18
CA ASP A 258 27.16 27.79 -17.21
C ASP A 258 25.73 28.09 -16.77
N MET A 259 25.56 29.17 -16.02
CA MET A 259 24.28 29.49 -15.42
C MET A 259 24.16 30.94 -14.97
N VAL A 260 22.95 31.48 -15.11
CA VAL A 260 22.59 32.81 -14.66
C VAL A 260 21.62 32.73 -13.47
N PHE A 261 21.97 33.41 -12.37
CA PHE A 261 21.09 33.57 -11.22
C PHE A 261 20.38 34.90 -11.38
N ALA A 262 19.18 34.87 -11.93
CA ALA A 262 18.43 36.08 -12.29
C ALA A 262 17.70 36.65 -11.09
N SER A 263 18.02 37.88 -10.73
CA SER A 263 17.54 38.48 -9.48
C SER A 263 16.16 39.14 -9.62
N PHE A 264 15.44 39.24 -8.48
CA PHE A 264 14.14 39.90 -8.38
C PHE A 264 13.18 39.50 -9.52
N ILE A 265 13.00 38.18 -9.67
CA ILE A 265 12.11 37.65 -10.68
C ILE A 265 10.72 37.73 -10.10
N ARG A 266 9.87 38.45 -10.81
CA ARG A 266 8.52 38.74 -10.37
C ARG A 266 7.49 37.91 -11.14
N LYS A 267 7.71 37.68 -12.42
CA LYS A 267 6.73 36.98 -13.25
C LYS A 267 7.40 36.21 -14.36
N ALA A 268 6.64 35.44 -15.13
CA ALA A 268 7.25 34.60 -16.19
C ALA A 268 7.89 35.42 -17.28
N SER A 269 7.22 36.50 -17.68
CA SER A 269 7.73 37.39 -18.73
C SER A 269 9.09 38.03 -18.40
N ASP A 270 9.40 38.17 -17.10
CA ASP A 270 10.74 38.56 -16.64
C ASP A 270 11.79 37.51 -16.99
N VAL A 271 11.44 36.24 -16.89
CA VAL A 271 12.37 35.16 -17.20
C VAL A 271 12.62 35.14 -18.69
N HIS A 272 11.56 35.26 -19.48
CA HIS A 272 11.68 35.21 -20.94
C HIS A 272 12.52 36.36 -21.51
N GLU A 273 12.45 37.55 -20.89
CA GLU A 273 13.37 38.65 -21.22
C GLU A 273 14.84 38.29 -20.91
N VAL A 274 15.10 37.56 -19.84
CA VAL A 274 16.48 37.13 -19.56
C VAL A 274 16.92 36.14 -20.63
N ARG A 275 16.00 35.25 -21.05
CA ARG A 275 16.27 34.26 -22.09
C ARG A 275 16.64 34.91 -23.41
N LYS A 276 15.86 35.90 -23.80
CA LYS A 276 16.06 36.60 -25.08
C LYS A 276 17.43 37.28 -25.14
N VAL A 277 17.84 37.92 -24.05
CA VAL A 277 19.12 38.59 -24.00
C VAL A 277 20.25 37.57 -24.15
N LEU A 278 20.18 36.46 -23.42
CA LEU A 278 21.16 35.38 -23.60
C LEU A 278 21.08 34.82 -25.02
N GLY A 279 19.87 34.77 -25.55
CA GLY A 279 19.64 34.55 -26.97
C GLY A 279 20.11 33.21 -27.49
N GLU A 280 20.28 33.16 -28.80
CA GLU A 280 20.73 31.99 -29.51
C GLU A 280 22.07 31.42 -29.02
N LYS A 281 23.07 32.28 -28.87
CA LYS A 281 24.44 31.83 -28.57
C LYS A 281 24.55 31.22 -27.18
N GLY A 282 23.77 31.77 -26.24
CA GLY A 282 23.77 31.31 -24.85
C GLY A 282 22.48 30.59 -24.50
N LYS A 283 21.95 29.80 -25.43
CA LYS A 283 20.69 29.11 -25.25
C LYS A 283 20.80 27.90 -24.32
N ASN A 284 22.02 27.36 -24.13
CA ASN A 284 22.22 26.24 -23.22
C ASN A 284 22.72 26.68 -21.86
N ILE A 285 22.74 28.00 -21.60
CA ILE A 285 23.00 28.53 -20.27
C ILE A 285 21.72 28.40 -19.48
N LYS A 286 21.84 27.88 -18.26
CA LYS A 286 20.69 27.60 -17.40
C LYS A 286 20.26 28.87 -16.67
N ILE A 287 18.97 29.18 -16.66
CA ILE A 287 18.46 30.32 -15.92
C ILE A 287 17.83 29.86 -14.60
N ILE A 288 18.44 30.27 -13.50
CA ILE A 288 17.88 30.07 -12.18
C ILE A 288 17.22 31.37 -11.79
N SER A 289 15.90 31.35 -11.65
CA SER A 289 15.17 32.51 -11.14
C SER A 289 15.29 32.58 -9.63
N LYS A 290 15.56 33.77 -9.12
CA LYS A 290 15.59 34.00 -7.70
C LYS A 290 14.25 34.56 -7.25
N ILE A 291 13.67 33.93 -6.24
CA ILE A 291 12.43 34.41 -5.63
C ILE A 291 12.84 35.26 -4.44
N GLU A 292 12.62 36.56 -4.53
CA GLU A 292 13.09 37.50 -3.48
C GLU A 292 12.00 38.41 -2.88
N ASN A 293 10.73 38.27 -3.28
CA ASN A 293 9.69 39.23 -2.85
C ASN A 293 8.31 38.57 -2.87
N HIS A 294 7.23 39.30 -2.58
CA HIS A 294 5.92 38.67 -2.50
C HIS A 294 5.41 38.27 -3.87
N GLU A 295 5.44 39.20 -4.83
CA GLU A 295 4.96 38.86 -6.19
C GLU A 295 5.63 37.57 -6.66
N GLY A 296 6.93 37.43 -6.40
CA GLY A 296 7.67 36.22 -6.69
C GLY A 296 6.99 34.94 -6.19
N VAL A 297 6.55 34.96 -4.94
CA VAL A 297 5.98 33.75 -4.33
C VAL A 297 4.58 33.47 -4.87
N ARG A 298 3.84 34.55 -5.12
CA ARG A 298 2.44 34.42 -5.53
C ARG A 298 2.37 33.81 -6.93
N ARG A 299 3.22 34.33 -7.80
CA ARG A 299 3.32 33.89 -9.19
C ARG A 299 4.35 32.78 -9.43
N PHE A 300 4.66 32.01 -8.40
CA PHE A 300 5.76 31.04 -8.46
C PHE A 300 5.60 30.01 -9.57
N ASP A 301 4.41 29.47 -9.74
CA ASP A 301 4.20 28.38 -10.71
C ASP A 301 4.56 28.79 -12.12
N GLU A 302 4.22 30.01 -12.52
CA GLU A 302 4.62 30.48 -13.85
C GLU A 302 6.14 30.71 -13.98
N ILE A 303 6.75 31.19 -12.91
CA ILE A 303 8.18 31.39 -12.87
C ILE A 303 8.92 30.06 -12.97
N LEU A 304 8.44 29.03 -12.26
CA LEU A 304 9.06 27.71 -12.32
C LEU A 304 8.93 27.10 -13.70
N GLU A 305 7.73 27.15 -14.27
CA GLU A 305 7.49 26.59 -15.61
C GLU A 305 8.33 27.29 -16.69
N ALA A 306 8.73 28.54 -16.46
CA ALA A 306 9.56 29.31 -17.39
C ALA A 306 11.07 29.19 -17.17
N SER A 307 11.48 28.85 -15.94
CA SER A 307 12.90 28.84 -15.58
C SER A 307 13.48 27.44 -15.66
N ASP A 308 14.80 27.36 -15.71
CA ASP A 308 15.51 26.09 -15.64
C ASP A 308 15.59 25.62 -14.22
N GLY A 309 15.70 26.56 -13.28
CA GLY A 309 15.67 26.23 -11.84
C GLY A 309 15.30 27.42 -10.98
N ILE A 310 15.31 27.21 -9.67
CA ILE A 310 14.84 28.22 -8.73
C ILE A 310 15.88 28.40 -7.63
N MET A 311 16.03 29.64 -7.17
CA MET A 311 16.76 29.96 -5.95
C MET A 311 15.80 30.66 -5.00
N VAL A 312 15.81 30.21 -3.74
CA VAL A 312 14.94 30.71 -2.68
C VAL A 312 15.83 31.53 -1.78
N ALA A 313 15.67 32.85 -1.85
CA ALA A 313 16.40 33.78 -1.00
C ALA A 313 15.61 34.03 0.29
N ARG A 314 15.96 33.30 1.34
CA ARG A 314 15.16 33.26 2.57
C ARG A 314 15.10 34.61 3.30
N GLY A 315 16.24 35.30 3.36
CA GLY A 315 16.30 36.59 4.05
C GLY A 315 15.49 37.69 3.39
N ASP A 316 15.51 37.71 2.04
CA ASP A 316 14.76 38.69 1.25
C ASP A 316 13.25 38.48 1.40
N LEU A 317 12.84 37.22 1.40
CA LEU A 317 11.46 36.82 1.68
C LEU A 317 11.08 37.19 3.10
N GLY A 318 11.97 36.86 4.05
CA GLY A 318 11.86 37.25 5.46
C GLY A 318 11.53 38.71 5.71
N ILE A 319 11.92 39.60 4.80
CA ILE A 319 11.49 40.99 4.80
C ILE A 319 10.12 41.15 4.11
N GLU A 320 10.01 40.76 2.84
CA GLU A 320 8.74 40.96 2.07
C GLU A 320 7.51 40.17 2.58
N ILE A 321 7.73 39.08 3.32
CA ILE A 321 6.67 38.19 3.84
C ILE A 321 6.78 38.16 5.38
N PRO A 322 5.69 37.85 6.10
CA PRO A 322 5.81 37.57 7.54
C PRO A 322 6.87 36.50 7.87
N ALA A 323 7.88 36.84 8.66
CA ALA A 323 8.92 35.88 9.11
C ALA A 323 8.43 34.46 9.47
N GLU A 324 7.41 34.36 10.31
CA GLU A 324 6.85 33.05 10.69
C GLU A 324 6.35 32.15 9.54
N LYS A 325 6.18 32.69 8.33
CA LYS A 325 5.64 31.94 7.20
C LYS A 325 6.67 31.51 6.19
N VAL A 326 7.89 32.03 6.28
CA VAL A 326 8.92 31.77 5.27
C VAL A 326 9.28 30.30 5.20
N PHE A 327 9.36 29.63 6.34
CA PHE A 327 9.65 28.17 6.37
C PHE A 327 8.65 27.34 5.56
N LEU A 328 7.39 27.76 5.49
CA LEU A 328 6.40 27.10 4.61
C LEU A 328 6.65 27.43 3.17
N ALA A 329 7.02 28.67 2.90
CA ALA A 329 7.37 29.09 1.55
C ALA A 329 8.52 28.24 1.03
N GLN A 330 9.56 28.11 1.85
CA GLN A 330 10.71 27.30 1.52
C GLN A 330 10.32 25.86 1.23
N LYS A 331 9.46 25.27 2.05
CA LYS A 331 9.07 23.88 1.88
C LYS A 331 8.18 23.69 0.68
N MET A 332 7.36 24.69 0.38
CA MET A 332 6.51 24.66 -0.79
C MET A 332 7.30 24.74 -2.08
N MET A 333 8.19 25.72 -2.14
CA MET A 333 8.95 25.98 -3.36
C MET A 333 9.92 24.84 -3.64
N ILE A 334 10.59 24.35 -2.60
CA ILE A 334 11.49 23.22 -2.75
C ILE A 334 10.70 21.99 -3.16
N GLY A 335 9.53 21.81 -2.57
CA GLY A 335 8.66 20.70 -2.91
C GLY A 335 8.24 20.72 -4.36
N ARG A 336 7.74 21.85 -4.82
CA ARG A 336 7.25 21.97 -6.21
C ARG A 336 8.34 21.71 -7.21
N CYS A 337 9.55 22.22 -6.89
CA CYS A 337 10.73 22.02 -7.73
C CYS A 337 11.13 20.54 -7.79
N ASN A 338 11.12 19.84 -6.66
CA ASN A 338 11.37 18.39 -6.64
C ASN A 338 10.42 17.61 -7.55
N ARG A 339 9.17 18.05 -7.58
CA ARG A 339 8.10 17.38 -8.33
C ARG A 339 8.22 17.67 -9.80
N ALA A 340 8.57 18.90 -10.13
CA ALA A 340 8.80 19.30 -11.52
C ALA A 340 10.13 18.80 -12.05
N GLY A 341 11.02 18.39 -11.14
CA GLY A 341 12.31 17.86 -11.48
C GLY A 341 13.27 18.91 -11.98
N LYS A 342 13.08 20.15 -11.53
CA LYS A 342 14.00 21.22 -11.82
C LYS A 342 14.75 21.48 -10.54
N PRO A 343 16.00 21.95 -10.63
CA PRO A 343 16.78 22.09 -9.40
C PRO A 343 16.45 23.36 -8.62
N VAL A 344 16.67 23.29 -7.31
CA VAL A 344 16.38 24.40 -6.43
C VAL A 344 17.53 24.63 -5.45
N ILE A 345 17.84 25.90 -5.24
CA ILE A 345 18.98 26.31 -4.44
C ILE A 345 18.49 27.09 -3.21
N CYS A 346 19.12 26.91 -2.06
CA CYS A 346 18.81 27.72 -0.90
C CYS A 346 19.91 28.69 -0.67
N ALA A 347 19.56 29.96 -0.59
CA ALA A 347 20.51 31.04 -0.51
C ALA A 347 20.21 31.96 0.66
N THR A 348 21.25 32.61 1.15
CA THR A 348 21.19 33.64 2.21
C THR A 348 21.04 33.01 3.59
N GLN A 349 21.63 33.66 4.59
CA GLN A 349 21.49 33.26 5.99
C GLN A 349 21.86 31.80 6.27
N MET A 350 22.89 31.29 5.60
CA MET A 350 23.33 29.93 5.87
C MET A 350 24.31 29.95 7.03
N LEU A 351 25.57 30.30 6.77
CA LEU A 351 26.62 30.32 7.79
C LEU A 351 27.22 31.75 7.99
N GLU A 352 26.36 32.78 8.00
CA GLU A 352 26.82 34.20 8.03
C GLU A 352 27.73 34.55 9.24
N SER A 353 27.59 33.82 10.36
CA SER A 353 28.48 34.02 11.52
C SER A 353 29.97 33.69 11.22
N MET A 354 30.23 32.90 10.17
CA MET A 354 31.61 32.55 9.74
C MET A 354 32.32 33.61 8.90
N ILE A 355 31.65 34.75 8.69
CA ILE A 355 32.33 35.93 8.20
C ILE A 355 33.43 36.27 9.20
N LYS A 356 33.11 36.25 10.49
CA LYS A 356 34.09 36.60 11.55
C LYS A 356 34.62 35.41 12.36
N LYS A 357 33.94 34.27 12.35
CA LYS A 357 34.28 33.16 13.23
C LYS A 357 34.67 31.90 12.45
N PRO A 358 35.54 31.06 13.02
CA PRO A 358 36.00 29.84 12.33
C PRO A 358 35.02 28.67 12.33
N ARG A 359 33.91 28.80 13.06
CA ARG A 359 32.90 27.75 13.23
C ARG A 359 31.52 28.41 13.33
N PRO A 360 30.47 27.75 12.81
CA PRO A 360 29.13 28.32 12.87
C PRO A 360 28.47 28.15 14.22
N THR A 361 27.28 28.74 14.35
CA THR A 361 26.40 28.53 15.52
C THR A 361 25.67 27.21 15.40
N ARG A 362 25.12 26.76 16.50
CA ARG A 362 24.22 25.58 16.52
C ARG A 362 23.04 25.79 15.60
N ALA A 363 22.42 26.95 15.68
CA ALA A 363 21.19 27.28 14.94
C ALA A 363 21.37 27.41 13.44
N GLU A 364 22.53 27.90 13.01
CA GLU A 364 22.89 27.96 11.58
C GLU A 364 23.03 26.57 11.02
N GLY A 365 23.66 25.68 11.78
CA GLY A 365 23.83 24.28 11.38
C GLY A 365 22.53 23.53 11.22
N SER A 366 21.60 23.78 12.13
CA SER A 366 20.26 23.25 12.03
C SER A 366 19.52 23.83 10.83
N ASP A 367 19.62 25.14 10.64
CA ASP A 367 18.95 25.80 9.53
C ASP A 367 19.35 25.26 8.16
N VAL A 368 20.65 25.01 7.98
CA VAL A 368 21.19 24.49 6.73
C VAL A 368 20.73 23.08 6.52
N ALA A 369 20.86 22.28 7.57
CA ALA A 369 20.56 20.88 7.49
C ALA A 369 19.09 20.67 7.15
N ASN A 370 18.20 21.45 7.78
CA ASN A 370 16.75 21.31 7.49
C ASN A 370 16.44 21.74 6.06
N ALA A 371 17.19 22.70 5.51
CA ALA A 371 17.06 23.05 4.09
C ALA A 371 17.46 21.91 3.15
N VAL A 372 18.49 21.14 3.52
CA VAL A 372 18.86 19.95 2.77
C VAL A 372 17.75 18.88 2.84
N LEU A 373 17.18 18.65 4.03
CA LEU A 373 16.13 17.64 4.19
C LEU A 373 14.84 18.07 3.53
N ASP A 374 14.52 19.37 3.61
CA ASP A 374 13.39 19.93 2.87
C ASP A 374 13.38 19.40 1.45
N GLY A 375 14.58 19.25 0.89
CA GLY A 375 14.78 18.66 -0.44
C GLY A 375 15.50 19.56 -1.42
N ALA A 376 16.33 20.49 -0.93
CA ALA A 376 17.12 21.34 -1.78
C ALA A 376 18.15 20.49 -2.52
N ASP A 377 18.55 21.01 -3.68
CA ASP A 377 19.56 20.38 -4.50
C ASP A 377 20.93 20.98 -4.19
N CYS A 378 21.01 22.31 -4.02
CA CYS A 378 22.26 22.97 -3.65
C CYS A 378 22.05 23.97 -2.50
N ILE A 379 23.12 24.20 -1.75
CA ILE A 379 23.19 25.25 -0.73
C ILE A 379 24.13 26.33 -1.24
N MET A 380 23.83 27.60 -0.99
CA MET A 380 24.69 28.69 -1.46
C MET A 380 25.18 29.56 -0.32
N LEU A 381 26.50 29.65 -0.22
CA LEU A 381 27.17 30.54 0.71
C LEU A 381 27.39 31.91 0.00
N SER A 382 27.21 32.99 0.78
CA SER A 382 27.36 34.36 0.30
C SER A 382 28.61 35.03 0.96
N GLY A 383 28.45 36.02 1.84
CA GLY A 383 29.59 36.67 2.49
C GLY A 383 30.60 35.75 3.15
N GLU A 384 30.13 34.63 3.70
CA GLU A 384 30.94 33.57 4.34
C GLU A 384 32.25 33.28 3.59
N THR A 385 32.11 33.11 2.26
CA THR A 385 33.20 32.84 1.30
C THR A 385 33.66 34.05 0.47
N ALA A 386 32.75 34.96 0.16
CA ALA A 386 33.07 36.11 -0.69
C ALA A 386 34.10 37.05 -0.07
N LYS A 387 33.78 37.57 1.12
CA LYS A 387 34.62 38.57 1.82
C LYS A 387 35.10 38.20 3.22
N GLY A 388 34.50 37.20 3.85
CA GLY A 388 34.84 36.82 5.22
C GLY A 388 36.26 36.40 5.55
N ASP A 389 36.55 36.39 6.83
CA ASP A 389 37.86 36.06 7.37
C ASP A 389 38.16 34.57 7.33
N TYR A 390 37.16 33.71 7.12
CA TYR A 390 37.40 32.25 7.06
C TYR A 390 36.68 31.56 5.88
N PRO A 391 37.09 31.91 4.64
CA PRO A 391 36.40 31.37 3.45
C PRO A 391 36.60 29.88 3.28
N LEU A 392 37.79 29.39 3.61
CA LEU A 392 38.05 27.98 3.44
C LEU A 392 37.29 27.15 4.47
N GLU A 393 37.17 27.62 5.71
CA GLU A 393 36.51 26.83 6.76
C GLU A 393 34.98 26.80 6.59
N ALA A 394 34.45 27.85 5.96
CA ALA A 394 33.05 27.93 5.57
C ALA A 394 32.68 26.87 4.57
N VAL A 395 33.56 26.63 3.61
CA VAL A 395 33.32 25.56 2.63
C VAL A 395 33.36 24.20 3.31
N ARG A 396 34.27 24.01 4.26
CA ARG A 396 34.42 22.71 4.89
C ARG A 396 33.29 22.35 5.83
N MET A 397 32.75 23.35 6.52
CA MET A 397 31.58 23.18 7.39
C MET A 397 30.31 22.92 6.59
N GLN A 398 30.12 23.69 5.53
CA GLN A 398 28.99 23.47 4.63
C GLN A 398 29.01 22.05 4.07
N HIS A 399 30.19 21.49 3.83
CA HIS A 399 30.31 20.08 3.48
C HIS A 399 29.98 19.18 4.67
N LEU A 400 30.54 19.48 5.84
CA LEU A 400 30.26 18.73 7.09
C LEU A 400 28.77 18.64 7.43
N ILE A 401 28.07 19.77 7.30
CA ILE A 401 26.67 19.83 7.61
C ILE A 401 25.91 19.02 6.58
N ALA A 402 26.12 19.32 5.31
CA ALA A 402 25.43 18.60 4.25
C ALA A 402 25.71 17.11 4.26
N ARG A 403 26.85 16.71 4.81
CA ARG A 403 27.22 15.29 4.98
C ARG A 403 26.33 14.67 6.06
N GLU A 404 26.17 15.37 7.18
CA GLU A 404 25.38 14.86 8.31
C GLU A 404 23.90 14.76 7.97
N ALA A 405 23.41 15.73 7.21
CA ALA A 405 22.01 15.74 6.82
C ALA A 405 21.63 14.51 6.06
N GLU A 406 22.55 13.93 5.28
CA GLU A 406 22.20 12.72 4.52
C GLU A 406 21.91 11.52 5.42
N ALA A 407 22.48 11.47 6.62
CA ALA A 407 22.10 10.45 7.61
C ALA A 407 20.61 10.53 7.95
N ALA A 408 20.12 11.75 8.12
CA ALA A 408 18.72 12.00 8.45
C ALA A 408 17.76 11.78 7.30
N ILE A 409 18.25 11.76 6.06
CA ILE A 409 17.35 11.61 4.90
C ILE A 409 16.87 10.17 4.78
N TYR A 410 15.55 10.04 4.61
CA TYR A 410 14.87 8.77 4.41
C TYR A 410 14.43 8.65 2.94
N HIS A 411 15.23 7.90 2.17
CA HIS A 411 15.22 7.96 0.70
C HIS A 411 14.03 7.21 0.08
N LEU A 412 13.69 6.04 0.64
CA LEU A 412 12.66 5.18 0.06
C LEU A 412 11.28 5.86 -0.06
N GLN A 413 10.97 6.73 0.89
CA GLN A 413 9.72 7.53 0.89
C GLN A 413 9.73 8.60 -0.20
N LEU A 414 10.83 9.36 -0.30
CA LEU A 414 11.01 10.37 -1.36
C LEU A 414 10.73 9.78 -2.75
N PHE A 415 11.32 8.62 -3.04
CA PHE A 415 11.16 7.93 -4.34
C PHE A 415 9.74 7.41 -4.60
N GLU A 416 9.18 6.68 -3.64
CA GLU A 416 7.83 6.10 -3.78
C GLU A 416 6.76 7.17 -3.98
N GLU A 417 6.91 8.29 -3.26
CA GLU A 417 6.03 9.45 -3.44
C GLU A 417 6.19 10.09 -4.80
N LEU A 418 7.45 10.30 -5.20
CA LEU A 418 7.77 10.90 -6.51
C LEU A 418 7.35 10.02 -7.68
N ARG A 419 7.39 8.70 -7.51
CA ARG A 419 6.90 7.74 -8.52
C ARG A 419 5.37 7.80 -8.66
N ARG A 420 4.66 7.78 -7.53
CA ARG A 420 3.20 7.87 -7.53
C ARG A 420 2.64 9.19 -8.09
N LEU A 421 3.30 10.32 -7.80
CA LEU A 421 2.92 11.65 -8.37
C LEU A 421 3.38 11.88 -9.82
N ALA A 422 4.29 11.05 -10.34
CA ALA A 422 4.79 11.19 -11.71
C ALA A 422 3.71 10.87 -12.71
N PRO A 423 3.50 11.75 -13.72
CA PRO A 423 2.46 11.49 -14.73
C PRO A 423 2.82 10.30 -15.61
N ILE A 424 1.94 9.28 -15.66
CA ILE A 424 2.29 7.96 -16.27
C ILE A 424 2.47 8.00 -17.80
N THR A 425 3.59 8.60 -18.24
CA THR A 425 4.06 8.52 -19.62
C THR A 425 4.63 7.12 -19.88
N SER A 426 4.56 6.68 -21.13
CA SER A 426 5.37 5.56 -21.62
C SER A 426 6.41 6.07 -22.64
N ASP A 427 6.84 7.33 -22.49
CA ASP A 427 8.11 7.81 -23.06
C ASP A 427 9.27 6.93 -22.54
N PRO A 428 9.99 6.23 -23.44
CA PRO A 428 10.98 5.24 -23.02
C PRO A 428 12.03 5.70 -22.01
N THR A 429 12.45 6.94 -22.08
CA THR A 429 13.51 7.45 -21.18
C THR A 429 13.03 7.56 -19.72
N GLU A 430 11.84 8.12 -19.53
CA GLU A 430 11.23 8.25 -18.18
C GLU A 430 10.97 6.86 -17.60
N ALA A 431 10.47 5.96 -18.43
CA ALA A 431 10.20 4.56 -18.05
C ALA A 431 11.45 3.85 -17.56
N THR A 432 12.54 4.04 -18.30
CA THR A 432 13.83 3.49 -17.92
C THR A 432 14.44 4.17 -16.67
N ALA A 433 14.31 5.49 -16.57
CA ALA A 433 14.82 6.22 -15.39
C ALA A 433 14.18 5.72 -14.09
N VAL A 434 12.86 5.53 -14.13
CA VAL A 434 12.13 4.95 -13.00
C VAL A 434 12.67 3.57 -12.62
N GLY A 435 12.66 2.63 -13.56
CA GLY A 435 13.16 1.28 -13.32
C GLY A 435 14.58 1.22 -12.76
N ALA A 436 15.41 2.16 -13.21
CA ALA A 436 16.80 2.28 -12.76
C ALA A 436 16.87 2.63 -11.31
N VAL A 437 16.06 3.61 -10.90
CA VAL A 437 16.02 4.00 -9.49
C VAL A 437 15.42 2.86 -8.67
N GLU A 438 14.32 2.29 -9.16
CA GLU A 438 13.66 1.15 -8.51
C GLU A 438 14.66 0.03 -8.26
N ALA A 439 15.39 -0.36 -9.31
CA ALA A 439 16.44 -1.36 -9.22
C ALA A 439 17.58 -0.96 -8.28
N SER A 440 17.88 0.34 -8.20
CA SER A 440 18.95 0.84 -7.34
C SER A 440 18.74 0.58 -5.86
N PHE A 441 17.49 0.50 -5.43
CA PHE A 441 17.17 0.11 -4.06
C PHE A 441 17.23 -1.42 -3.89
N LYS A 442 16.63 -2.15 -4.84
CA LYS A 442 16.58 -3.60 -4.75
C LYS A 442 17.96 -4.29 -4.82
N CYS A 443 18.61 -4.34 -5.99
CA CYS A 443 19.94 -5.01 -6.13
C CYS A 443 21.07 -4.14 -5.50
N CYS A 444 20.92 -3.96 -4.15
CA CYS A 444 21.45 -2.87 -3.21
C CYS A 444 22.47 -1.80 -3.71
N SER A 445 22.15 -1.19 -4.85
CA SER A 445 23.14 -0.74 -5.80
C SER A 445 24.05 0.36 -5.28
N GLY A 446 25.30 0.26 -5.70
CA GLY A 446 26.34 1.21 -5.36
C GLY A 446 26.30 2.45 -6.22
N ALA A 447 25.71 2.36 -7.43
CA ALA A 447 25.52 3.53 -8.29
C ALA A 447 24.50 3.32 -9.39
N ILE A 448 24.14 4.42 -10.05
CA ILE A 448 23.45 4.42 -11.33
C ILE A 448 24.36 5.22 -12.27
N ILE A 449 24.93 4.57 -13.28
CA ILE A 449 25.86 5.20 -14.22
C ILE A 449 25.09 5.58 -15.47
N VAL A 450 25.06 6.87 -15.79
CA VAL A 450 24.33 7.37 -16.94
C VAL A 450 25.31 7.96 -17.96
N LEU A 451 25.36 7.35 -19.14
CA LEU A 451 26.13 7.90 -20.25
C LEU A 451 25.23 8.93 -20.93
N THR A 452 25.58 10.22 -20.76
CA THR A 452 24.72 11.33 -21.16
C THR A 452 25.50 12.47 -21.78
N LYS A 453 25.01 12.97 -22.91
CA LYS A 453 25.73 14.00 -23.65
C LYS A 453 25.32 15.36 -23.12
N SER A 454 24.02 15.62 -23.06
CA SER A 454 23.46 16.87 -22.54
C SER A 454 23.14 16.87 -21.05
N GLY A 455 23.18 15.71 -20.40
CA GLY A 455 22.81 15.60 -18.97
C GLY A 455 21.37 15.20 -18.73
N ARG A 456 20.48 15.58 -19.65
CA ARG A 456 19.03 15.35 -19.57
C ARG A 456 18.65 13.99 -19.00
N SER A 457 19.36 12.93 -19.41
CA SER A 457 19.08 11.57 -18.92
C SER A 457 19.40 11.45 -17.46
N ALA A 458 20.58 11.95 -17.07
CA ALA A 458 21.02 11.95 -15.69
C ALA A 458 20.11 12.78 -14.79
N HIS A 459 19.53 13.84 -15.35
CA HIS A 459 18.56 14.67 -14.62
C HIS A 459 17.27 13.87 -14.39
N GLN A 460 16.80 13.14 -15.40
CA GLN A 460 15.55 12.37 -15.26
C GLN A 460 15.65 11.29 -14.20
N VAL A 461 16.84 10.74 -13.99
CA VAL A 461 17.09 9.77 -12.92
C VAL A 461 17.06 10.48 -11.56
N ALA A 462 17.69 11.64 -11.48
CA ALA A 462 17.80 12.40 -10.23
C ALA A 462 16.48 12.94 -9.69
N ARG A 463 15.54 13.17 -10.60
CA ARG A 463 14.20 13.59 -10.29
C ARG A 463 13.57 12.64 -9.30
N TYR A 464 13.83 11.36 -9.49
CA TYR A 464 13.29 10.29 -8.65
C TYR A 464 14.09 9.98 -7.37
N ARG A 465 15.13 10.76 -7.05
CA ARG A 465 15.79 10.71 -5.73
C ARG A 465 16.27 9.31 -5.28
N PRO A 466 17.18 8.68 -6.03
CA PRO A 466 17.77 7.44 -5.54
C PRO A 466 18.73 7.69 -4.40
N ARG A 467 18.96 6.70 -3.55
CA ARG A 467 20.01 6.83 -2.51
C ARG A 467 21.36 6.75 -3.17
N ALA A 468 21.43 5.94 -4.23
CA ALA A 468 22.70 5.63 -4.85
C ALA A 468 23.21 6.86 -5.59
N PRO A 469 24.54 7.03 -5.66
CA PRO A 469 25.06 8.15 -6.43
C PRO A 469 24.75 7.98 -7.90
N ILE A 470 24.41 9.05 -8.59
CA ILE A 470 24.21 9.02 -10.04
C ILE A 470 25.48 9.51 -10.71
N ILE A 471 26.26 8.60 -11.30
CA ILE A 471 27.50 8.99 -11.96
C ILE A 471 27.18 9.34 -13.42
N ALA A 472 27.14 10.63 -13.73
CA ALA A 472 26.86 11.10 -15.08
C ALA A 472 28.19 11.17 -15.82
N VAL A 473 28.37 10.31 -16.82
CA VAL A 473 29.57 10.26 -17.63
C VAL A 473 29.28 11.02 -18.91
N THR A 474 30.01 12.11 -19.14
CA THR A 474 29.79 12.97 -20.31
C THR A 474 31.11 13.40 -20.92
N ARG A 475 31.09 13.61 -22.24
CA ARG A 475 32.23 14.18 -22.96
C ARG A 475 32.13 15.71 -23.06
N ASN A 476 30.92 16.24 -22.99
CA ASN A 476 30.67 17.68 -22.98
C ASN A 476 31.04 18.29 -21.62
N PRO A 477 32.03 19.21 -21.57
CA PRO A 477 32.42 19.74 -20.26
C PRO A 477 31.40 20.69 -19.63
N GLN A 478 30.62 21.39 -20.45
CA GLN A 478 29.53 22.20 -19.94
C GLN A 478 28.48 21.32 -19.30
N THR A 479 28.19 20.17 -19.90
CA THR A 479 27.26 19.23 -19.30
C THR A 479 27.75 18.76 -17.93
N ALA A 480 29.04 18.48 -17.83
CA ALA A 480 29.63 18.06 -16.58
C ALA A 480 29.56 19.15 -15.53
N ARG A 481 29.73 20.39 -15.94
CA ARG A 481 29.66 21.51 -15.01
C ARG A 481 28.23 21.78 -14.50
N GLN A 482 27.28 21.83 -15.44
CA GLN A 482 25.88 22.09 -15.13
C GLN A 482 25.24 21.01 -14.25
N ALA A 483 25.71 19.78 -14.38
CA ALA A 483 25.22 18.65 -13.57
C ALA A 483 25.16 18.92 -12.06
N HIS A 484 26.05 19.75 -11.51
CA HIS A 484 26.09 19.95 -10.05
C HIS A 484 24.80 20.53 -9.45
N LEU A 485 24.02 21.27 -10.26
CA LEU A 485 22.72 21.80 -9.86
C LEU A 485 21.74 20.74 -9.36
N TYR A 486 21.92 19.49 -9.80
CA TYR A 486 21.04 18.39 -9.40
C TYR A 486 21.58 17.61 -8.20
N ARG A 487 20.68 17.14 -7.38
CA ARG A 487 21.02 16.45 -6.14
C ARG A 487 21.42 15.03 -6.48
N GLY A 488 22.53 14.58 -5.91
CA GLY A 488 22.96 13.19 -6.11
C GLY A 488 23.54 12.84 -7.46
N ILE A 489 23.66 13.78 -8.39
CA ILE A 489 24.47 13.58 -9.59
C ILE A 489 25.93 13.87 -9.25
N PHE A 490 26.80 12.91 -9.55
CA PHE A 490 28.23 13.07 -9.45
C PHE A 490 28.75 13.04 -10.87
N PRO A 491 29.05 14.19 -11.47
CA PRO A 491 29.51 14.16 -12.87
C PRO A 491 30.99 13.81 -13.01
N VAL A 492 31.34 13.13 -14.10
CA VAL A 492 32.73 12.84 -14.52
C VAL A 492 32.92 13.17 -16.00
N LEU A 493 34.11 13.63 -16.36
CA LEU A 493 34.40 14.08 -17.74
C LEU A 493 35.31 13.09 -18.51
N LYS A 495 37.56 12.18 -21.35
CA LYS A 495 38.40 12.97 -22.28
C LYS A 495 39.03 12.19 -23.45
N ASP A 496 39.17 10.85 -23.32
CA ASP A 496 39.55 10.04 -24.49
C ASP A 496 38.47 10.25 -25.55
N PRO A 497 38.86 10.48 -26.82
CA PRO A 497 37.81 10.55 -27.84
C PRO A 497 37.31 9.15 -28.27
N VAL A 498 36.38 9.16 -29.22
CA VAL A 498 35.45 8.05 -29.42
C VAL A 498 36.11 6.89 -30.18
N GLN A 499 35.98 5.67 -29.67
CA GLN A 499 36.36 4.42 -30.42
C GLN A 499 35.20 4.09 -31.41
N GLU A 500 35.58 3.62 -32.59
CA GLU A 500 34.62 3.35 -33.70
C GLU A 500 33.52 2.37 -33.29
N ALA A 501 33.91 1.29 -32.61
CA ALA A 501 32.94 0.29 -32.17
C ALA A 501 32.10 0.93 -31.05
N TRP A 502 30.79 0.97 -31.24
CA TRP A 502 29.91 1.65 -30.30
C TRP A 502 30.00 1.02 -28.91
N ALA A 503 29.75 -0.27 -28.84
CA ALA A 503 29.71 -1.00 -27.56
C ALA A 503 31.04 -0.97 -26.79
N GLU A 504 32.16 -0.79 -27.50
CA GLU A 504 33.48 -0.63 -26.88
C GLU A 504 33.62 0.72 -26.25
N ASP A 505 33.20 1.76 -26.97
CA ASP A 505 33.15 3.13 -26.45
C ASP A 505 32.37 3.13 -25.15
N VAL A 506 31.18 2.51 -25.19
CA VAL A 506 30.31 2.38 -24.03
C VAL A 506 30.99 1.70 -22.87
N ASP A 507 31.59 0.54 -23.14
CA ASP A 507 32.34 -0.21 -22.10
C ASP A 507 33.51 0.56 -21.51
N LEU A 508 34.16 1.37 -22.34
CA LEU A 508 35.28 2.19 -21.90
C LEU A 508 34.81 3.29 -20.94
N ARG A 509 33.71 3.95 -21.29
CA ARG A 509 33.11 4.96 -20.41
C ARG A 509 32.60 4.34 -19.12
N VAL A 510 31.87 3.24 -19.22
CA VAL A 510 31.43 2.53 -18.04
C VAL A 510 32.64 2.21 -17.17
N ASN A 511 33.69 1.68 -17.77
CA ASN A 511 34.91 1.35 -17.01
C ASN A 511 35.56 2.58 -16.34
N PHE A 512 35.48 3.73 -17.00
CA PHE A 512 35.95 4.98 -16.41
C PHE A 512 35.18 5.28 -15.10
N ALA A 513 33.85 5.24 -15.17
CA ALA A 513 32.96 5.41 -14.00
C ALA A 513 33.19 4.37 -12.89
N MET A 514 33.47 3.12 -13.30
CA MET A 514 33.85 2.06 -12.37
C MET A 514 35.12 2.40 -11.63
N ASN A 515 36.11 2.95 -12.33
CA ASN A 515 37.36 3.36 -11.70
C ASN A 515 37.12 4.51 -10.74
N VAL A 516 36.37 5.51 -11.19
CA VAL A 516 36.07 6.69 -10.37
C VAL A 516 35.33 6.29 -9.10
N GLY A 517 34.33 5.44 -9.25
CA GLY A 517 33.54 4.95 -8.13
C GLY A 517 34.36 4.19 -7.12
N LYS A 518 35.10 3.20 -7.59
CA LYS A 518 36.02 2.47 -6.72
C LYS A 518 36.92 3.41 -5.93
N ALA A 519 37.58 4.32 -6.65
CA ALA A 519 38.46 5.33 -6.07
C ALA A 519 37.77 6.29 -5.09
N ARG A 520 36.51 6.66 -5.34
CA ARG A 520 35.73 7.47 -4.39
C ARG A 520 35.09 6.69 -3.23
N GLY A 521 35.25 5.38 -3.18
CA GLY A 521 34.63 4.57 -2.15
C GLY A 521 33.16 4.23 -2.38
N PHE A 522 32.59 4.64 -3.50
CA PHE A 522 31.15 4.42 -3.79
C PHE A 522 30.79 2.93 -3.83
N PHE A 523 31.75 2.12 -4.28
CA PHE A 523 31.61 0.67 -4.39
C PHE A 523 32.95 -0.03 -4.55
N LYS A 524 32.93 -1.35 -4.31
CA LYS A 524 34.12 -2.19 -4.51
C LYS A 524 33.71 -3.46 -5.23
N LYS A 525 34.72 -4.25 -5.62
CA LYS A 525 34.50 -5.48 -6.38
C LYS A 525 33.36 -6.32 -5.78
N GLY A 526 32.51 -6.84 -6.64
CA GLY A 526 31.43 -7.73 -6.21
C GLY A 526 30.12 -7.02 -5.97
N ASP A 527 30.14 -5.68 -5.80
CA ASP A 527 28.92 -4.89 -5.78
C ASP A 527 28.33 -4.89 -7.20
N VAL A 528 27.14 -4.33 -7.33
CA VAL A 528 26.38 -4.29 -8.58
C VAL A 528 25.95 -2.86 -8.83
N VAL A 529 26.09 -2.40 -10.07
CA VAL A 529 25.68 -1.07 -10.46
C VAL A 529 24.70 -1.15 -11.62
N ILE A 530 23.93 -0.08 -11.82
CA ILE A 530 22.99 0.03 -12.95
C ILE A 530 23.63 0.96 -13.97
N VAL A 531 23.42 0.69 -15.24
CA VAL A 531 24.06 1.42 -16.33
C VAL A 531 23.01 1.78 -17.35
N LEU A 532 22.73 3.08 -17.50
CA LEU A 532 21.83 3.58 -18.55
C LEU A 532 22.60 4.09 -19.78
N THR A 533 22.15 3.68 -20.97
CA THR A 533 22.78 4.04 -22.22
C THR A 533 21.71 4.24 -23.28
N GLY A 534 22.12 4.69 -24.45
CA GLY A 534 21.28 4.60 -25.65
C GLY A 534 21.42 3.17 -26.18
N TRP A 535 20.65 2.85 -27.21
CA TRP A 535 20.85 1.65 -28.01
C TRP A 535 21.18 2.13 -29.42
N ARG A 536 22.41 1.83 -29.87
CA ARG A 536 23.01 2.36 -31.12
C ARG A 536 23.45 3.84 -31.03
N PRO A 537 24.33 4.28 -31.95
CA PRO A 537 24.95 5.59 -31.74
C PRO A 537 24.11 6.81 -32.07
N GLY A 538 23.15 6.72 -32.99
CA GLY A 538 22.29 7.88 -33.27
C GLY A 538 21.13 8.09 -32.27
N SER A 539 20.99 7.20 -31.27
CA SER A 539 19.75 7.03 -30.49
C SER A 539 19.16 8.32 -29.88
N GLY A 540 17.84 8.48 -29.98
CA GLY A 540 17.10 9.59 -29.37
C GLY A 540 16.87 9.40 -27.88
N PHE A 541 16.59 8.16 -27.49
CA PHE A 541 16.29 7.81 -26.08
C PHE A 541 17.54 7.32 -25.31
N THR A 542 17.56 7.52 -24.00
CA THR A 542 18.44 6.75 -23.11
C THR A 542 17.57 5.63 -22.55
N ASN A 543 17.36 4.59 -23.35
CA ASN A 543 16.34 3.56 -23.08
C ASN A 543 16.91 2.18 -22.79
N THR A 544 18.15 2.10 -22.31
CA THR A 544 18.80 0.80 -22.12
C THR A 544 19.38 0.65 -20.71
N MET A 545 18.75 -0.20 -19.92
CA MET A 545 19.14 -0.43 -18.51
C MET A 545 19.93 -1.71 -18.44
N ARG A 546 21.01 -1.72 -17.68
CA ARG A 546 21.93 -2.85 -17.70
C ARG A 546 22.53 -3.12 -16.33
N VAL A 547 22.29 -4.30 -15.77
CA VAL A 547 22.73 -4.60 -14.42
C VAL A 547 24.09 -5.23 -14.55
N VAL A 548 25.10 -4.57 -13.98
CA VAL A 548 26.50 -4.88 -14.19
C VAL A 548 27.21 -5.10 -12.86
N PRO A 549 27.86 -6.25 -12.67
CA PRO A 549 28.68 -6.39 -11.46
C PRO A 549 29.98 -5.61 -11.59
N VAL A 550 30.42 -4.99 -10.51
CA VAL A 550 31.71 -4.29 -10.46
C VAL A 550 32.80 -5.34 -10.46
N PRO A 551 33.71 -5.32 -11.46
CA PRO A 551 34.75 -6.33 -11.50
C PRO A 551 35.90 -5.94 -10.56
N ALA B 43 1.98 -17.24 7.62
CA ALA B 43 1.75 -16.92 6.17
C ALA B 43 1.53 -15.42 5.96
N ASP B 44 2.61 -14.69 5.66
CA ASP B 44 2.51 -13.26 5.31
C ASP B 44 2.00 -13.06 3.86
N THR B 45 2.18 -14.06 3.00
CA THR B 45 1.69 -14.06 1.61
C THR B 45 0.72 -15.24 1.38
N PHE B 46 -0.17 -15.10 0.38
CA PHE B 46 -1.09 -16.19 -0.01
C PHE B 46 -0.35 -17.40 -0.57
N LEU B 47 0.71 -17.17 -1.36
CA LEU B 47 1.53 -18.25 -1.90
C LEU B 47 2.20 -19.07 -0.79
N GLU B 48 2.72 -18.40 0.25
CA GLU B 48 3.31 -19.06 1.43
C GLU B 48 2.29 -19.84 2.28
N HIS B 49 1.04 -19.37 2.27
CA HIS B 49 -0.10 -20.07 2.88
C HIS B 49 -0.42 -21.40 2.17
N MET B 50 -0.17 -21.47 0.86
CA MET B 50 -0.30 -22.70 0.04
C MET B 50 0.90 -23.64 0.17
N CYS B 51 2.12 -23.09 0.19
CA CYS B 51 3.34 -23.87 0.37
C CYS B 51 3.49 -24.51 1.78
N ARG B 52 2.80 -23.97 2.77
CA ARG B 52 2.72 -24.58 4.13
C ARG B 52 1.81 -25.80 4.23
N LEU B 53 0.78 -25.86 3.38
CA LEU B 53 -0.29 -26.87 3.46
C LEU B 53 0.20 -28.31 3.62
N ASP B 54 0.20 -28.76 4.88
CA ASP B 54 0.60 -30.11 5.25
C ASP B 54 -0.62 -31.01 5.31
N ILE B 55 -0.61 -32.02 4.45
CA ILE B 55 -1.75 -32.95 4.31
C ILE B 55 -1.73 -34.06 5.39
N ASP B 56 -0.59 -34.25 6.05
CA ASP B 56 -0.41 -35.27 7.09
C ASP B 56 -0.88 -34.80 8.47
N SER B 57 -0.71 -33.51 8.79
CA SER B 57 -1.23 -32.94 10.03
C SER B 57 -2.76 -32.81 9.97
N PRO B 58 -3.47 -33.07 11.10
CA PRO B 58 -4.95 -33.15 11.11
C PRO B 58 -5.63 -31.79 10.81
N PRO B 59 -6.93 -31.78 10.46
CA PRO B 59 -7.64 -30.52 10.16
C PRO B 59 -7.91 -29.68 11.42
N ILE B 60 -6.84 -29.10 11.99
CA ILE B 60 -6.87 -28.43 13.32
C ILE B 60 -7.93 -27.33 13.43
N THR B 61 -8.00 -26.50 12.40
CA THR B 61 -9.00 -25.45 12.27
C THR B 61 -10.43 -26.04 12.26
N ALA B 62 -11.35 -25.40 13.00
CA ALA B 62 -12.78 -25.82 13.05
C ALA B 62 -13.55 -25.28 11.86
N ARG B 63 -14.63 -25.97 11.52
CA ARG B 63 -15.43 -25.65 10.34
C ARG B 63 -16.13 -24.33 10.53
N ASN B 64 -16.26 -23.55 9.44
CA ASN B 64 -16.73 -22.17 9.55
C ASN B 64 -17.84 -21.75 8.58
N THR B 65 -18.34 -22.70 7.79
CA THR B 65 -19.39 -22.46 6.80
C THR B 65 -20.63 -23.30 7.12
N GLY B 66 -21.82 -22.76 6.88
CA GLY B 66 -23.07 -23.48 7.18
C GLY B 66 -23.23 -24.72 6.34
N ILE B 67 -23.97 -25.71 6.85
CA ILE B 67 -24.32 -26.91 6.11
C ILE B 67 -25.83 -26.98 5.99
N ILE B 68 -26.33 -27.11 4.77
CA ILE B 68 -27.76 -27.20 4.53
C ILE B 68 -28.01 -28.58 3.94
N CYS B 69 -28.91 -29.36 4.57
CA CYS B 69 -29.29 -30.68 4.06
C CYS B 69 -30.73 -30.71 3.65
N THR B 70 -30.99 -31.40 2.54
CA THR B 70 -32.33 -31.56 2.02
C THR B 70 -32.93 -32.75 2.71
N ILE B 71 -34.02 -32.53 3.44
CA ILE B 71 -34.70 -33.61 4.13
C ILE B 71 -35.69 -34.26 3.17
N GLY B 72 -35.83 -35.57 3.32
CA GLY B 72 -36.70 -36.41 2.48
C GLY B 72 -36.73 -37.84 3.03
N PRO B 73 -37.33 -38.79 2.26
CA PRO B 73 -37.44 -40.20 2.61
C PRO B 73 -36.36 -40.81 3.53
N ALA B 74 -35.09 -40.57 3.23
CA ALA B 74 -34.00 -41.23 3.95
C ALA B 74 -33.50 -40.50 5.19
N SER B 75 -34.00 -39.30 5.44
CA SER B 75 -33.49 -38.42 6.51
C SER B 75 -34.60 -37.73 7.33
N ARG B 76 -35.81 -38.29 7.27
CA ARG B 76 -37.03 -37.65 7.74
C ARG B 76 -37.42 -38.08 9.17
N SER B 77 -36.92 -39.24 9.61
CA SER B 77 -37.14 -39.73 10.98
C SER B 77 -36.42 -38.88 12.01
N VAL B 78 -36.98 -38.85 13.22
CA VAL B 78 -36.41 -38.08 14.31
C VAL B 78 -35.02 -38.59 14.70
N GLU B 79 -34.84 -39.92 14.67
CA GLU B 79 -33.58 -40.53 15.10
C GLU B 79 -32.44 -40.18 14.14
N THR B 80 -32.75 -40.13 12.84
CA THR B 80 -31.77 -39.71 11.84
C THR B 80 -31.45 -38.21 12.00
N LEU B 81 -32.50 -37.38 11.93
CA LEU B 81 -32.36 -35.93 12.10
C LEU B 81 -31.48 -35.58 13.31
N LYS B 82 -31.74 -36.24 14.43
CA LYS B 82 -30.86 -36.17 15.60
C LYS B 82 -29.38 -36.38 15.23
N GLU B 83 -29.09 -37.47 14.50
CA GLU B 83 -27.70 -37.79 14.15
C GLU B 83 -27.07 -36.84 13.14
N MET B 84 -27.92 -36.26 12.27
CA MET B 84 -27.49 -35.26 11.31
C MET B 84 -27.19 -33.93 11.98
N ILE B 85 -27.99 -33.59 12.98
CA ILE B 85 -27.78 -32.37 13.76
C ILE B 85 -26.47 -32.44 14.55
N LYS B 86 -26.19 -33.58 15.15
CA LYS B 86 -24.90 -33.81 15.82
C LYS B 86 -23.72 -33.69 14.86
N SER B 87 -23.82 -34.35 13.72
CA SER B 87 -22.77 -34.36 12.70
C SER B 87 -22.64 -33.04 11.91
N GLY B 88 -23.56 -32.09 12.12
CA GLY B 88 -23.35 -30.72 11.68
C GLY B 88 -24.43 -30.03 10.87
N MET B 89 -25.59 -30.67 10.65
CA MET B 89 -26.65 -30.01 9.91
C MET B 89 -27.00 -28.71 10.62
N ASN B 90 -27.13 -27.62 9.86
CA ASN B 90 -27.50 -26.32 10.41
C ASN B 90 -28.84 -25.78 9.92
N VAL B 91 -29.32 -26.27 8.77
CA VAL B 91 -30.56 -25.78 8.16
C VAL B 91 -31.21 -26.98 7.48
N ALA B 92 -32.49 -27.21 7.73
CA ALA B 92 -33.23 -28.28 7.05
C ALA B 92 -33.96 -27.71 5.84
N ARG B 93 -33.67 -28.27 4.66
CA ARG B 93 -34.31 -27.84 3.40
C ARG B 93 -35.45 -28.76 2.99
N LEU B 94 -36.60 -28.17 2.73
CA LEU B 94 -37.78 -28.89 2.29
C LEU B 94 -38.14 -28.50 0.86
N ASN B 95 -38.09 -29.49 -0.03
CA ASN B 95 -38.33 -29.30 -1.44
C ASN B 95 -39.81 -29.45 -1.77
N PHE B 96 -40.49 -28.32 -1.94
CA PHE B 96 -41.94 -28.28 -2.24
C PHE B 96 -42.26 -28.51 -3.73
N SER B 97 -41.27 -28.94 -4.51
CA SER B 97 -41.54 -29.54 -5.80
C SER B 97 -42.28 -30.86 -5.65
N HIS B 98 -42.12 -31.53 -4.50
CA HIS B 98 -42.79 -32.80 -4.21
C HIS B 98 -43.47 -32.81 -2.85
N GLY B 99 -44.38 -33.76 -2.69
CA GLY B 99 -45.09 -33.98 -1.42
C GLY B 99 -46.19 -32.98 -1.17
N THR B 100 -47.16 -33.38 -0.35
CA THR B 100 -48.30 -32.51 0.03
C THR B 100 -47.92 -31.68 1.26
N HIS B 101 -48.75 -30.69 1.58
CA HIS B 101 -48.53 -29.84 2.77
C HIS B 101 -48.53 -30.68 4.05
N GLU B 102 -49.44 -31.64 4.12
CA GLU B 102 -49.53 -32.59 5.22
C GLU B 102 -48.18 -33.30 5.43
N TYR B 103 -47.59 -33.78 4.33
CA TYR B 103 -46.30 -34.50 4.38
C TYR B 103 -45.23 -33.63 5.04
N HIS B 104 -45.09 -32.41 4.52
CA HIS B 104 -44.05 -31.47 4.97
C HIS B 104 -44.26 -31.02 6.40
N ALA B 105 -45.51 -30.71 6.76
CA ALA B 105 -45.84 -30.38 8.14
C ALA B 105 -45.23 -31.40 9.11
N GLU B 106 -45.32 -32.70 8.77
CA GLU B 106 -44.74 -33.75 9.60
C GLU B 106 -43.21 -33.71 9.59
N THR B 107 -42.63 -33.55 8.39
CA THR B 107 -41.18 -33.40 8.26
C THR B 107 -40.70 -32.26 9.18
N ILE B 108 -41.36 -31.10 9.10
CA ILE B 108 -40.99 -29.94 9.91
C ILE B 108 -41.09 -30.26 11.40
N LYS B 109 -42.19 -30.91 11.77
CA LYS B 109 -42.43 -31.30 13.17
C LYS B 109 -41.37 -32.28 13.70
N ASN B 110 -40.93 -33.20 12.83
CA ASN B 110 -39.82 -34.10 13.15
C ASN B 110 -38.48 -33.38 13.31
N VAL B 111 -38.24 -32.37 12.46
CA VAL B 111 -37.01 -31.60 12.51
C VAL B 111 -36.90 -30.91 13.85
N ARG B 112 -38.00 -30.30 14.28
CA ARG B 112 -38.03 -29.58 15.56
C ARG B 112 -37.94 -30.49 16.78
N THR B 113 -38.66 -31.62 16.75
CA THR B 113 -38.56 -32.64 17.79
C THR B 113 -37.09 -33.03 18.05
N ALA B 114 -36.35 -33.23 16.95
CA ALA B 114 -34.95 -33.69 17.01
C ALA B 114 -34.05 -32.59 17.49
N THR B 115 -34.27 -31.39 16.94
CA THR B 115 -33.56 -30.15 17.29
C THR B 115 -33.62 -29.85 18.80
N GLU B 116 -34.83 -29.92 19.35
CA GLU B 116 -35.07 -29.59 20.74
C GLU B 116 -34.67 -30.70 21.69
N SER B 117 -34.48 -31.93 21.22
CA SER B 117 -33.88 -32.98 22.06
C SER B 117 -32.61 -32.51 22.81
N PHE B 118 -31.84 -31.61 22.18
CA PHE B 118 -30.59 -31.09 22.77
C PHE B 118 -30.75 -29.85 23.66
N ALA B 119 -31.97 -29.30 23.77
CA ALA B 119 -32.23 -28.02 24.47
C ALA B 119 -32.03 -28.09 25.99
N SER B 120 -32.21 -29.30 26.53
CA SER B 120 -31.90 -29.62 27.93
C SER B 120 -30.45 -29.31 28.37
N ASP B 121 -29.56 -28.87 27.46
CA ASP B 121 -28.26 -28.24 27.81
C ASP B 121 -28.07 -26.99 26.96
N PRO B 122 -28.47 -25.80 27.48
CA PRO B 122 -28.43 -24.59 26.64
C PRO B 122 -27.00 -24.07 26.24
N ILE B 123 -25.95 -24.66 26.81
CA ILE B 123 -24.58 -24.33 26.43
C ILE B 123 -24.24 -25.04 25.11
N LEU B 124 -24.61 -26.32 25.02
CA LEU B 124 -24.35 -27.14 23.81
C LEU B 124 -25.50 -27.17 22.78
N TYR B 125 -26.66 -26.62 23.11
CA TYR B 125 -27.77 -26.57 22.15
C TYR B 125 -27.39 -25.73 20.95
N ARG B 126 -27.65 -26.26 19.76
CA ARG B 126 -27.38 -25.62 18.48
C ARG B 126 -28.70 -25.35 17.76
N PRO B 127 -28.95 -24.11 17.36
CA PRO B 127 -30.16 -23.88 16.58
C PRO B 127 -30.15 -24.61 15.25
N VAL B 128 -31.31 -25.06 14.79
CA VAL B 128 -31.44 -25.64 13.44
C VAL B 128 -32.54 -24.85 12.76
N ALA B 129 -32.29 -24.44 11.52
CA ALA B 129 -33.26 -23.64 10.77
C ALA B 129 -34.10 -24.52 9.86
N VAL B 130 -35.24 -24.00 9.41
CA VAL B 130 -36.08 -24.69 8.43
C VAL B 130 -36.22 -23.82 7.18
N ALA B 131 -36.09 -24.44 6.01
CA ALA B 131 -36.09 -23.70 4.74
C ALA B 131 -37.09 -24.24 3.76
N LEU B 132 -37.99 -23.39 3.28
CA LEU B 132 -39.01 -23.79 2.33
C LEU B 132 -38.52 -23.47 0.95
N ASP B 133 -38.48 -24.46 0.08
CA ASP B 133 -37.93 -24.32 -1.27
C ASP B 133 -39.03 -24.48 -2.32
N THR B 134 -39.37 -23.39 -2.98
CA THR B 134 -40.53 -23.35 -3.89
C THR B 134 -40.37 -24.29 -5.11
N LYS B 135 -41.51 -24.68 -5.69
CA LYS B 135 -41.53 -25.44 -6.94
C LYS B 135 -41.06 -24.55 -8.06
N GLY B 136 -41.69 -23.38 -8.16
CA GLY B 136 -41.38 -22.40 -9.19
C GLY B 136 -42.12 -22.68 -10.49
N PRO B 137 -41.82 -21.92 -11.54
CA PRO B 137 -42.22 -22.32 -12.89
C PRO B 137 -41.42 -23.55 -13.32
N GLU B 138 -42.07 -24.67 -13.56
CA GLU B 138 -41.36 -25.95 -13.79
C GLU B 138 -41.99 -26.72 -14.93
N ILE B 139 -41.17 -27.01 -15.93
CA ILE B 139 -41.55 -27.93 -16.97
C ILE B 139 -41.18 -29.35 -16.48
N ARG B 140 -42.15 -30.28 -16.53
CA ARG B 140 -41.95 -31.67 -16.14
C ARG B 140 -42.57 -32.61 -17.17
N THR B 141 -42.03 -33.83 -17.27
CA THR B 141 -42.54 -34.87 -18.19
C THR B 141 -43.75 -35.59 -17.56
N GLY B 142 -44.30 -36.57 -18.26
CA GLY B 142 -45.40 -37.39 -17.73
C GLY B 142 -44.92 -38.70 -17.15
N LEU B 143 -45.88 -39.55 -16.73
CA LEU B 143 -45.58 -40.91 -16.24
C LEU B 143 -45.18 -41.85 -17.39
N ILE B 144 -44.33 -42.82 -17.08
CA ILE B 144 -43.91 -43.82 -18.07
C ILE B 144 -45.02 -44.86 -18.20
N LYS B 145 -45.24 -45.34 -19.42
CA LYS B 145 -46.34 -46.24 -19.79
C LYS B 145 -46.38 -47.62 -19.09
N GLY B 146 -47.58 -48.07 -18.73
CA GLY B 146 -47.82 -49.47 -18.34
C GLY B 146 -47.40 -49.90 -16.95
N SER B 147 -47.11 -51.20 -16.81
CA SER B 147 -46.68 -51.84 -15.54
C SER B 147 -45.16 -51.81 -15.37
N GLY B 148 -44.66 -52.54 -14.36
CA GLY B 148 -43.25 -52.95 -14.28
C GLY B 148 -42.25 -51.84 -13.99
N THR B 149 -41.13 -51.85 -14.73
CA THR B 149 -40.06 -50.85 -14.63
C THR B 149 -40.52 -49.46 -15.09
N ALA B 150 -40.17 -48.41 -14.33
CA ALA B 150 -40.56 -47.03 -14.67
C ALA B 150 -39.45 -46.37 -15.51
N GLU B 151 -38.98 -47.07 -16.57
CA GLU B 151 -37.69 -46.79 -17.22
C GLU B 151 -37.70 -47.14 -18.72
N VAL B 152 -37.65 -46.14 -19.59
CA VAL B 152 -37.47 -46.39 -21.04
C VAL B 152 -36.07 -45.92 -21.49
N GLU B 153 -35.42 -46.72 -22.33
CA GLU B 153 -34.04 -46.45 -22.75
C GLU B 153 -34.09 -45.55 -23.98
N LEU B 154 -33.87 -44.25 -23.78
CA LEU B 154 -33.77 -43.31 -24.91
C LEU B 154 -32.42 -43.53 -25.57
N LYS B 155 -32.47 -43.94 -26.83
CA LYS B 155 -31.31 -44.42 -27.60
C LYS B 155 -30.71 -43.28 -28.39
N LYS B 156 -29.38 -43.27 -28.47
CA LYS B 156 -28.64 -42.15 -29.04
C LYS B 156 -28.85 -42.06 -30.56
N GLY B 157 -29.31 -40.90 -31.03
CA GLY B 157 -29.64 -40.69 -32.43
C GLY B 157 -31.08 -41.04 -32.81
N ALA B 158 -31.84 -41.68 -31.91
CA ALA B 158 -33.23 -42.13 -32.22
C ALA B 158 -34.23 -40.97 -32.40
N THR B 159 -35.54 -41.27 -32.42
CA THR B 159 -36.59 -40.25 -32.60
C THR B 159 -37.63 -40.25 -31.46
N LEU B 160 -38.09 -39.05 -31.11
CA LEU B 160 -38.95 -38.80 -29.96
C LEU B 160 -39.94 -37.65 -30.25
N LYS B 161 -41.23 -37.95 -30.23
CA LYS B 161 -42.28 -36.93 -30.39
C LYS B 161 -42.60 -36.36 -29.01
N ILE B 162 -42.49 -35.03 -28.84
CA ILE B 162 -42.99 -34.33 -27.64
C ILE B 162 -44.42 -33.86 -27.97
N THR B 163 -45.38 -34.19 -27.11
CA THR B 163 -46.81 -33.86 -27.33
C THR B 163 -47.41 -33.18 -26.09
N LEU B 164 -48.51 -32.46 -26.32
CA LEU B 164 -49.30 -31.83 -25.25
C LEU B 164 -50.69 -32.50 -25.05
N ASP B 165 -50.95 -33.56 -25.82
CA ASP B 165 -52.22 -34.29 -25.83
C ASP B 165 -52.32 -35.12 -24.53
N ASN B 166 -53.21 -34.71 -23.62
CA ASN B 166 -53.30 -35.35 -22.29
C ASN B 166 -53.71 -36.82 -22.28
N ALA B 167 -54.13 -37.35 -23.43
CA ALA B 167 -54.19 -38.80 -23.63
C ALA B 167 -52.84 -39.49 -23.32
N TYR B 168 -51.74 -38.84 -23.70
CA TYR B 168 -50.39 -39.39 -23.45
C TYR B 168 -49.78 -38.99 -22.08
N MET B 169 -50.57 -38.34 -21.21
CA MET B 169 -50.08 -37.75 -19.96
C MET B 169 -49.33 -38.74 -19.05
N GLU B 170 -49.77 -40.00 -19.08
CA GLU B 170 -49.14 -41.14 -18.37
C GLU B 170 -48.87 -42.29 -19.37
N LYS B 171 -48.42 -41.92 -20.56
CA LYS B 171 -48.03 -42.89 -21.58
C LYS B 171 -46.73 -42.42 -22.26
N CYS B 172 -45.72 -42.13 -21.44
CA CYS B 172 -44.41 -41.74 -21.96
C CYS B 172 -43.60 -42.99 -22.28
N ASP B 173 -42.96 -43.01 -23.45
CA ASP B 173 -42.10 -44.14 -23.85
C ASP B 173 -41.06 -43.68 -24.91
N GLU B 174 -40.56 -44.62 -25.72
CA GLU B 174 -39.49 -44.34 -26.70
C GLU B 174 -39.99 -43.49 -27.87
N ASN B 175 -41.25 -43.71 -28.26
CA ASN B 175 -41.90 -42.92 -29.30
C ASN B 175 -42.31 -41.53 -28.77
N ILE B 176 -43.30 -41.50 -27.87
CA ILE B 176 -43.99 -40.25 -27.50
C ILE B 176 -43.70 -39.93 -26.02
N LEU B 177 -43.68 -38.62 -25.74
CA LEU B 177 -43.30 -38.07 -24.44
C LEU B 177 -44.22 -36.88 -24.17
N TRP B 178 -45.04 -36.95 -23.12
CA TRP B 178 -45.85 -35.80 -22.66
C TRP B 178 -45.06 -34.87 -21.75
N LEU B 179 -45.38 -33.58 -21.79
CA LEU B 179 -44.92 -32.65 -20.76
C LEU B 179 -45.90 -31.49 -20.47
N ASP B 180 -45.70 -30.81 -19.34
CA ASP B 180 -46.72 -29.88 -18.80
C ASP B 180 -46.71 -28.43 -19.31
N TYR B 181 -45.66 -28.00 -19.99
CA TYR B 181 -45.64 -26.65 -20.57
C TYR B 181 -46.53 -26.60 -21.83
N LYS B 182 -47.69 -25.93 -21.71
CA LYS B 182 -48.66 -25.84 -22.82
C LYS B 182 -48.13 -24.96 -23.95
N ASN B 183 -47.54 -23.80 -23.61
CA ASN B 183 -46.96 -22.85 -24.60
C ASN B 183 -45.57 -23.24 -25.18
N ILE B 184 -45.14 -24.50 -25.06
CA ILE B 184 -43.77 -24.89 -25.45
C ILE B 184 -43.47 -24.67 -26.95
N CYS B 185 -44.46 -24.89 -27.81
CA CYS B 185 -44.30 -24.70 -29.27
C CYS B 185 -44.07 -23.23 -29.73
N LYS B 186 -44.33 -22.25 -28.85
CA LYS B 186 -44.20 -20.81 -29.18
C LYS B 186 -42.82 -20.26 -28.87
N VAL B 187 -42.23 -20.70 -27.75
CA VAL B 187 -40.91 -20.21 -27.35
C VAL B 187 -39.75 -20.95 -28.05
N VAL B 188 -39.98 -22.21 -28.42
CA VAL B 188 -38.94 -23.07 -29.00
C VAL B 188 -39.00 -23.03 -30.54
N GLU B 189 -37.82 -23.07 -31.20
CA GLU B 189 -37.68 -23.06 -32.68
C GLU B 189 -37.08 -24.36 -33.22
N VAL B 190 -37.04 -24.50 -34.55
CA VAL B 190 -36.40 -25.66 -35.19
C VAL B 190 -34.89 -25.58 -34.92
N GLY B 191 -34.28 -26.73 -34.65
CA GLY B 191 -32.87 -26.80 -34.25
C GLY B 191 -32.55 -26.50 -32.79
N SER B 192 -33.58 -26.28 -31.96
CA SER B 192 -33.40 -25.95 -30.53
C SER B 192 -33.11 -27.18 -29.66
N LYS B 193 -32.29 -26.96 -28.65
CA LYS B 193 -31.97 -27.97 -27.64
C LYS B 193 -33.04 -28.06 -26.53
N ILE B 194 -33.34 -29.30 -26.11
CA ILE B 194 -34.21 -29.60 -24.95
C ILE B 194 -33.53 -30.66 -24.08
N TYR B 195 -33.47 -30.38 -22.78
CA TYR B 195 -32.81 -31.25 -21.78
C TYR B 195 -33.80 -31.85 -20.79
N VAL B 196 -33.48 -33.03 -20.26
CA VAL B 196 -34.39 -33.79 -19.39
C VAL B 196 -33.63 -34.48 -18.23
N ASP B 197 -34.18 -34.33 -17.01
CA ASP B 197 -33.71 -35.03 -15.80
C ASP B 197 -32.30 -34.58 -15.38
N ASP B 198 -32.22 -33.34 -14.91
CA ASP B 198 -30.95 -32.71 -14.56
C ASP B 198 -29.98 -32.81 -15.75
N GLY B 199 -30.53 -32.61 -16.95
CA GLY B 199 -29.77 -32.66 -18.20
C GLY B 199 -29.12 -33.97 -18.62
N LEU B 200 -29.58 -35.12 -18.12
CA LEU B 200 -28.96 -36.40 -18.52
C LEU B 200 -29.25 -36.76 -19.97
N ILE B 201 -30.42 -36.34 -20.44
CA ILE B 201 -30.90 -36.64 -21.78
C ILE B 201 -30.99 -35.29 -22.51
N SER B 202 -30.60 -35.26 -23.78
CA SER B 202 -30.75 -34.05 -24.61
C SER B 202 -31.38 -34.39 -25.95
N LEU B 203 -32.11 -33.42 -26.50
CA LEU B 203 -32.87 -33.57 -27.75
C LEU B 203 -32.72 -32.33 -28.65
N GLN B 204 -32.94 -32.51 -29.94
CA GLN B 204 -32.92 -31.41 -30.89
C GLN B 204 -34.20 -31.39 -31.68
N VAL B 205 -34.86 -30.23 -31.72
CA VAL B 205 -36.13 -30.05 -32.41
C VAL B 205 -35.88 -30.08 -33.92
N LYS B 206 -36.54 -31.03 -34.59
CA LYS B 206 -36.40 -31.25 -36.04
C LYS B 206 -37.57 -30.65 -36.85
N GLN B 207 -38.80 -30.88 -36.40
CA GLN B 207 -40.02 -30.26 -36.96
C GLN B 207 -40.91 -29.70 -35.83
N LYS B 208 -41.56 -28.56 -36.07
CA LYS B 208 -42.53 -27.97 -35.12
C LYS B 208 -43.97 -28.41 -35.40
N GLY B 209 -44.90 -28.05 -34.52
CA GLY B 209 -46.33 -28.33 -34.72
C GLY B 209 -47.19 -27.47 -33.81
N ALA B 210 -48.48 -27.77 -33.73
CA ALA B 210 -49.41 -27.14 -32.76
C ALA B 210 -49.23 -27.72 -31.34
N ASP B 211 -49.32 -29.05 -31.27
CA ASP B 211 -49.06 -29.83 -30.05
C ASP B 211 -47.74 -30.63 -30.18
N PHE B 212 -47.62 -31.44 -31.25
CA PHE B 212 -46.40 -32.25 -31.48
C PHE B 212 -45.13 -31.41 -31.71
N LEU B 213 -44.00 -31.95 -31.28
CA LEU B 213 -42.66 -31.45 -31.64
C LEU B 213 -41.80 -32.68 -31.85
N VAL B 214 -41.24 -32.82 -33.05
CA VAL B 214 -40.48 -34.02 -33.43
C VAL B 214 -39.00 -33.72 -33.19
N THR B 215 -38.34 -34.53 -32.36
CA THR B 215 -36.95 -34.26 -31.95
C THR B 215 -36.07 -35.47 -32.20
N GLU B 216 -34.76 -35.24 -32.25
CA GLU B 216 -33.77 -36.31 -32.41
C GLU B 216 -32.93 -36.39 -31.12
N VAL B 217 -32.88 -37.58 -30.52
CA VAL B 217 -32.27 -37.79 -29.19
C VAL B 217 -30.73 -37.74 -29.26
N GLU B 218 -30.12 -36.62 -28.88
CA GLU B 218 -28.65 -36.45 -29.00
C GLU B 218 -27.84 -37.19 -27.92
N ASN B 219 -28.30 -37.11 -26.66
CA ASN B 219 -27.70 -37.83 -25.51
C ASN B 219 -28.68 -38.85 -24.96
N GLY B 220 -28.18 -40.04 -24.64
CA GLY B 220 -29.01 -41.15 -24.21
C GLY B 220 -29.11 -41.21 -22.70
N GLY B 221 -29.92 -42.15 -22.23
CA GLY B 221 -30.14 -42.35 -20.80
C GLY B 221 -31.44 -43.07 -20.52
N SER B 222 -31.73 -43.25 -19.24
CA SER B 222 -32.98 -43.87 -18.80
C SER B 222 -33.96 -42.79 -18.40
N LEU B 223 -34.99 -42.60 -19.22
CA LEU B 223 -36.04 -41.65 -18.93
C LEU B 223 -36.99 -42.24 -17.87
N GLY B 224 -37.00 -41.63 -16.70
CA GLY B 224 -37.94 -41.98 -15.64
C GLY B 224 -39.24 -41.17 -15.70
N SER B 225 -40.13 -41.43 -14.72
CA SER B 225 -41.40 -40.70 -14.63
C SER B 225 -41.18 -39.28 -14.08
N LYS B 226 -42.09 -38.38 -14.46
CA LYS B 226 -42.09 -36.93 -14.09
C LYS B 226 -40.72 -36.28 -13.78
N LYS B 227 -39.91 -36.01 -14.82
CA LYS B 227 -38.56 -35.42 -14.66
C LYS B 227 -38.50 -33.96 -15.15
N GLY B 228 -37.44 -33.23 -14.79
CA GLY B 228 -37.31 -31.78 -15.08
C GLY B 228 -36.73 -31.39 -16.42
N VAL B 229 -37.38 -30.44 -17.11
CA VAL B 229 -37.16 -30.17 -18.53
C VAL B 229 -36.73 -28.72 -18.81
N ASN B 230 -35.44 -28.49 -19.12
CA ASN B 230 -34.89 -27.12 -19.39
C ASN B 230 -34.88 -26.77 -20.89
N LEU B 231 -35.04 -25.47 -21.17
CA LEU B 231 -35.11 -24.92 -22.52
C LEU B 231 -34.11 -23.78 -22.62
N PRO B 232 -32.80 -24.11 -22.79
CA PRO B 232 -31.73 -23.10 -22.75
C PRO B 232 -31.92 -22.03 -23.80
N GLY B 233 -31.82 -20.76 -23.40
CA GLY B 233 -32.08 -19.63 -24.30
C GLY B 233 -33.47 -19.61 -24.92
N ALA B 234 -34.45 -20.17 -24.20
CA ALA B 234 -35.86 -19.90 -24.48
C ALA B 234 -36.25 -18.84 -23.47
N ALA B 235 -37.32 -18.11 -23.77
CA ALA B 235 -37.99 -17.25 -22.81
C ALA B 235 -39.26 -17.98 -22.36
N VAL B 236 -39.13 -18.75 -21.27
CA VAL B 236 -40.29 -19.44 -20.69
C VAL B 236 -41.30 -18.44 -20.10
N ASP B 237 -42.46 -18.31 -20.74
CA ASP B 237 -43.44 -17.26 -20.43
C ASP B 237 -44.25 -17.46 -19.15
N LEU B 238 -43.91 -18.48 -18.35
CA LEU B 238 -44.59 -18.81 -17.07
C LEU B 238 -44.43 -17.66 -16.05
N PRO B 239 -45.33 -17.58 -15.06
CA PRO B 239 -45.24 -16.50 -14.06
C PRO B 239 -44.16 -16.73 -13.00
N ALA B 240 -43.98 -15.77 -12.10
CA ALA B 240 -42.88 -15.84 -11.10
C ALA B 240 -43.32 -16.63 -9.86
N VAL B 241 -44.59 -16.46 -9.51
CA VAL B 241 -45.23 -17.13 -8.40
C VAL B 241 -46.52 -17.78 -8.95
N SER B 242 -46.47 -19.09 -9.14
CA SER B 242 -47.60 -19.88 -9.61
C SER B 242 -48.66 -19.97 -8.53
N GLU B 243 -49.89 -20.26 -8.95
CA GLU B 243 -51.02 -20.48 -8.03
C GLU B 243 -50.59 -21.42 -6.87
N LYS B 244 -49.80 -22.45 -7.19
CA LYS B 244 -49.26 -23.38 -6.19
C LYS B 244 -48.30 -22.71 -5.23
N ASP B 245 -47.35 -21.97 -5.77
CA ASP B 245 -46.32 -21.29 -4.96
C ASP B 245 -46.97 -20.32 -3.96
N ILE B 246 -48.06 -19.68 -4.36
CA ILE B 246 -48.79 -18.79 -3.47
C ILE B 246 -49.30 -19.61 -2.28
N GLN B 247 -49.84 -20.79 -2.53
CA GLN B 247 -50.27 -21.67 -1.43
C GLN B 247 -49.07 -22.12 -0.61
N ASP B 248 -48.02 -22.58 -1.27
CA ASP B 248 -46.86 -23.11 -0.55
C ASP B 248 -46.22 -22.04 0.35
N LEU B 249 -46.13 -20.80 -0.12
CA LEU B 249 -45.57 -19.70 0.68
C LEU B 249 -46.41 -19.30 1.91
N LYS B 250 -47.74 -19.35 1.76
CA LYS B 250 -48.66 -19.08 2.87
C LYS B 250 -48.55 -20.17 3.95
N PHE B 251 -48.35 -21.41 3.49
CA PHE B 251 -48.06 -22.53 4.36
C PHE B 251 -46.72 -22.37 5.07
N GLY B 252 -45.76 -21.81 4.35
CA GLY B 252 -44.47 -21.45 4.95
C GLY B 252 -44.64 -20.51 6.13
N VAL B 253 -45.39 -19.44 5.91
CA VAL B 253 -45.65 -18.48 6.98
C VAL B 253 -46.34 -19.19 8.14
N GLU B 254 -47.43 -19.90 7.84
CA GLU B 254 -48.13 -20.74 8.83
C GLU B 254 -47.20 -21.63 9.65
N GLN B 255 -46.28 -22.30 8.99
CA GLN B 255 -45.37 -23.24 9.68
C GLN B 255 -44.17 -22.56 10.34
N ASP B 256 -44.02 -21.25 10.20
CA ASP B 256 -42.96 -20.50 10.88
C ASP B 256 -41.56 -20.86 10.36
N VAL B 257 -41.44 -20.97 9.05
CA VAL B 257 -40.14 -21.21 8.44
C VAL B 257 -39.25 -19.96 8.60
N ASP B 258 -37.95 -20.19 8.48
CA ASP B 258 -36.94 -19.14 8.66
C ASP B 258 -36.50 -18.50 7.35
N MET B 259 -36.70 -19.24 6.25
CA MET B 259 -36.21 -18.80 4.96
C MET B 259 -36.89 -19.52 3.80
N VAL B 260 -37.05 -18.77 2.70
CA VAL B 260 -37.59 -19.28 1.46
C VAL B 260 -36.48 -19.30 0.38
N PHE B 261 -36.28 -20.45 -0.24
CA PHE B 261 -35.39 -20.58 -1.38
C PHE B 261 -36.25 -20.47 -2.64
N ALA B 262 -36.31 -19.26 -3.19
CA ALA B 262 -37.21 -18.95 -4.30
C ALA B 262 -36.61 -19.36 -5.62
N SER B 263 -37.29 -20.24 -6.34
CA SER B 263 -36.74 -20.89 -7.54
C SER B 263 -36.97 -20.05 -8.80
N PHE B 264 -36.11 -20.26 -9.81
CA PHE B 264 -36.19 -19.63 -11.15
C PHE B 264 -36.41 -18.11 -11.04
N ILE B 265 -35.56 -17.45 -10.28
CA ILE B 265 -35.65 -16.00 -10.13
C ILE B 265 -34.95 -15.43 -11.33
N ARG B 266 -35.73 -14.63 -12.07
CA ARG B 266 -35.29 -14.07 -13.33
C ARG B 266 -34.98 -12.58 -13.20
N LYS B 267 -35.74 -11.84 -12.39
CA LYS B 267 -35.57 -10.41 -12.27
C LYS B 267 -35.96 -9.93 -10.89
N ALA B 268 -35.76 -8.65 -10.60
CA ALA B 268 -36.05 -8.11 -9.26
C ALA B 268 -37.52 -8.18 -8.92
N SER B 269 -38.37 -7.84 -9.88
CA SER B 269 -39.82 -7.87 -9.69
C SER B 269 -40.38 -9.24 -9.30
N ASP B 270 -39.67 -10.31 -9.69
CA ASP B 270 -39.99 -11.67 -9.23
C ASP B 270 -39.76 -11.84 -7.74
N VAL B 271 -38.72 -11.20 -7.21
CA VAL B 271 -38.41 -11.31 -5.79
C VAL B 271 -39.47 -10.58 -5.00
N HIS B 272 -39.82 -9.38 -5.46
CA HIS B 272 -40.82 -8.55 -4.77
C HIS B 272 -42.21 -9.20 -4.72
N GLU B 273 -42.59 -9.92 -5.77
CA GLU B 273 -43.81 -10.76 -5.73
C GLU B 273 -43.73 -11.86 -4.64
N VAL B 274 -42.56 -12.46 -4.43
CA VAL B 274 -42.42 -13.44 -3.36
C VAL B 274 -42.57 -12.76 -2.02
N ARG B 275 -42.01 -11.56 -1.90
CA ARG B 275 -42.09 -10.75 -0.67
C ARG B 275 -43.52 -10.44 -0.29
N LYS B 276 -44.28 -9.98 -1.28
CA LYS B 276 -45.67 -9.57 -1.06
C LYS B 276 -46.53 -10.73 -0.57
N VAL B 277 -46.36 -11.90 -1.15
CA VAL B 277 -47.10 -13.08 -0.75
C VAL B 277 -46.77 -13.44 0.69
N LEU B 278 -45.50 -13.46 1.06
CA LEU B 278 -45.12 -13.67 2.46
C LEU B 278 -45.67 -12.56 3.34
N GLY B 279 -45.70 -11.35 2.80
CA GLY B 279 -46.44 -10.24 3.36
C GLY B 279 -46.01 -9.79 4.73
N GLU B 280 -46.93 -9.09 5.40
CA GLU B 280 -46.71 -8.57 6.74
C GLU B 280 -46.30 -9.63 7.78
N LYS B 281 -47.02 -10.75 7.83
CA LYS B 281 -46.84 -11.74 8.89
C LYS B 281 -45.50 -12.46 8.78
N GLY B 282 -45.04 -12.66 7.54
CA GLY B 282 -43.78 -13.33 7.27
C GLY B 282 -42.73 -12.38 6.72
N LYS B 283 -42.70 -11.16 7.26
CA LYS B 283 -41.79 -10.12 6.78
C LYS B 283 -40.36 -10.34 7.26
N ASN B 284 -40.14 -11.13 8.31
CA ASN B 284 -38.78 -11.42 8.78
C ASN B 284 -38.29 -12.76 8.27
N ILE B 285 -39.02 -13.40 7.35
CA ILE B 285 -38.54 -14.59 6.66
C ILE B 285 -37.59 -14.12 5.58
N LYS B 286 -36.44 -14.78 5.50
CA LYS B 286 -35.38 -14.39 4.57
C LYS B 286 -35.67 -14.99 3.19
N ILE B 287 -35.54 -14.18 2.15
CA ILE B 287 -35.69 -14.68 0.78
C ILE B 287 -34.33 -14.90 0.13
N ILE B 288 -34.01 -16.16 -0.16
CA ILE B 288 -32.84 -16.50 -0.93
C ILE B 288 -33.31 -16.73 -2.34
N SER B 289 -32.87 -15.89 -3.26
CA SER B 289 -33.15 -16.09 -4.68
C SER B 289 -32.21 -17.13 -5.25
N LYS B 290 -32.76 -18.05 -6.03
CA LYS B 290 -31.96 -19.04 -6.72
C LYS B 290 -31.73 -18.59 -8.13
N ILE B 291 -30.46 -18.60 -8.54
CA ILE B 291 -30.07 -18.26 -9.89
C ILE B 291 -29.97 -19.58 -10.63
N GLU B 292 -30.89 -19.83 -11.57
CA GLU B 292 -30.97 -21.12 -12.26
C GLU B 292 -30.89 -21.04 -13.81
N ASN B 293 -30.74 -19.87 -14.40
CA ASN B 293 -30.87 -19.72 -15.87
C ASN B 293 -30.07 -18.54 -16.37
N HIS B 294 -30.12 -18.23 -17.68
CA HIS B 294 -29.29 -17.13 -18.19
C HIS B 294 -29.81 -15.77 -17.73
N GLU B 295 -31.12 -15.52 -17.89
CA GLU B 295 -31.68 -14.23 -17.46
C GLU B 295 -31.27 -13.95 -16.01
N GLY B 296 -31.31 -14.98 -15.17
CA GLY B 296 -30.83 -14.90 -13.78
C GLY B 296 -29.45 -14.29 -13.64
N VAL B 297 -28.51 -14.77 -14.45
CA VAL B 297 -27.11 -14.32 -14.32
C VAL B 297 -26.95 -12.90 -14.85
N ARG B 298 -27.68 -12.59 -15.92
CA ARG B 298 -27.51 -11.31 -16.61
C ARG B 298 -28.01 -10.19 -15.72
N ARG B 299 -29.18 -10.42 -15.13
CA ARG B 299 -29.85 -9.46 -14.25
C ARG B 299 -29.50 -9.65 -12.76
N PHE B 300 -28.35 -10.23 -12.47
CA PHE B 300 -28.00 -10.62 -11.11
C PHE B 300 -28.00 -9.45 -10.12
N ASP B 301 -27.43 -8.31 -10.52
CA ASP B 301 -27.30 -7.20 -9.58
C ASP B 301 -28.64 -6.73 -9.02
N GLU B 302 -29.66 -6.67 -9.87
CA GLU B 302 -30.99 -6.30 -9.36
C GLU B 302 -31.61 -7.36 -8.46
N ILE B 303 -31.35 -8.62 -8.76
CA ILE B 303 -31.83 -9.72 -7.95
C ILE B 303 -31.16 -9.70 -6.58
N LEU B 304 -29.87 -9.44 -6.55
CA LEU B 304 -29.14 -9.38 -5.27
C LEU B 304 -29.63 -8.21 -4.42
N GLU B 305 -29.74 -7.04 -5.03
CA GLU B 305 -30.21 -5.83 -4.32
C GLU B 305 -31.64 -6.01 -3.76
N ALA B 306 -32.44 -6.87 -4.38
CA ALA B 306 -33.81 -7.17 -3.94
C ALA B 306 -33.94 -8.32 -2.94
N SER B 307 -32.99 -9.24 -2.92
CA SER B 307 -33.08 -10.45 -2.11
C SER B 307 -32.32 -10.31 -0.81
N ASP B 308 -32.63 -11.19 0.14
CA ASP B 308 -31.86 -11.28 1.37
C ASP B 308 -30.60 -12.05 1.15
N GLY B 309 -30.64 -13.05 0.26
CA GLY B 309 -29.42 -13.78 -0.13
C GLY B 309 -29.56 -14.48 -1.47
N ILE B 310 -28.53 -15.22 -1.85
CA ILE B 310 -28.47 -15.84 -3.17
C ILE B 310 -28.10 -17.31 -3.03
N MET B 311 -28.70 -18.14 -3.89
CA MET B 311 -28.27 -19.53 -4.09
C MET B 311 -27.87 -19.71 -5.55
N VAL B 312 -26.72 -20.33 -5.77
CA VAL B 312 -26.14 -20.54 -7.08
C VAL B 312 -26.29 -22.02 -7.37
N ALA B 313 -27.22 -22.34 -8.27
CA ALA B 313 -27.48 -23.72 -8.68
C ALA B 313 -26.62 -24.04 -9.89
N ARG B 314 -25.48 -24.68 -9.65
CA ARG B 314 -24.46 -24.89 -10.69
C ARG B 314 -24.93 -25.77 -11.83
N GLY B 315 -25.66 -26.84 -11.51
CA GLY B 315 -26.15 -27.78 -12.53
C GLY B 315 -27.17 -27.17 -13.48
N ASP B 316 -28.06 -26.35 -12.93
CA ASP B 316 -29.11 -25.67 -13.72
C ASP B 316 -28.50 -24.65 -14.68
N LEU B 317 -27.51 -23.90 -14.17
CA LEU B 317 -26.71 -23.00 -14.97
C LEU B 317 -25.96 -23.75 -16.05
N GLY B 318 -25.30 -24.84 -15.64
CA GLY B 318 -24.61 -25.78 -16.53
C GLY B 318 -25.39 -26.22 -17.75
N ILE B 319 -26.73 -26.25 -17.65
CA ILE B 319 -27.61 -26.44 -18.81
C ILE B 319 -27.85 -25.12 -19.55
N GLU B 320 -28.40 -24.11 -18.88
CA GLU B 320 -28.76 -22.83 -19.55
C GLU B 320 -27.58 -22.01 -20.13
N ILE B 321 -26.39 -22.20 -19.58
CA ILE B 321 -25.18 -21.47 -19.98
C ILE B 321 -24.13 -22.48 -20.49
N PRO B 322 -23.20 -22.05 -21.34
CA PRO B 322 -22.03 -22.88 -21.64
C PRO B 322 -21.29 -23.40 -20.40
N ALA B 323 -21.19 -24.72 -20.24
CA ALA B 323 -20.43 -25.36 -19.14
C ALA B 323 -19.10 -24.67 -18.75
N GLU B 324 -18.23 -24.41 -19.72
CA GLU B 324 -16.95 -23.74 -19.44
C GLU B 324 -17.03 -22.36 -18.74
N LYS B 325 -18.20 -21.73 -18.72
CA LYS B 325 -18.36 -20.38 -18.14
C LYS B 325 -18.97 -20.36 -16.76
N VAL B 326 -19.54 -21.48 -16.32
CA VAL B 326 -20.28 -21.50 -15.04
C VAL B 326 -19.36 -21.20 -13.86
N PHE B 327 -18.13 -21.73 -13.88
CA PHE B 327 -17.17 -21.46 -12.79
C PHE B 327 -16.88 -19.97 -12.60
N LEU B 328 -16.91 -19.18 -13.69
CA LEU B 328 -16.78 -17.73 -13.57
C LEU B 328 -18.03 -17.12 -12.98
N ALA B 329 -19.19 -17.63 -13.39
CA ALA B 329 -20.46 -17.18 -12.85
C ALA B 329 -20.48 -17.38 -11.35
N GLN B 330 -20.09 -18.58 -10.92
CA GLN B 330 -20.04 -18.91 -9.50
C GLN B 330 -19.12 -17.96 -8.74
N LYS B 331 -17.94 -17.67 -9.30
CA LYS B 331 -16.98 -16.81 -8.61
C LYS B 331 -17.42 -15.37 -8.59
N MET B 332 -18.12 -14.95 -9.65
CA MET B 332 -18.68 -13.60 -9.71
C MET B 332 -19.79 -13.39 -8.71
N MET B 333 -20.73 -14.33 -8.68
CA MET B 333 -21.90 -14.21 -7.83
C MET B 333 -21.53 -14.30 -6.36
N ILE B 334 -20.65 -15.24 -6.03
CA ILE B 334 -20.15 -15.37 -4.66
C ILE B 334 -19.38 -14.12 -4.26
N GLY B 335 -18.58 -13.60 -5.18
CA GLY B 335 -17.82 -12.38 -4.96
C GLY B 335 -18.72 -11.21 -4.66
N ARG B 336 -19.71 -10.97 -5.52
CA ARG B 336 -20.59 -9.82 -5.36
C ARG B 336 -21.36 -9.87 -4.05
N CYS B 337 -21.79 -11.08 -3.68
CA CYS B 337 -22.51 -11.33 -2.44
C CYS B 337 -21.62 -11.06 -1.22
N ASN B 338 -20.37 -11.49 -1.23
CA ASN B 338 -19.42 -11.17 -0.15
C ASN B 338 -19.27 -9.66 0.07
N ARG B 339 -19.29 -8.91 -1.05
CA ARG B 339 -19.08 -7.46 -1.04
C ARG B 339 -20.30 -6.74 -0.56
N ALA B 340 -21.48 -7.24 -0.97
CA ALA B 340 -22.75 -6.69 -0.50
C ALA B 340 -23.09 -7.13 0.91
N GLY B 341 -22.41 -8.16 1.38
CA GLY B 341 -22.58 -8.67 2.72
C GLY B 341 -23.86 -9.42 2.91
N LYS B 342 -24.36 -10.01 1.83
CA LYS B 342 -25.52 -10.87 1.87
C LYS B 342 -25.02 -12.27 1.69
N PRO B 343 -25.70 -13.26 2.28
CA PRO B 343 -25.17 -14.61 2.24
C PRO B 343 -25.43 -15.31 0.92
N VAL B 344 -24.55 -16.24 0.57
CA VAL B 344 -24.64 -16.96 -0.68
C VAL B 344 -24.42 -18.46 -0.44
N ILE B 345 -25.23 -19.26 -1.11
CA ILE B 345 -25.24 -20.71 -0.93
C ILE B 345 -24.83 -21.39 -2.23
N CYS B 346 -24.05 -22.47 -2.16
CA CYS B 346 -23.75 -23.25 -3.34
C CYS B 346 -24.54 -24.52 -3.29
N ALA B 347 -25.25 -24.79 -4.37
CA ALA B 347 -26.19 -25.89 -4.42
C ALA B 347 -25.96 -26.74 -5.66
N THR B 348 -26.36 -28.01 -5.56
CA THR B 348 -26.33 -29.00 -6.64
C THR B 348 -24.93 -29.51 -6.91
N GLN B 349 -24.85 -30.78 -7.31
CA GLN B 349 -23.58 -31.39 -7.77
C GLN B 349 -22.45 -31.31 -6.75
N MET B 350 -22.77 -31.45 -5.47
CA MET B 350 -21.74 -31.43 -4.45
C MET B 350 -21.18 -32.84 -4.27
N LEU B 351 -21.88 -33.70 -3.53
CA LEU B 351 -21.45 -35.05 -3.24
C LEU B 351 -22.44 -36.11 -3.80
N GLU B 352 -22.95 -35.89 -5.02
CA GLU B 352 -24.02 -36.75 -5.60
C GLU B 352 -23.65 -38.24 -5.69
N SER B 353 -22.36 -38.58 -5.79
CA SER B 353 -21.93 -39.98 -5.78
C SER B 353 -22.26 -40.72 -4.46
N MET B 354 -22.49 -39.98 -3.36
CA MET B 354 -22.86 -40.54 -2.05
C MET B 354 -24.33 -40.91 -1.89
N ILE B 355 -25.11 -40.73 -2.95
CA ILE B 355 -26.43 -41.33 -3.02
C ILE B 355 -26.25 -42.84 -2.89
N LYS B 356 -25.28 -43.41 -3.61
CA LYS B 356 -25.03 -44.86 -3.59
C LYS B 356 -23.79 -45.31 -2.83
N LYS B 357 -22.84 -44.41 -2.59
CA LYS B 357 -21.55 -44.77 -2.01
C LYS B 357 -21.30 -44.11 -0.66
N PRO B 358 -20.54 -44.77 0.23
CA PRO B 358 -20.28 -44.22 1.57
C PRO B 358 -19.22 -43.09 1.62
N ARG B 359 -18.57 -42.82 0.49
CA ARG B 359 -17.46 -41.87 0.39
C ARG B 359 -17.52 -41.19 -0.99
N PRO B 360 -17.16 -39.90 -1.07
CA PRO B 360 -17.20 -39.20 -2.35
C PRO B 360 -15.98 -39.50 -3.24
N THR B 361 -16.04 -38.97 -4.46
CA THR B 361 -14.91 -38.98 -5.39
C THR B 361 -13.89 -37.91 -5.01
N ARG B 362 -12.70 -38.02 -5.57
CA ARG B 362 -11.67 -37.00 -5.43
C ARG B 362 -12.15 -35.64 -5.97
N ALA B 363 -12.78 -35.68 -7.14
CA ALA B 363 -13.19 -34.48 -7.85
C ALA B 363 -14.36 -33.74 -7.20
N GLU B 364 -15.26 -34.47 -6.56
CA GLU B 364 -16.36 -33.89 -5.78
C GLU B 364 -15.83 -33.14 -4.57
N GLY B 365 -14.83 -33.73 -3.91
CA GLY B 365 -14.19 -33.12 -2.76
C GLY B 365 -13.49 -31.81 -3.09
N SER B 366 -12.81 -31.80 -4.25
CA SER B 366 -12.21 -30.59 -4.76
C SER B 366 -13.26 -29.54 -5.13
N ASP B 367 -14.32 -29.98 -5.80
CA ASP B 367 -15.39 -29.08 -6.22
C ASP B 367 -16.05 -28.33 -5.07
N VAL B 368 -16.29 -29.05 -3.97
CA VAL B 368 -16.92 -28.47 -2.79
C VAL B 368 -15.96 -27.50 -2.12
N ALA B 369 -14.73 -27.95 -1.97
CA ALA B 369 -13.73 -27.17 -1.28
C ALA B 369 -13.48 -25.86 -2.00
N ASN B 370 -13.39 -25.89 -3.34
CA ASN B 370 -13.15 -24.67 -4.11
C ASN B 370 -14.37 -23.73 -3.99
N ALA B 371 -15.59 -24.27 -3.85
CA ALA B 371 -16.76 -23.44 -3.58
C ALA B 371 -16.68 -22.71 -2.21
N VAL B 372 -16.12 -23.39 -1.20
CA VAL B 372 -15.88 -22.75 0.08
C VAL B 372 -14.84 -21.62 -0.04
N LEU B 373 -13.74 -21.87 -0.76
CA LEU B 373 -12.67 -20.88 -0.93
C LEU B 373 -13.12 -19.73 -1.80
N ASP B 374 -13.91 -20.02 -2.84
CA ASP B 374 -14.52 -18.97 -3.65
C ASP B 374 -15.11 -17.90 -2.74
N GLY B 375 -15.66 -18.34 -1.61
CA GLY B 375 -16.20 -17.46 -0.57
C GLY B 375 -17.68 -17.68 -0.23
N ALA B 376 -18.19 -18.89 -0.46
CA ALA B 376 -19.55 -19.23 -0.12
C ALA B 376 -19.72 -19.22 1.38
N ASP B 377 -20.95 -18.96 1.81
CA ASP B 377 -21.29 -18.94 3.20
C ASP B 377 -21.84 -20.30 3.63
N CYS B 378 -22.67 -20.93 2.79
CA CYS B 378 -23.17 -22.28 3.05
C CYS B 378 -23.04 -23.19 1.83
N ILE B 379 -22.93 -24.48 2.10
CA ILE B 379 -22.97 -25.54 1.07
C ILE B 379 -24.29 -26.29 1.24
N MET B 380 -24.92 -26.69 0.13
CA MET B 380 -26.20 -27.40 0.22
C MET B 380 -26.13 -28.76 -0.46
N LEU B 381 -26.45 -29.79 0.34
CA LEU B 381 -26.60 -31.15 -0.17
C LEU B 381 -28.06 -31.37 -0.61
N SER B 382 -28.23 -32.10 -1.70
CA SER B 382 -29.53 -32.42 -2.28
C SER B 382 -29.84 -33.94 -2.12
N GLY B 383 -29.87 -34.74 -3.20
CA GLY B 383 -30.17 -36.17 -3.10
C GLY B 383 -29.33 -36.95 -2.09
N GLU B 384 -28.06 -36.55 -1.93
CA GLU B 384 -27.10 -37.13 -0.97
C GLU B 384 -27.72 -37.47 0.39
N THR B 385 -28.49 -36.49 0.92
CA THR B 385 -29.21 -36.58 2.20
C THR B 385 -30.73 -36.82 2.09
N ALA B 386 -31.34 -36.33 1.01
CA ALA B 386 -32.79 -36.45 0.84
C ALA B 386 -33.27 -37.90 0.71
N LYS B 387 -32.74 -38.60 -0.28
CA LYS B 387 -33.15 -39.98 -0.62
C LYS B 387 -32.04 -41.04 -0.59
N GLY B 388 -30.78 -40.64 -0.61
CA GLY B 388 -29.67 -41.59 -0.71
C GLY B 388 -29.50 -42.62 0.39
N ASP B 389 -28.69 -43.62 0.08
CA ASP B 389 -28.41 -44.75 0.96
C ASP B 389 -27.47 -44.39 2.10
N TYR B 390 -26.79 -43.25 2.04
CA TYR B 390 -25.87 -42.84 3.13
C TYR B 390 -26.03 -41.38 3.54
N PRO B 391 -27.21 -41.01 4.09
CA PRO B 391 -27.48 -39.60 4.42
C PRO B 391 -26.60 -39.10 5.56
N LEU B 392 -26.32 -39.96 6.53
CA LEU B 392 -25.52 -39.54 7.65
C LEU B 392 -24.06 -39.32 7.26
N GLU B 393 -23.52 -40.17 6.39
CA GLU B 393 -22.09 -40.05 5.99
C GLU B 393 -21.84 -38.86 5.06
N ALA B 394 -22.87 -38.49 4.31
CA ALA B 394 -22.85 -37.31 3.47
C ALA B 394 -22.72 -36.05 4.30
N VAL B 395 -23.41 -35.99 5.44
CA VAL B 395 -23.31 -34.84 6.31
C VAL B 395 -21.92 -34.78 6.92
N ARG B 396 -21.34 -35.92 7.27
CA ARG B 396 -20.06 -35.93 7.94
C ARG B 396 -18.90 -35.57 7.03
N MET B 397 -18.98 -35.98 5.77
CA MET B 397 -17.99 -35.62 4.76
C MET B 397 -18.06 -34.15 4.38
N GLN B 398 -19.28 -33.64 4.20
CA GLN B 398 -19.49 -32.22 3.94
C GLN B 398 -18.88 -31.38 5.06
N HIS B 399 -18.94 -31.85 6.30
CA HIS B 399 -18.24 -31.21 7.41
C HIS B 399 -16.72 -31.36 7.26
N LEU B 400 -16.26 -32.59 6.99
CA LEU B 400 -14.83 -32.88 6.77
C LEU B 400 -14.18 -32.01 5.70
N ILE B 401 -14.88 -31.86 4.58
CA ILE B 401 -14.37 -31.08 3.46
C ILE B 401 -14.34 -29.63 3.87
N ALA B 402 -15.47 -29.11 4.33
CA ALA B 402 -15.53 -27.71 4.74
C ALA B 402 -14.55 -27.37 5.85
N ARG B 403 -14.17 -28.36 6.66
CA ARG B 403 -13.14 -28.20 7.70
C ARG B 403 -11.77 -28.02 7.07
N GLU B 404 -11.46 -28.86 6.08
CA GLU B 404 -10.14 -28.82 5.41
C GLU B 404 -9.97 -27.53 4.61
N ALA B 405 -11.05 -27.05 3.97
CA ALA B 405 -10.97 -25.85 3.19
C ALA B 405 -10.55 -24.65 4.02
N GLU B 406 -10.88 -24.61 5.30
CA GLU B 406 -10.48 -23.47 6.12
C GLU B 406 -8.95 -23.38 6.30
N ALA B 407 -8.25 -24.50 6.22
CA ALA B 407 -6.77 -24.46 6.19
C ALA B 407 -6.24 -23.65 4.99
N ALA B 408 -6.88 -23.84 3.84
CA ALA B 408 -6.50 -23.14 2.62
C ALA B 408 -6.94 -21.69 2.58
N ILE B 409 -7.86 -21.27 3.43
CA ILE B 409 -8.33 -19.89 3.41
C ILE B 409 -7.30 -18.95 4.03
N TYR B 410 -7.04 -17.86 3.31
CA TYR B 410 -6.16 -16.78 3.74
C TYR B 410 -6.98 -15.55 4.16
N HIS B 411 -7.15 -15.40 5.47
CA HIS B 411 -8.14 -14.48 6.06
C HIS B 411 -7.80 -12.99 5.97
N LEU B 412 -6.53 -12.67 6.20
CA LEU B 412 -6.10 -11.26 6.32
C LEU B 412 -6.35 -10.47 5.02
N GLN B 413 -6.22 -11.14 3.88
CA GLN B 413 -6.50 -10.54 2.56
C GLN B 413 -7.99 -10.27 2.35
N LEU B 414 -8.83 -11.27 2.65
CA LEU B 414 -10.31 -11.12 2.58
C LEU B 414 -10.77 -9.85 3.33
N PHE B 415 -10.30 -9.69 4.57
CA PHE B 415 -10.67 -8.54 5.41
C PHE B 415 -10.17 -7.17 4.90
N GLU B 416 -8.87 -7.09 4.59
CA GLU B 416 -8.25 -5.85 4.12
C GLU B 416 -8.86 -5.36 2.80
N GLU B 417 -9.19 -6.30 1.91
CA GLU B 417 -9.90 -5.99 0.66
C GLU B 417 -11.30 -5.52 0.91
N LEU B 418 -12.03 -6.24 1.78
CA LEU B 418 -13.41 -5.89 2.14
C LEU B 418 -13.52 -4.54 2.87
N ARG B 419 -12.51 -4.20 3.67
CA ARG B 419 -12.42 -2.90 4.33
C ARG B 419 -12.20 -1.76 3.33
N ARG B 420 -11.24 -1.94 2.42
CA ARG B 420 -10.94 -0.94 1.39
C ARG B 420 -12.09 -0.69 0.39
N LEU B 421 -12.83 -1.74 0.02
CA LEU B 421 -14.04 -1.61 -0.86
C LEU B 421 -15.30 -1.13 -0.14
N ALA B 422 -15.32 -1.15 1.20
CA ALA B 422 -16.48 -0.75 1.98
C ALA B 422 -16.72 0.75 1.84
N PRO B 423 -17.98 1.17 1.55
CA PRO B 423 -18.26 2.59 1.35
C PRO B 423 -18.15 3.36 2.67
N ILE B 424 -17.32 4.40 2.71
CA ILE B 424 -16.95 5.09 3.98
C ILE B 424 -18.10 5.88 4.65
N THR B 425 -19.05 5.12 5.22
CA THR B 425 -20.09 5.62 6.13
C THR B 425 -19.44 5.99 7.47
N SER B 426 -20.05 6.94 8.17
CA SER B 426 -19.79 7.16 9.58
C SER B 426 -21.02 6.72 10.45
N ASP B 427 -21.84 5.81 9.91
CA ASP B 427 -22.80 5.06 10.71
C ASP B 427 -22.09 4.28 11.83
N PRO B 428 -22.39 4.59 13.10
CA PRO B 428 -21.65 4.01 14.24
C PRO B 428 -21.50 2.50 14.27
N THR B 429 -22.52 1.76 13.81
CA THR B 429 -22.47 0.30 13.86
C THR B 429 -21.45 -0.30 12.90
N GLU B 430 -21.40 0.21 11.66
CA GLU B 430 -20.42 -0.24 10.65
C GLU B 430 -19.01 0.11 11.11
N ALA B 431 -18.85 1.31 11.65
CA ALA B 431 -17.57 1.78 12.19
C ALA B 431 -17.03 0.86 13.29
N THR B 432 -17.92 0.49 14.20
CA THR B 432 -17.59 -0.43 15.27
C THR B 432 -17.35 -1.87 14.76
N ALA B 433 -18.16 -2.35 13.82
CA ALA B 433 -17.96 -3.69 13.24
C ALA B 433 -16.58 -3.86 12.62
N VAL B 434 -16.15 -2.85 11.86
CA VAL B 434 -14.81 -2.80 11.30
C VAL B 434 -13.73 -2.91 12.38
N GLY B 435 -13.74 -1.97 13.32
CA GLY B 435 -12.76 -1.96 14.41
C GLY B 435 -12.67 -3.26 15.19
N ALA B 436 -13.82 -3.92 15.34
CA ALA B 436 -13.93 -5.20 16.03
C ALA B 436 -13.18 -6.28 15.28
N VAL B 437 -13.38 -6.34 13.97
CA VAL B 437 -12.68 -7.30 13.15
C VAL B 437 -11.19 -6.96 13.14
N GLU B 438 -10.86 -5.69 12.94
CA GLU B 438 -9.48 -5.20 12.96
C GLU B 438 -8.78 -5.64 14.24
N ALA B 439 -9.40 -5.35 15.39
CA ALA B 439 -8.90 -5.77 16.68
C ALA B 439 -8.81 -7.29 16.84
N SER B 440 -9.72 -8.03 16.20
CA SER B 440 -9.73 -9.50 16.29
C SER B 440 -8.49 -10.16 15.74
N PHE B 441 -7.84 -9.52 14.77
CA PHE B 441 -6.55 -9.99 14.26
C PHE B 441 -5.41 -9.58 15.19
N LYS B 442 -5.41 -8.32 15.62
CA LYS B 442 -4.32 -7.79 16.45
C LYS B 442 -4.25 -8.45 17.83
N CYS B 443 -5.16 -8.15 18.76
CA CYS B 443 -5.13 -8.76 20.13
C CYS B 443 -5.56 -10.26 20.10
N CYS B 444 -4.73 -11.05 19.38
CA CYS B 444 -4.96 -12.40 18.70
C CYS B 444 -6.28 -13.21 18.94
N SER B 445 -7.39 -12.51 18.77
CA SER B 445 -8.59 -12.79 19.52
C SER B 445 -9.23 -14.14 19.24
N GLY B 446 -9.76 -14.73 20.30
CA GLY B 446 -10.42 -16.02 20.25
C GLY B 446 -11.84 -15.95 19.77
N ALA B 447 -12.47 -14.76 19.88
CA ALA B 447 -13.80 -14.54 19.33
C ALA B 447 -14.16 -13.06 19.19
N ILE B 448 -15.28 -12.81 18.50
CA ILE B 448 -16.01 -11.55 18.58
C ILE B 448 -17.42 -11.92 19.04
N ILE B 449 -17.81 -11.46 20.23
CA ILE B 449 -19.12 -11.74 20.82
C ILE B 449 -20.05 -10.56 20.55
N VAL B 450 -21.14 -10.81 19.84
CA VAL B 450 -22.10 -9.77 19.50
C VAL B 450 -23.44 -10.04 20.18
N LEU B 451 -23.86 -9.12 21.06
CA LEU B 451 -25.20 -9.17 21.63
C LEU B 451 -26.14 -8.53 20.62
N THR B 452 -26.99 -9.34 20.00
CA THR B 452 -27.84 -8.91 18.89
C THR B 452 -29.24 -9.50 18.94
N LYS B 453 -30.23 -8.66 18.73
CA LYS B 453 -31.63 -9.10 18.83
C LYS B 453 -32.09 -9.67 17.51
N SER B 454 -31.91 -8.89 16.44
CA SER B 454 -32.27 -9.27 15.07
C SER B 454 -31.15 -9.95 14.28
N GLY B 455 -29.92 -9.96 14.79
CA GLY B 455 -28.78 -10.52 14.09
C GLY B 455 -27.98 -9.51 13.27
N ARG B 456 -28.66 -8.47 12.78
CA ARG B 456 -28.08 -7.42 11.91
C ARG B 456 -26.67 -7.00 12.31
N SER B 457 -26.41 -6.85 13.61
CA SER B 457 -25.08 -6.45 14.09
C SER B 457 -24.07 -7.54 13.83
N ALA B 458 -24.44 -8.78 14.16
CA ALA B 458 -23.59 -9.95 13.92
C ALA B 458 -23.32 -10.18 12.45
N HIS B 459 -24.29 -9.81 11.60
CA HIS B 459 -24.10 -9.89 10.15
C HIS B 459 -23.10 -8.84 9.69
N GLN B 460 -23.17 -7.63 10.22
CA GLN B 460 -22.25 -6.56 9.82
C GLN B 460 -20.80 -6.86 10.16
N VAL B 461 -20.57 -7.63 11.23
CA VAL B 461 -19.24 -8.09 11.59
C VAL B 461 -18.79 -9.18 10.61
N ALA B 462 -19.68 -10.11 10.26
CA ALA B 462 -19.36 -11.23 9.38
C ALA B 462 -19.04 -10.83 7.95
N ARG B 463 -19.60 -9.72 7.53
CA ARG B 463 -19.35 -9.15 6.21
C ARG B 463 -17.87 -8.97 6.01
N TYR B 464 -17.19 -8.53 7.07
CA TYR B 464 -15.76 -8.26 7.04
C TYR B 464 -14.86 -9.50 7.29
N ARG B 465 -15.41 -10.70 7.39
CA ARG B 465 -14.62 -11.95 7.34
CA ARG B 465 -14.62 -11.95 7.34
C ARG B 465 -13.47 -12.04 8.36
N PRO B 466 -13.79 -12.00 9.66
CA PRO B 466 -12.73 -12.26 10.64
C PRO B 466 -12.37 -13.72 10.66
N ARG B 467 -11.14 -14.04 11.08
CA ARG B 467 -10.80 -15.45 11.28
C ARG B 467 -11.51 -15.99 12.51
N ALA B 468 -11.68 -15.10 13.49
CA ALA B 468 -12.21 -15.49 14.77
C ALA B 468 -13.68 -15.86 14.63
N PRO B 469 -14.16 -16.81 15.46
CA PRO B 469 -15.58 -17.11 15.41
C PRO B 469 -16.40 -15.91 15.90
N ILE B 470 -17.54 -15.64 15.27
CA ILE B 470 -18.44 -14.59 15.73
C ILE B 470 -19.56 -15.24 16.53
N ILE B 471 -19.53 -15.09 17.84
CA ILE B 471 -20.57 -15.66 18.69
C ILE B 471 -21.74 -14.66 18.80
N ALA B 472 -22.82 -14.93 18.08
CA ALA B 472 -24.01 -14.08 18.12
C ALA B 472 -24.88 -14.56 19.25
N VAL B 473 -25.03 -13.74 20.29
CA VAL B 473 -25.85 -14.07 21.45
C VAL B 473 -27.18 -13.36 21.27
N THR B 474 -28.25 -14.13 21.16
CA THR B 474 -29.59 -13.59 20.92
C THR B 474 -30.63 -14.32 21.77
N ARG B 475 -31.68 -13.60 22.14
CA ARG B 475 -32.84 -14.18 22.83
C ARG B 475 -33.92 -14.60 21.84
N ASN B 476 -33.95 -13.98 20.65
CA ASN B 476 -34.87 -14.34 19.58
C ASN B 476 -34.43 -15.66 18.92
N PRO B 477 -35.25 -16.73 18.98
CA PRO B 477 -34.81 -18.00 18.42
C PRO B 477 -34.78 -18.02 16.91
N GLN B 478 -35.63 -17.24 16.26
CA GLN B 478 -35.57 -17.09 14.80
C GLN B 478 -34.27 -16.43 14.40
N THR B 479 -33.83 -15.43 15.16
CA THR B 479 -32.54 -14.79 14.90
C THR B 479 -31.40 -15.81 14.99
N ALA B 480 -31.46 -16.67 16.00
CA ALA B 480 -30.44 -17.69 16.18
C ALA B 480 -30.45 -18.69 15.06
N ARG B 481 -31.63 -19.02 14.54
CA ARG B 481 -31.74 -19.95 13.42
C ARG B 481 -31.23 -19.37 12.10
N GLN B 482 -31.68 -18.16 11.78
CA GLN B 482 -31.31 -17.47 10.55
C GLN B 482 -29.81 -17.15 10.47
N ALA B 483 -29.16 -16.96 11.62
CA ALA B 483 -27.72 -16.71 11.68
C ALA B 483 -26.86 -17.69 10.88
N HIS B 484 -27.27 -18.95 10.74
CA HIS B 484 -26.43 -19.95 10.06
C HIS B 484 -26.09 -19.64 8.61
N LEU B 485 -26.95 -18.87 7.93
CA LEU B 485 -26.72 -18.39 6.57
C LEU B 485 -25.43 -17.62 6.40
N TYR B 486 -24.91 -17.02 7.47
CA TYR B 486 -23.67 -16.26 7.42
C TYR B 486 -22.45 -17.09 7.80
N ARG B 487 -21.33 -16.78 7.16
CA ARG B 487 -20.10 -17.50 7.36
C ARG B 487 -19.47 -17.06 8.66
N GLY B 488 -19.05 -18.02 9.48
CA GLY B 488 -18.32 -17.69 10.69
C GLY B 488 -19.15 -17.11 11.85
N ILE B 489 -20.47 -16.99 11.70
CA ILE B 489 -21.33 -16.74 12.84
C ILE B 489 -21.64 -18.07 13.53
N PHE B 490 -21.40 -18.14 14.83
CA PHE B 490 -21.79 -19.27 15.66
C PHE B 490 -22.87 -18.72 16.58
N PRO B 491 -24.14 -19.01 16.29
CA PRO B 491 -25.20 -18.44 17.14
C PRO B 491 -25.42 -19.25 18.42
N VAL B 492 -25.80 -18.55 19.49
CA VAL B 492 -26.21 -19.16 20.79
C VAL B 492 -27.52 -18.49 21.26
N LEU B 493 -28.38 -19.28 21.92
CA LEU B 493 -29.70 -18.82 22.34
C LEU B 493 -29.79 -18.63 23.89
N LYS B 495 -31.64 -18.10 27.09
CA LYS B 495 -32.98 -18.41 27.63
C LYS B 495 -33.25 -17.86 29.05
N ASP B 496 -32.20 -17.57 29.83
CA ASP B 496 -32.33 -16.81 31.11
C ASP B 496 -33.11 -15.52 30.78
N PRO B 497 -34.16 -15.18 31.57
CA PRO B 497 -34.87 -13.95 31.22
C PRO B 497 -34.17 -12.68 31.68
N VAL B 498 -34.74 -11.54 31.34
CA VAL B 498 -34.03 -10.26 31.37
C VAL B 498 -33.93 -9.72 32.82
N GLN B 499 -32.73 -9.33 33.26
CA GLN B 499 -32.56 -8.59 34.54
C GLN B 499 -32.82 -7.11 34.28
N GLU B 500 -33.48 -6.44 35.23
CA GLU B 500 -33.86 -5.01 35.09
C GLU B 500 -32.63 -4.13 34.83
N ALA B 501 -31.55 -4.38 35.56
CA ALA B 501 -30.31 -3.62 35.38
C ALA B 501 -29.73 -3.98 34.02
N TRP B 502 -29.55 -2.97 33.17
CA TRP B 502 -29.11 -3.21 31.80
C TRP B 502 -27.75 -3.89 31.77
N ALA B 503 -26.77 -3.26 32.43
CA ALA B 503 -25.39 -3.75 32.39
C ALA B 503 -25.20 -5.14 32.98
N GLU B 504 -26.11 -5.55 33.88
CA GLU B 504 -26.11 -6.90 34.45
C GLU B 504 -26.58 -7.91 33.43
N ASP B 505 -27.68 -7.57 32.74
CA ASP B 505 -28.19 -8.38 31.64
C ASP B 505 -27.09 -8.63 30.64
N VAL B 506 -26.42 -7.55 30.25
CA VAL B 506 -25.30 -7.59 29.30
C VAL B 506 -24.20 -8.51 29.79
N ASP B 507 -23.77 -8.32 31.04
CA ASP B 507 -22.71 -9.17 31.63
C ASP B 507 -23.09 -10.64 31.72
N LEU B 508 -24.38 -10.91 31.96
CA LEU B 508 -24.89 -12.27 32.01
C LEU B 508 -24.82 -12.95 30.64
N ARG B 509 -25.24 -12.22 29.59
CA ARG B 509 -25.14 -12.74 28.23
C ARG B 509 -23.70 -12.92 27.80
N VAL B 510 -22.86 -11.93 28.05
CA VAL B 510 -21.44 -12.06 27.75
C VAL B 510 -20.91 -13.31 28.44
N ASN B 511 -21.24 -13.48 29.72
CA ASN B 511 -20.77 -14.65 30.47
C ASN B 511 -21.29 -15.98 29.88
N PHE B 512 -22.51 -15.97 29.35
CA PHE B 512 -23.05 -17.14 28.65
C PHE B 512 -22.15 -17.52 27.46
N ALA B 513 -21.85 -16.53 26.61
CA ALA B 513 -20.94 -16.73 25.46
C ALA B 513 -19.52 -17.15 25.84
N MET B 514 -19.04 -16.65 26.97
CA MET B 514 -17.75 -17.06 27.55
C MET B 514 -17.79 -18.54 27.93
N ASN B 515 -18.90 -18.97 28.53
CA ASN B 515 -19.06 -20.38 28.88
C ASN B 515 -19.10 -21.25 27.62
N VAL B 516 -19.92 -20.84 26.64
CA VAL B 516 -20.08 -21.59 25.39
C VAL B 516 -18.75 -21.72 24.68
N GLY B 517 -18.03 -20.60 24.58
CA GLY B 517 -16.72 -20.59 23.92
C GLY B 517 -15.70 -21.49 24.58
N LYS B 518 -15.55 -21.35 25.89
CA LYS B 518 -14.69 -22.23 26.66
C LYS B 518 -15.03 -23.70 26.38
N ALA B 519 -16.30 -24.05 26.53
CA ALA B 519 -16.81 -25.39 26.28
C ALA B 519 -16.62 -25.89 24.84
N ARG B 520 -16.71 -25.00 23.86
CA ARG B 520 -16.42 -25.37 22.44
C ARG B 520 -14.93 -25.36 22.07
N GLY B 521 -14.04 -25.02 22.98
CA GLY B 521 -12.62 -24.94 22.69
C GLY B 521 -12.17 -23.68 21.98
N PHE B 522 -13.07 -22.72 21.75
CA PHE B 522 -12.75 -21.48 21.00
C PHE B 522 -11.67 -20.65 21.72
N PHE B 523 -11.68 -20.74 23.06
CA PHE B 523 -10.75 -20.02 23.93
C PHE B 523 -10.74 -20.59 25.35
N LYS B 524 -9.73 -20.24 26.13
CA LYS B 524 -9.63 -20.62 27.56
C LYS B 524 -9.23 -19.39 28.38
N LYS B 525 -9.29 -19.54 29.70
CA LYS B 525 -8.97 -18.45 30.62
C LYS B 525 -7.68 -17.74 30.22
N GLY B 526 -7.69 -16.40 30.27
CA GLY B 526 -6.50 -15.61 29.98
C GLY B 526 -6.39 -15.15 28.54
N ASP B 527 -7.15 -15.78 27.62
CA ASP B 527 -7.29 -15.26 26.26
C ASP B 527 -8.08 -13.94 26.30
N VAL B 528 -8.17 -13.26 25.16
CA VAL B 528 -8.86 -11.98 25.04
C VAL B 528 -9.88 -12.06 23.91
N VAL B 529 -11.09 -11.57 24.16
CA VAL B 529 -12.13 -11.56 23.14
C VAL B 529 -12.65 -10.13 22.99
N ILE B 530 -13.36 -9.88 21.89
CA ILE B 530 -13.99 -8.59 21.62
C ILE B 530 -15.48 -8.77 21.88
N VAL B 531 -16.13 -7.74 22.41
CA VAL B 531 -17.53 -7.80 22.80
C VAL B 531 -18.23 -6.55 22.26
N LEU B 532 -19.16 -6.74 21.33
CA LEU B 532 -20.02 -5.66 20.85
C LEU B 532 -21.39 -5.63 21.54
N THR B 533 -21.80 -4.44 21.97
CA THR B 533 -23.06 -4.22 22.69
C THR B 533 -23.68 -2.90 22.25
N GLY B 534 -24.89 -2.62 22.74
CA GLY B 534 -25.43 -1.27 22.66
C GLY B 534 -24.84 -0.46 23.78
N TRP B 535 -25.16 0.84 23.84
CA TRP B 535 -24.89 1.67 25.03
C TRP B 535 -26.25 2.18 25.47
N ARG B 536 -26.70 1.76 26.64
CA ARG B 536 -28.05 1.97 27.21
C ARG B 536 -29.14 1.10 26.55
N PRO B 537 -30.29 0.93 27.24
CA PRO B 537 -31.27 -0.01 26.69
C PRO B 537 -32.11 0.52 25.53
N GLY B 538 -32.32 1.85 25.40
CA GLY B 538 -33.01 2.40 24.25
C GLY B 538 -32.21 2.52 22.95
N SER B 539 -30.92 2.18 23.01
CA SER B 539 -29.95 2.39 21.89
C SER B 539 -30.40 1.87 20.52
N GLY B 540 -30.17 2.67 19.47
CA GLY B 540 -30.40 2.24 18.07
C GLY B 540 -29.27 1.35 17.55
N PHE B 541 -28.05 1.71 17.93
CA PHE B 541 -26.80 1.19 17.39
C PHE B 541 -26.22 0.06 18.26
N THR B 542 -25.43 -0.83 17.65
CA THR B 542 -24.51 -1.69 18.38
C THR B 542 -23.15 -1.03 18.26
N ASN B 543 -22.94 0.01 19.07
CA ASN B 543 -21.79 0.93 18.89
C ASN B 543 -20.77 0.88 20.03
N THR B 544 -20.70 -0.23 20.74
CA THR B 544 -19.82 -0.32 21.90
C THR B 544 -18.91 -1.53 21.83
N MET B 545 -17.62 -1.26 21.60
CA MET B 545 -16.59 -2.30 21.43
C MET B 545 -15.82 -2.42 22.72
N ARG B 546 -15.55 -3.63 23.15
CA ARG B 546 -15.01 -3.81 24.50
C ARG B 546 -14.04 -4.97 24.53
N VAL B 547 -12.79 -4.71 24.91
CA VAL B 547 -11.76 -5.72 24.88
C VAL B 547 -11.76 -6.35 26.25
N VAL B 548 -12.07 -7.64 26.29
CA VAL B 548 -12.37 -8.33 27.53
C VAL B 548 -11.49 -9.57 27.65
N PRO B 549 -10.71 -9.70 28.74
CA PRO B 549 -10.04 -10.97 28.96
C PRO B 549 -11.02 -12.03 29.44
N VAL B 550 -10.85 -13.26 28.98
CA VAL B 550 -11.71 -14.38 29.34
C VAL B 550 -11.39 -14.75 30.79
N PRO B 551 -12.41 -14.70 31.69
CA PRO B 551 -12.13 -15.01 33.08
C PRO B 551 -12.07 -16.52 33.30
N ALA C 43 -9.24 -3.57 -11.60
CA ALA C 43 -9.33 -4.42 -10.36
C ALA C 43 -8.17 -4.14 -9.41
N ASP C 44 -8.36 -3.24 -8.46
CA ASP C 44 -7.36 -2.95 -7.43
C ASP C 44 -7.32 -4.03 -6.33
N THR C 45 -8.44 -4.73 -6.15
CA THR C 45 -8.59 -5.86 -5.19
C THR C 45 -8.98 -7.15 -5.93
N PHE C 46 -8.68 -8.30 -5.33
CA PHE C 46 -9.08 -9.62 -5.89
C PHE C 46 -10.60 -9.80 -5.90
N LEU C 47 -11.28 -9.32 -4.85
CA LEU C 47 -12.73 -9.38 -4.79
C LEU C 47 -13.38 -8.56 -5.91
N GLU C 48 -12.87 -7.37 -6.21
CA GLU C 48 -13.36 -6.52 -7.34
C GLU C 48 -13.06 -7.15 -8.72
N HIS C 49 -11.99 -7.94 -8.81
CA HIS C 49 -11.67 -8.75 -10.00
C HIS C 49 -12.72 -9.86 -10.27
N MET C 50 -13.32 -10.39 -9.18
CA MET C 50 -14.43 -11.37 -9.25
C MET C 50 -15.80 -10.71 -9.52
N CYS C 51 -16.06 -9.57 -8.89
CA CYS C 51 -17.31 -8.81 -9.10
C CYS C 51 -17.43 -8.19 -10.51
N ARG C 52 -16.32 -7.99 -11.20
CA ARG C 52 -16.34 -7.53 -12.62
C ARG C 52 -16.67 -8.62 -13.63
N LEU C 53 -16.37 -9.88 -13.30
CA LEU C 53 -16.47 -11.02 -14.20
C LEU C 53 -17.78 -11.10 -15.00
N ASP C 54 -17.72 -10.58 -16.23
CA ASP C 54 -18.87 -10.59 -17.13
C ASP C 54 -18.82 -11.80 -18.03
N ILE C 55 -19.81 -12.67 -17.89
CA ILE C 55 -19.88 -13.94 -18.63
C ILE C 55 -20.48 -13.74 -20.05
N ASP C 56 -21.15 -12.60 -20.27
CA ASP C 56 -21.77 -12.29 -21.56
C ASP C 56 -20.78 -11.67 -22.57
N SER C 57 -19.82 -10.87 -22.08
CA SER C 57 -18.77 -10.32 -22.96
C SER C 57 -17.77 -11.44 -23.34
N PRO C 58 -17.27 -11.41 -24.61
CA PRO C 58 -16.49 -12.53 -25.16
C PRO C 58 -15.13 -12.75 -24.45
N PRO C 59 -14.49 -13.93 -24.63
CA PRO C 59 -13.29 -14.25 -23.82
C PRO C 59 -12.02 -13.52 -24.31
N ILE C 60 -11.99 -12.19 -24.14
CA ILE C 60 -11.00 -11.29 -24.79
C ILE C 60 -9.55 -11.69 -24.53
N THR C 61 -9.23 -12.02 -23.27
CA THR C 61 -7.90 -12.46 -22.88
C THR C 61 -7.54 -13.77 -23.61
N ALA C 62 -6.30 -13.86 -24.11
CA ALA C 62 -5.79 -15.08 -24.80
C ALA C 62 -5.31 -16.09 -23.79
N ARG C 63 -5.31 -17.35 -24.20
CA ARG C 63 -4.94 -18.47 -23.35
C ARG C 63 -3.46 -18.39 -23.03
N ASN C 64 -3.08 -18.78 -21.81
CA ASN C 64 -1.71 -18.53 -21.32
C ASN C 64 -1.00 -19.72 -20.67
N THR C 65 -1.64 -20.89 -20.70
CA THR C 65 -1.10 -22.12 -20.10
C THR C 65 -0.90 -23.18 -21.19
N GLY C 66 0.14 -24.00 -21.08
CA GLY C 66 0.39 -25.04 -22.08
C GLY C 66 -0.69 -26.11 -22.11
N ILE C 67 -0.86 -26.73 -23.28
CA ILE C 67 -1.77 -27.87 -23.44
C ILE C 67 -0.94 -29.08 -23.85
N ILE C 68 -1.08 -30.17 -23.12
CA ILE C 68 -0.36 -31.39 -23.42
C ILE C 68 -1.41 -32.44 -23.78
N CYS C 69 -1.30 -33.05 -24.96
CA CYS C 69 -2.22 -34.11 -25.38
C CYS C 69 -1.50 -35.43 -25.55
N THR C 70 -2.17 -36.50 -25.13
CA THR C 70 -1.63 -37.83 -25.22
C THR C 70 -1.99 -38.35 -26.59
N ILE C 71 -0.98 -38.67 -27.38
CA ILE C 71 -1.21 -39.20 -28.72
C ILE C 71 -1.36 -40.71 -28.62
N GLY C 72 -2.24 -41.23 -29.48
CA GLY C 72 -2.59 -42.66 -29.51
C GLY C 72 -3.52 -42.93 -30.70
N PRO C 73 -4.07 -44.16 -30.80
CA PRO C 73 -4.99 -44.58 -31.87
C PRO C 73 -5.83 -43.51 -32.57
N ALA C 74 -6.49 -42.65 -31.81
CA ALA C 74 -7.45 -41.71 -32.39
C ALA C 74 -6.86 -40.36 -32.82
N SER C 75 -5.58 -40.13 -32.51
CA SER C 75 -4.93 -38.83 -32.74
C SER C 75 -3.54 -38.93 -33.36
N ARG C 76 -3.26 -40.06 -33.99
CA ARG C 76 -1.90 -40.45 -34.40
C ARG C 76 -1.62 -40.13 -35.87
N SER C 77 -2.68 -39.99 -36.67
CA SER C 77 -2.60 -39.58 -38.07
C SER C 77 -2.10 -38.15 -38.22
N VAL C 78 -1.44 -37.89 -39.34
CA VAL C 78 -0.88 -36.57 -39.62
C VAL C 78 -1.99 -35.52 -39.74
N GLU C 79 -3.12 -35.91 -40.34
CA GLU C 79 -4.22 -34.98 -40.61
CA GLU C 79 -4.23 -34.96 -40.59
C GLU C 79 -4.86 -34.50 -39.29
N THR C 80 -4.99 -35.43 -38.33
CA THR C 80 -5.53 -35.10 -37.01
C THR C 80 -4.52 -34.21 -36.26
N LEU C 81 -3.28 -34.70 -36.10
CA LEU C 81 -2.21 -33.96 -35.43
C LEU C 81 -2.15 -32.52 -35.92
N LYS C 82 -2.19 -32.35 -37.23
CA LYS C 82 -2.34 -31.02 -37.84
C LYS C 82 -3.47 -30.21 -37.20
N GLU C 83 -4.65 -30.81 -37.11
CA GLU C 83 -5.83 -30.10 -36.56
C GLU C 83 -5.75 -29.80 -35.08
N MET C 84 -5.06 -30.68 -34.35
CA MET C 84 -4.82 -30.48 -32.92
C MET C 84 -3.79 -29.40 -32.67
N ILE C 85 -2.78 -29.32 -33.53
CA ILE C 85 -1.77 -28.27 -33.44
C ILE C 85 -2.37 -26.90 -33.70
N LYS C 86 -3.24 -26.79 -34.70
CA LYS C 86 -3.99 -25.55 -34.95
C LYS C 86 -4.86 -25.15 -33.75
N SER C 87 -5.61 -26.11 -33.24
CA SER C 87 -6.51 -25.88 -32.11
C SER C 87 -5.80 -25.73 -30.75
N GLY C 88 -4.48 -25.92 -30.70
CA GLY C 88 -3.68 -25.50 -29.55
C GLY C 88 -2.76 -26.48 -28.87
N MET C 89 -2.62 -27.69 -29.40
CA MET C 89 -1.70 -28.67 -28.78
C MET C 89 -0.32 -28.02 -28.78
N ASN C 90 0.38 -28.13 -27.65
CA ASN C 90 1.73 -27.60 -27.52
C ASN C 90 2.79 -28.66 -27.29
N VAL C 91 2.40 -29.83 -26.78
CA VAL C 91 3.32 -30.90 -26.43
C VAL C 91 2.64 -32.23 -26.72
N ALA C 92 3.30 -33.12 -27.43
CA ALA C 92 2.76 -34.46 -27.70
C ALA C 92 3.28 -35.45 -26.68
N ARG C 93 2.37 -36.11 -25.96
CA ARG C 93 2.72 -37.11 -24.95
C ARG C 93 2.59 -38.53 -25.47
N LEU C 94 3.66 -39.30 -25.30
CA LEU C 94 3.68 -40.70 -25.70
C LEU C 94 3.78 -41.60 -24.46
N ASN C 95 2.77 -42.44 -24.29
CA ASN C 95 2.65 -43.33 -23.17
C ASN C 95 3.35 -44.67 -23.46
N PHE C 96 4.56 -44.81 -22.93
CA PHE C 96 5.37 -46.04 -23.15
C PHE C 96 4.98 -47.20 -22.23
N SER C 97 3.86 -47.09 -21.53
CA SER C 97 3.23 -48.25 -20.90
C SER C 97 2.73 -49.22 -21.95
N HIS C 98 2.42 -48.72 -23.16
CA HIS C 98 2.00 -49.56 -24.28
C HIS C 98 2.76 -49.30 -25.56
N GLY C 99 2.65 -50.25 -26.48
CA GLY C 99 3.23 -50.14 -27.81
C GLY C 99 4.72 -50.41 -27.83
N THR C 100 5.21 -50.81 -29.01
CA THR C 100 6.62 -51.13 -29.22
C THR C 100 7.38 -49.86 -29.62
N HIS C 101 8.72 -49.95 -29.64
CA HIS C 101 9.54 -48.79 -30.06
C HIS C 101 9.23 -48.37 -31.49
N GLU C 102 9.05 -49.37 -32.36
CA GLU C 102 8.66 -49.17 -33.75
C GLU C 102 7.39 -48.33 -33.85
N TYR C 103 6.38 -48.68 -33.04
CA TYR C 103 5.08 -47.98 -33.04
C TYR C 103 5.28 -46.49 -32.74
N HIS C 104 5.99 -46.21 -31.65
CA HIS C 104 6.21 -44.85 -31.18
C HIS C 104 7.07 -44.03 -32.13
N ALA C 105 8.13 -44.64 -32.66
CA ALA C 105 8.95 -44.00 -33.69
C ALA C 105 8.07 -43.39 -34.78
N GLU C 106 7.05 -44.14 -35.23
CA GLU C 106 6.12 -43.66 -36.26
C GLU C 106 5.24 -42.54 -35.73
N THR C 107 4.71 -42.69 -34.51
CA THR C 107 3.93 -41.63 -33.87
C THR C 107 4.76 -40.35 -33.86
N ILE C 108 6.00 -40.43 -33.40
CA ILE C 108 6.89 -39.25 -33.33
C ILE C 108 7.10 -38.64 -34.70
N LYS C 109 7.35 -39.50 -35.69
CA LYS C 109 7.57 -39.08 -37.09
C LYS C 109 6.33 -38.38 -37.67
N ASN C 110 5.15 -38.87 -37.32
CA ASN C 110 3.88 -38.22 -37.71
C ASN C 110 3.69 -36.87 -37.01
N VAL C 111 4.08 -36.77 -35.75
CA VAL C 111 3.95 -35.53 -34.99
C VAL C 111 4.77 -34.46 -35.66
N ARG C 112 6.00 -34.81 -36.03
CA ARG C 112 6.90 -33.85 -36.68
C ARG C 112 6.47 -33.46 -38.10
N THR C 113 6.04 -34.44 -38.89
CA THR C 113 5.46 -34.20 -40.21
C THR C 113 4.38 -33.13 -40.15
N ALA C 114 3.48 -33.26 -39.16
CA ALA C 114 2.33 -32.37 -39.01
C ALA C 114 2.77 -31.00 -38.53
N THR C 115 3.66 -31.01 -37.53
CA THR C 115 4.26 -29.81 -36.95
C THR C 115 4.93 -28.91 -37.99
N GLU C 116 5.74 -29.53 -38.84
CA GLU C 116 6.50 -28.81 -39.85
C GLU C 116 5.66 -28.41 -41.06
N SER C 117 4.50 -29.02 -41.27
CA SER C 117 3.56 -28.53 -42.29
C SER C 117 3.35 -27.00 -42.23
N PHE C 118 3.41 -26.43 -41.02
CA PHE C 118 3.21 -24.99 -40.81
C PHE C 118 4.48 -24.14 -40.91
N ALA C 119 5.66 -24.76 -41.11
CA ALA C 119 6.96 -24.05 -41.09
C ALA C 119 7.16 -23.10 -42.27
N SER C 120 6.48 -23.39 -43.38
CA SER C 120 6.41 -22.51 -44.55
C SER C 120 5.88 -21.08 -44.27
N ASP C 121 5.46 -20.78 -43.04
CA ASP C 121 5.22 -19.39 -42.57
C ASP C 121 5.84 -19.23 -41.18
N PRO C 122 7.10 -18.76 -41.10
CA PRO C 122 7.80 -18.73 -39.79
C PRO C 122 7.22 -17.71 -38.75
N ILE C 123 6.29 -16.86 -39.16
CA ILE C 123 5.61 -15.94 -38.26
C ILE C 123 4.53 -16.71 -37.48
N LEU C 124 3.76 -17.53 -38.19
CA LEU C 124 2.70 -18.34 -37.57
C LEU C 124 3.10 -19.76 -37.17
N TYR C 125 4.30 -20.22 -37.51
CA TYR C 125 4.78 -21.53 -37.06
C TYR C 125 4.88 -21.57 -35.57
N ARG C 126 4.33 -22.64 -34.99
CA ARG C 126 4.34 -22.88 -33.55
C ARG C 126 5.14 -24.12 -33.25
N PRO C 127 6.11 -24.04 -32.34
CA PRO C 127 6.81 -25.27 -31.97
C PRO C 127 5.87 -26.27 -31.30
N VAL C 128 6.12 -27.56 -31.54
CA VAL C 128 5.39 -28.62 -30.83
C VAL C 128 6.44 -29.49 -30.20
N ALA C 129 6.28 -29.84 -28.94
CA ALA C 129 7.25 -30.64 -28.21
C ALA C 129 6.85 -32.10 -28.19
N VAL C 130 7.80 -32.98 -27.89
CA VAL C 130 7.52 -34.41 -27.74
C VAL C 130 7.91 -34.84 -26.33
N ALA C 131 7.03 -35.61 -25.67
CA ALA C 131 7.24 -36.04 -24.30
C ALA C 131 7.16 -37.55 -24.14
N LEU C 132 8.20 -38.14 -23.56
CA LEU C 132 8.24 -39.57 -23.36
C LEU C 132 7.82 -39.86 -21.96
N ASP C 133 6.80 -40.69 -21.80
CA ASP C 133 6.23 -40.99 -20.49
C ASP C 133 6.47 -42.44 -20.11
N THR C 134 7.34 -42.66 -19.11
CA THR C 134 7.81 -44.00 -18.76
C THR C 134 6.67 -44.91 -18.23
N LYS C 135 6.90 -46.22 -18.36
CA LYS C 135 6.00 -47.22 -17.79
C LYS C 135 6.09 -47.15 -16.27
N GLY C 136 7.32 -47.23 -15.78
CA GLY C 136 7.61 -47.18 -14.35
C GLY C 136 7.49 -48.55 -13.72
N PRO C 137 7.64 -48.63 -12.39
CA PRO C 137 7.33 -49.86 -11.67
C PRO C 137 5.84 -50.13 -11.67
N GLU C 138 5.48 -51.38 -11.98
CA GLU C 138 4.09 -51.84 -12.01
C GLU C 138 4.02 -53.31 -11.59
N LEU C 238 9.83 -52.21 -5.68
CA LEU C 238 10.35 -52.22 -7.02
C LEU C 238 11.38 -51.08 -7.25
N PRO C 239 12.24 -51.22 -8.28
CA PRO C 239 13.23 -50.18 -8.55
C PRO C 239 12.63 -48.96 -9.26
N ALA C 240 13.44 -47.91 -9.39
CA ALA C 240 13.02 -46.63 -9.97
C ALA C 240 13.06 -46.65 -11.49
N VAL C 241 14.06 -47.36 -12.02
CA VAL C 241 14.25 -47.54 -13.45
C VAL C 241 14.32 -49.03 -13.76
N SER C 242 13.23 -49.59 -14.28
CA SER C 242 13.17 -51.00 -14.66
C SER C 242 14.00 -51.23 -15.91
N GLU C 243 14.41 -52.47 -16.14
CA GLU C 243 15.18 -52.82 -17.34
C GLU C 243 14.51 -52.27 -18.61
N LYS C 244 13.17 -52.27 -18.63
CA LYS C 244 12.39 -51.68 -19.74
C LYS C 244 12.59 -50.18 -19.84
N ASP C 245 12.43 -49.50 -18.71
CA ASP C 245 12.55 -48.04 -18.68
C ASP C 245 13.92 -47.57 -19.17
N ILE C 246 14.95 -48.34 -18.85
CA ILE C 246 16.30 -48.03 -19.31
C ILE C 246 16.31 -48.05 -20.83
N GLN C 247 15.67 -49.06 -21.44
CA GLN C 247 15.57 -49.10 -22.91
C GLN C 247 14.74 -47.94 -23.42
N ASP C 248 13.57 -47.73 -22.82
CA ASP C 248 12.66 -46.68 -23.30
C ASP C 248 13.31 -45.28 -23.23
N LEU C 249 14.07 -45.00 -22.18
CA LEU C 249 14.78 -43.72 -22.04
C LEU C 249 15.89 -43.50 -23.06
N LYS C 250 16.62 -44.56 -23.37
CA LYS C 250 17.70 -44.53 -24.39
C LYS C 250 17.11 -44.28 -25.77
N PHE C 251 15.94 -44.87 -26.02
CA PHE C 251 15.15 -44.60 -27.23
C PHE C 251 14.67 -43.18 -27.27
N GLY C 252 14.30 -42.65 -26.12
CA GLY C 252 13.96 -41.23 -25.99
C GLY C 252 15.10 -40.34 -26.46
N VAL C 253 16.29 -40.59 -25.95
CA VAL C 253 17.46 -39.82 -26.34
C VAL C 253 17.67 -39.97 -27.86
N GLU C 254 17.69 -41.22 -28.34
CA GLU C 254 17.78 -41.51 -29.78
C GLU C 254 16.77 -40.71 -30.62
N GLN C 255 15.51 -40.65 -30.17
CA GLN C 255 14.47 -39.96 -30.92
C GLN C 255 14.42 -38.45 -30.69
N ASP C 256 15.29 -37.91 -29.84
CA ASP C 256 15.41 -36.46 -29.62
C ASP C 256 14.15 -35.86 -28.99
N VAL C 257 13.66 -36.54 -27.96
CA VAL C 257 12.54 -36.02 -27.19
C VAL C 257 13.01 -34.80 -26.37
N ASP C 258 12.03 -33.99 -25.96
CA ASP C 258 12.27 -32.76 -25.24
C ASP C 258 12.12 -32.92 -23.74
N MET C 259 11.40 -33.95 -23.32
CA MET C 259 11.07 -34.13 -21.91
C MET C 259 10.62 -35.55 -21.59
N VAL C 260 10.99 -35.99 -20.39
CA VAL C 260 10.60 -37.27 -19.84
C VAL C 260 9.64 -37.08 -18.66
N PHE C 261 8.48 -37.73 -18.71
CA PHE C 261 7.55 -37.75 -17.61
C PHE C 261 7.80 -39.03 -16.82
N ALA C 262 8.61 -38.92 -15.77
CA ALA C 262 9.09 -40.07 -15.00
C ALA C 262 8.06 -40.54 -14.00
N SER C 263 7.61 -41.78 -14.12
CA SER C 263 6.49 -42.28 -13.33
C SER C 263 6.91 -42.82 -11.95
N PHE C 264 5.95 -42.80 -11.00
CA PHE C 264 6.12 -43.36 -9.64
C PHE C 264 7.43 -42.89 -8.98
N ILE C 265 7.62 -41.58 -8.97
CA ILE C 265 8.81 -41.00 -8.33
C ILE C 265 8.51 -40.94 -6.86
N ARG C 266 9.36 -41.60 -6.10
CA ARG C 266 9.21 -41.73 -4.67
C ARG C 266 10.18 -40.85 -3.90
N LYS C 267 11.40 -40.69 -4.40
CA LYS C 267 12.42 -39.93 -3.66
C LYS C 267 13.39 -39.28 -4.62
N ALA C 268 14.33 -38.48 -4.10
CA ALA C 268 15.26 -37.75 -4.96
C ALA C 268 16.18 -38.69 -5.73
N SER C 269 16.68 -39.72 -5.05
CA SER C 269 17.58 -40.70 -5.66
C SER C 269 16.97 -41.44 -6.86
N ASP C 270 15.63 -41.53 -6.90
CA ASP C 270 14.92 -42.01 -8.08
C ASP C 270 15.09 -41.09 -9.28
N VAL C 271 15.09 -39.79 -9.04
CA VAL C 271 15.24 -38.81 -10.11
C VAL C 271 16.64 -38.88 -10.65
N HIS C 272 17.63 -38.94 -9.76
CA HIS C 272 19.04 -38.97 -10.17
C HIS C 272 19.39 -40.22 -11.03
N GLU C 273 18.77 -41.36 -10.70
CA GLU C 273 18.87 -42.55 -11.56
C GLU C 273 18.29 -42.30 -12.98
N VAL C 274 17.20 -41.57 -13.09
CA VAL C 274 16.65 -41.25 -14.41
C VAL C 274 17.60 -40.34 -15.15
N ARG C 275 18.22 -39.41 -14.43
CA ARG C 275 19.20 -38.48 -15.01
C ARG C 275 20.39 -39.20 -15.60
N LYS C 276 20.93 -40.14 -14.83
CA LYS C 276 22.10 -40.89 -15.24
C LYS C 276 21.86 -41.70 -16.51
N VAL C 277 20.70 -42.35 -16.59
CA VAL C 277 20.34 -43.13 -17.77
C VAL C 277 20.26 -42.23 -18.99
N LEU C 278 19.60 -41.08 -18.88
CA LEU C 278 19.59 -40.11 -19.99
C LEU C 278 20.99 -39.61 -20.27
N GLY C 279 21.78 -39.46 -19.22
CA GLY C 279 23.22 -39.28 -19.32
C GLY C 279 23.65 -38.01 -20.02
N GLU C 280 24.90 -38.02 -20.47
CA GLU C 280 25.53 -36.91 -21.19
C GLU C 280 24.76 -36.49 -22.45
N LYS C 281 24.37 -37.44 -23.28
CA LYS C 281 23.78 -37.12 -24.59
C LYS C 281 22.41 -36.47 -24.47
N GLY C 282 21.66 -36.89 -23.45
CA GLY C 282 20.33 -36.35 -23.18
C GLY C 282 20.29 -35.52 -21.92
N LYS C 283 21.32 -34.72 -21.70
CA LYS C 283 21.45 -33.93 -20.46
C LYS C 283 20.56 -32.70 -20.48
N ASN C 284 20.14 -32.23 -21.66
CA ASN C 284 19.24 -31.09 -21.76
C ASN C 284 17.79 -31.51 -21.95
N ILE C 285 17.50 -32.80 -21.81
CA ILE C 285 16.12 -33.29 -21.75
C ILE C 285 15.61 -33.02 -20.37
N LYS C 286 14.41 -32.47 -20.28
CA LYS C 286 13.81 -32.06 -19.01
C LYS C 286 13.17 -33.26 -18.34
N ILE C 287 13.42 -33.44 -17.05
CA ILE C 287 12.79 -34.52 -16.29
C ILE C 287 11.64 -33.94 -15.46
N ILE C 288 10.42 -34.36 -15.78
CA ILE C 288 9.26 -34.03 -15.00
C ILE C 288 8.98 -35.25 -14.15
N SER C 289 9.11 -35.12 -12.84
CA SER C 289 8.74 -36.19 -11.92
C SER C 289 7.25 -36.22 -11.72
N LYS C 290 6.66 -37.41 -11.77
CA LYS C 290 5.26 -37.58 -11.50
C LYS C 290 5.07 -37.99 -10.06
N ILE C 291 4.20 -37.27 -9.35
CA ILE C 291 3.86 -37.60 -7.98
C ILE C 291 2.59 -38.44 -8.08
N GLU C 292 2.69 -39.72 -7.74
CA GLU C 292 1.57 -40.66 -7.88
C GLU C 292 1.16 -41.41 -6.59
N ASN C 293 1.82 -41.16 -5.46
CA ASN C 293 1.59 -41.98 -4.25
C ASN C 293 1.90 -41.19 -2.99
N HIS C 294 1.80 -41.80 -1.81
CA HIS C 294 2.00 -41.01 -0.58
C HIS C 294 3.48 -40.64 -0.38
N GLU C 295 4.38 -41.62 -0.51
CA GLU C 295 5.81 -41.31 -0.35
C GLU C 295 6.18 -40.10 -1.24
N GLY C 296 5.66 -40.09 -2.46
CA GLY C 296 5.82 -38.96 -3.36
C GLY C 296 5.50 -37.60 -2.74
N VAL C 297 4.36 -37.51 -2.05
CA VAL C 297 3.90 -36.24 -1.51
C VAL C 297 4.74 -35.86 -0.29
N ARG C 298 5.12 -36.86 0.50
CA ARG C 298 5.81 -36.60 1.78
C ARG C 298 7.20 -36.06 1.50
N ARG C 299 7.87 -36.70 0.55
CA ARG C 299 9.24 -36.36 0.15
C ARG C 299 9.27 -35.36 -1.02
N PHE C 300 8.22 -34.58 -1.21
CA PHE C 300 8.10 -33.73 -2.38
C PHE C 300 9.24 -32.73 -2.56
N ASP C 301 9.66 -32.09 -1.48
CA ASP C 301 10.67 -31.03 -1.58
C ASP C 301 11.97 -31.52 -2.18
N GLU C 302 12.41 -32.73 -1.79
CA GLU C 302 13.62 -33.30 -2.38
C GLU C 302 13.43 -33.68 -3.86
N ILE C 303 12.24 -34.17 -4.20
CA ILE C 303 11.91 -34.51 -5.56
C ILE C 303 11.89 -33.26 -6.44
N LEU C 304 11.33 -32.18 -5.95
CA LEU C 304 11.29 -30.92 -6.71
C LEU C 304 12.69 -30.36 -6.91
N GLU C 305 13.49 -30.33 -5.85
CA GLU C 305 14.86 -29.81 -5.94
C GLU C 305 15.72 -30.63 -6.89
N ALA C 306 15.38 -31.90 -7.10
CA ALA C 306 16.10 -32.80 -8.03
C ALA C 306 15.58 -32.82 -9.46
N SER C 307 14.32 -32.46 -9.65
CA SER C 307 13.66 -32.55 -10.96
C SER C 307 13.68 -31.21 -11.68
N ASP C 308 13.44 -31.26 -12.98
CA ASP C 308 13.25 -30.04 -13.77
C ASP C 308 11.86 -29.53 -13.60
N GLY C 309 10.89 -30.42 -13.43
CA GLY C 309 9.50 -30.03 -13.13
C GLY C 309 8.71 -31.14 -12.49
N ILE C 310 7.42 -30.88 -12.26
CA ILE C 310 6.56 -31.79 -11.53
C ILE C 310 5.28 -32.02 -12.30
N MET C 311 4.76 -33.25 -12.24
CA MET C 311 3.41 -33.58 -12.68
C MET C 311 2.64 -34.16 -11.50
N VAL C 312 1.42 -33.65 -11.31
CA VAL C 312 0.56 -34.02 -10.21
C VAL C 312 -0.54 -34.86 -10.82
N ALA C 313 -0.48 -36.17 -10.55
CA ALA C 313 -1.49 -37.12 -11.02
C ALA C 313 -2.58 -37.24 -9.98
N ARG C 314 -3.67 -36.50 -10.16
CA ARG C 314 -4.72 -36.36 -9.13
C ARG C 314 -5.43 -37.68 -8.83
N GLY C 315 -5.72 -38.47 -9.87
CA GLY C 315 -6.43 -39.73 -9.70
C GLY C 315 -5.63 -40.79 -8.92
N ASP C 316 -4.31 -40.84 -9.19
CA ASP C 316 -3.41 -41.78 -8.52
C ASP C 316 -3.26 -41.44 -7.03
N LEU C 317 -3.15 -40.15 -6.76
CA LEU C 317 -3.16 -39.62 -5.38
C LEU C 317 -4.50 -39.92 -4.71
N GLY C 318 -5.59 -39.63 -5.42
CA GLY C 318 -6.95 -39.98 -5.02
C GLY C 318 -7.17 -41.39 -4.51
N ILE C 319 -6.36 -42.34 -5.00
CA ILE C 319 -6.30 -43.69 -4.43
C ILE C 319 -5.36 -43.74 -3.21
N GLU C 320 -4.08 -43.39 -3.38
CA GLU C 320 -3.09 -43.51 -2.27
C GLU C 320 -3.35 -42.61 -1.03
N ILE C 321 -4.08 -41.51 -1.22
CA ILE C 321 -4.37 -40.52 -0.17
C ILE C 321 -5.90 -40.44 0.02
N PRO C 322 -6.37 -40.06 1.22
CA PRO C 322 -7.78 -39.70 1.37
C PRO C 322 -8.29 -38.68 0.35
N ALA C 323 -9.30 -39.05 -0.44
CA ALA C 323 -9.93 -38.15 -1.44
C ALA C 323 -10.13 -36.68 -0.97
N GLU C 324 -10.71 -36.46 0.19
CA GLU C 324 -10.91 -35.09 0.71
C GLU C 324 -9.64 -34.23 0.88
N LYS C 325 -8.45 -34.83 0.82
CA LYS C 325 -7.20 -34.09 1.03
C LYS C 325 -6.43 -33.78 -0.24
N VAL C 326 -6.82 -34.40 -1.37
CA VAL C 326 -6.01 -34.29 -2.60
C VAL C 326 -5.96 -32.86 -3.11
N PHE C 327 -7.08 -32.14 -3.02
CA PHE C 327 -7.12 -30.72 -3.42
C PHE C 327 -6.10 -29.84 -2.69
N LEU C 328 -5.78 -30.17 -1.43
CA LEU C 328 -4.72 -29.46 -0.71
C LEU C 328 -3.37 -29.86 -1.23
N ALA C 329 -3.21 -31.15 -1.54
CA ALA C 329 -1.95 -31.64 -2.11
C ALA C 329 -1.67 -30.91 -3.41
N GLN C 330 -2.69 -30.83 -4.26
CA GLN C 330 -2.57 -30.14 -5.53
C GLN C 330 -2.17 -28.67 -5.34
N LYS C 331 -2.80 -27.99 -4.40
CA LYS C 331 -2.52 -26.57 -4.18
C LYS C 331 -1.15 -26.35 -3.57
N MET C 332 -0.72 -27.29 -2.73
CA MET C 332 0.60 -27.23 -2.14
C MET C 332 1.70 -27.41 -3.17
N MET C 333 1.56 -28.46 -3.97
CA MET C 333 2.58 -28.83 -4.93
C MET C 333 2.70 -27.79 -6.04
N ILE C 334 1.56 -27.31 -6.53
CA ILE C 334 1.55 -26.25 -7.53
C ILE C 334 2.16 -24.97 -6.95
N GLY C 335 1.81 -24.68 -5.70
CA GLY C 335 2.35 -23.52 -5.00
C GLY C 335 3.86 -23.59 -4.90
N ARG C 336 4.39 -24.70 -4.41
CA ARG C 336 5.83 -24.82 -4.19
C ARG C 336 6.60 -24.71 -5.49
N CYS C 337 6.04 -25.29 -6.54
CA CYS C 337 6.63 -25.24 -7.88
C CYS C 337 6.65 -23.80 -8.42
N ASN C 338 5.57 -23.05 -8.26
CA ASN C 338 5.56 -21.62 -8.64
C ASN C 338 6.67 -20.82 -7.96
N ARG C 339 6.94 -21.15 -6.70
CA ARG C 339 7.90 -20.44 -5.87
C ARG C 339 9.31 -20.82 -6.24
N ALA C 340 9.53 -22.09 -6.54
CA ALA C 340 10.83 -22.57 -7.01
C ALA C 340 11.09 -22.20 -8.48
N GLY C 341 10.04 -21.82 -9.19
CA GLY C 341 10.13 -21.41 -10.55
C GLY C 341 10.35 -22.53 -11.51
N LYS C 342 9.92 -23.73 -11.13
CA LYS C 342 9.97 -24.88 -12.01
C LYS C 342 8.56 -25.15 -12.44
N PRO C 343 8.37 -25.74 -13.61
CA PRO C 343 7.01 -25.89 -14.12
C PRO C 343 6.28 -27.09 -13.52
N VAL C 344 4.95 -26.98 -13.48
CA VAL C 344 4.13 -28.02 -12.92
C VAL C 344 2.94 -28.30 -13.83
N ILE C 345 2.64 -29.58 -13.97
CA ILE C 345 1.60 -30.06 -14.88
C ILE C 345 0.47 -30.73 -14.08
N CYS C 346 -0.77 -30.53 -14.49
CA CYS C 346 -1.88 -31.25 -13.87
C CYS C 346 -2.35 -32.29 -14.82
N ALA C 347 -2.41 -33.52 -14.34
CA ALA C 347 -2.72 -34.67 -15.18
C ALA C 347 -3.83 -35.51 -14.57
N THR C 348 -4.55 -36.23 -15.44
CA THR C 348 -5.61 -37.17 -15.09
C THR C 348 -6.91 -36.46 -14.71
N GLN C 349 -8.04 -37.10 -15.06
CA GLN C 349 -9.37 -36.65 -14.64
C GLN C 349 -9.69 -35.21 -15.06
N MET C 350 -9.23 -34.81 -16.25
CA MET C 350 -9.54 -33.47 -16.72
C MET C 350 -10.88 -33.47 -17.44
N LEU C 351 -10.90 -33.91 -18.70
CA LEU C 351 -12.10 -33.94 -19.51
C LEU C 351 -12.49 -35.37 -19.95
N GLU C 352 -12.39 -36.35 -19.03
CA GLU C 352 -12.58 -37.79 -19.36
C GLU C 352 -13.95 -38.12 -19.97
N SER C 353 -14.98 -37.32 -19.68
CA SER C 353 -16.30 -37.52 -20.31
C SER C 353 -16.29 -37.32 -21.85
N MET C 354 -15.28 -36.62 -22.38
CA MET C 354 -15.11 -36.39 -23.83
C MET C 354 -14.48 -37.55 -24.60
N ILE C 355 -14.19 -38.64 -23.90
CA ILE C 355 -13.90 -39.89 -24.58
C ILE C 355 -15.12 -40.24 -25.44
N LYS C 356 -16.33 -40.13 -24.88
CA LYS C 356 -17.56 -40.46 -25.60
C LYS C 356 -18.41 -39.28 -26.07
N LYS C 357 -18.21 -38.09 -25.47
CA LYS C 357 -19.12 -36.96 -25.70
C LYS C 357 -18.35 -35.78 -26.32
N PRO C 358 -19.02 -34.97 -27.17
CA PRO C 358 -18.36 -33.84 -27.83
C PRO C 358 -18.18 -32.59 -26.97
N ARG C 359 -18.72 -32.61 -25.75
CA ARG C 359 -18.64 -31.52 -24.79
C ARG C 359 -18.47 -32.06 -23.37
N PRO C 360 -17.73 -31.33 -22.51
CA PRO C 360 -17.53 -31.81 -21.13
C PRO C 360 -18.70 -31.49 -20.22
N THR C 361 -18.60 -32.00 -18.99
CA THR C 361 -19.55 -31.66 -17.91
C THR C 361 -19.23 -30.30 -17.33
N ARG C 362 -20.19 -29.76 -16.59
CA ARG C 362 -19.99 -28.53 -15.83
C ARG C 362 -18.82 -28.66 -14.83
N ALA C 363 -18.82 -29.79 -14.12
CA ALA C 363 -17.87 -30.04 -13.04
C ALA C 363 -16.43 -30.28 -13.52
N GLU C 364 -16.28 -30.88 -14.70
CA GLU C 364 -14.96 -31.07 -15.33
C GLU C 364 -14.36 -29.72 -15.70
N GLY C 365 -15.20 -28.84 -16.23
CA GLY C 365 -14.78 -27.49 -16.61
C GLY C 365 -14.31 -26.67 -15.44
N SER C 366 -15.03 -26.77 -14.33
CA SER C 366 -14.62 -26.15 -13.09
C SER C 366 -13.32 -26.74 -12.56
N ASP C 367 -13.22 -28.06 -12.58
CA ASP C 367 -12.02 -28.76 -12.10
C ASP C 367 -10.74 -28.31 -12.82
N VAL C 368 -10.83 -28.18 -14.12
CA VAL C 368 -9.69 -27.78 -14.96
C VAL C 368 -9.34 -26.33 -14.68
N ALA C 369 -10.37 -25.50 -14.66
CA ALA C 369 -10.17 -24.08 -14.49
C ALA C 369 -9.53 -23.79 -13.14
N ASN C 370 -9.99 -24.45 -12.07
CA ASN C 370 -9.40 -24.25 -10.75
C ASN C 370 -7.96 -24.74 -10.71
N ALA C 371 -7.62 -25.77 -11.47
CA ALA C 371 -6.20 -26.19 -11.62
C ALA C 371 -5.33 -25.10 -12.27
N VAL C 372 -5.89 -24.39 -13.25
CA VAL C 372 -5.19 -23.25 -13.85
C VAL C 372 -5.00 -22.10 -12.84
N LEU C 373 -6.04 -21.79 -12.06
CA LEU C 373 -5.97 -20.71 -11.06
C LEU C 373 -5.08 -21.09 -9.92
N ASP C 374 -5.13 -22.35 -9.49
CA ASP C 374 -4.19 -22.86 -8.48
C ASP C 374 -2.78 -22.41 -8.82
N GLY C 375 -2.48 -22.37 -10.11
CA GLY C 375 -1.20 -21.87 -10.65
C GLY C 375 -0.41 -22.86 -11.49
N ALA C 376 -1.10 -23.82 -12.11
CA ALA C 376 -0.45 -24.79 -12.99
C ALA C 376 0.07 -24.08 -14.21
N ASP C 377 1.11 -24.68 -14.79
CA ASP C 377 1.72 -24.17 -16.00
C ASP C 377 1.13 -24.87 -17.21
N CYS C 378 0.91 -26.19 -17.13
CA CYS C 378 0.25 -26.94 -18.22
C CYS C 378 -0.84 -27.86 -17.70
N ILE C 379 -1.82 -28.14 -18.56
CA ILE C 379 -2.87 -29.12 -18.31
C ILE C 379 -2.63 -30.29 -19.27
N MET C 380 -2.87 -31.52 -18.80
CA MET C 380 -2.61 -32.70 -19.64
C MET C 380 -3.86 -33.55 -19.80
N LEU C 381 -4.23 -33.73 -21.07
CA LEU C 381 -5.30 -34.62 -21.46
C LEU C 381 -4.71 -36.04 -21.70
N SER C 382 -5.49 -37.06 -21.28
CA SER C 382 -5.13 -38.45 -21.40
C SER C 382 -6.07 -39.16 -22.43
N GLY C 383 -6.94 -40.09 -22.01
CA GLY C 383 -7.83 -40.79 -22.93
C GLY C 383 -8.63 -39.92 -23.89
N GLU C 384 -9.03 -38.74 -23.40
CA GLU C 384 -9.77 -37.71 -24.17
C GLU C 384 -9.29 -37.56 -25.62
N THR C 385 -7.96 -37.47 -25.77
CA THR C 385 -7.22 -37.33 -27.04
C THR C 385 -6.54 -38.62 -27.54
N ALA C 386 -6.11 -39.48 -26.63
CA ALA C 386 -5.38 -40.70 -27.01
C ALA C 386 -6.23 -41.67 -27.83
N LYS C 387 -7.37 -42.09 -27.27
CA LYS C 387 -8.25 -43.10 -27.87
C LYS C 387 -9.70 -42.69 -28.10
N GLY C 388 -10.16 -41.60 -27.47
CA GLY C 388 -11.56 -41.19 -27.55
C GLY C 388 -12.13 -40.86 -28.93
N ASP C 389 -13.46 -40.79 -28.95
CA ASP C 389 -14.22 -40.52 -30.15
C ASP C 389 -14.17 -39.05 -30.59
N TYR C 390 -13.72 -38.15 -29.71
CA TYR C 390 -13.66 -36.71 -30.05
C TYR C 390 -12.34 -36.06 -29.63
N PRO C 391 -11.21 -36.49 -30.25
CA PRO C 391 -9.90 -35.99 -29.86
C PRO C 391 -9.72 -34.52 -30.20
N LEU C 392 -10.25 -34.10 -31.33
CA LEU C 392 -10.09 -32.73 -31.75
C LEU C 392 -10.90 -31.78 -30.86
N GLU C 393 -12.11 -32.17 -30.45
CA GLU C 393 -12.97 -31.27 -29.64
C GLU C 393 -12.50 -31.15 -28.20
N ALA C 394 -11.80 -32.20 -27.73
CA ALA C 394 -11.16 -32.20 -26.43
C ALA C 394 -10.07 -31.15 -26.37
N VAL C 395 -9.29 -31.03 -27.43
CA VAL C 395 -8.25 -30.02 -27.47
C VAL C 395 -8.86 -28.62 -27.50
N ARG C 396 -9.97 -28.45 -28.21
CA ARG C 396 -10.56 -27.12 -28.36
C ARG C 396 -11.23 -26.62 -27.10
N MET C 397 -11.83 -27.54 -26.34
CA MET C 397 -12.44 -27.22 -25.04
C MET C 397 -11.40 -26.91 -23.99
N GLN C 398 -10.35 -27.72 -23.94
CA GLN C 398 -9.23 -27.47 -23.04
C GLN C 398 -8.64 -26.09 -23.28
N HIS C 399 -8.62 -25.63 -24.54
CA HIS C 399 -8.24 -24.25 -24.86
C HIS C 399 -9.30 -23.27 -24.36
N LEU C 400 -10.57 -23.55 -24.65
CA LEU C 400 -11.70 -22.70 -24.20
C LEU C 400 -11.74 -22.49 -22.69
N ILE C 401 -11.52 -23.56 -21.93
CA ILE C 401 -11.53 -23.49 -20.49
C ILE C 401 -10.33 -22.69 -20.02
N ALA C 402 -9.15 -23.07 -20.45
CA ALA C 402 -7.95 -22.35 -20.06
C ALA C 402 -7.96 -20.89 -20.48
N ARG C 403 -8.71 -20.54 -21.52
CA ARG C 403 -8.92 -19.15 -21.96
C ARG C 403 -9.77 -18.41 -20.92
N GLU C 404 -10.86 -19.04 -20.49
CA GLU C 404 -11.78 -18.42 -19.52
C GLU C 404 -11.11 -18.22 -18.16
N ALA C 405 -10.30 -19.18 -17.74
CA ALA C 405 -9.62 -19.10 -16.46
C ALA C 405 -8.75 -17.87 -16.36
N GLU C 406 -8.18 -17.40 -17.47
CA GLU C 406 -7.32 -16.22 -17.41
C GLU C 406 -8.09 -14.95 -17.04
N ALA C 407 -9.40 -14.89 -17.35
CA ALA C 407 -10.23 -13.79 -16.86
C ALA C 407 -10.24 -13.72 -15.33
N ALA C 408 -10.35 -14.89 -14.69
CA ALA C 408 -10.38 -15.00 -13.25
C ALA C 408 -9.04 -14.77 -12.58
N ILE C 409 -7.94 -14.86 -13.32
CA ILE C 409 -6.61 -14.69 -12.70
C ILE C 409 -6.34 -13.22 -12.40
N TYR C 410 -5.89 -12.99 -11.16
CA TYR C 410 -5.51 -11.67 -10.65
C TYR C 410 -3.97 -11.62 -10.56
N HIS C 411 -3.36 -10.98 -11.57
CA HIS C 411 -1.93 -11.04 -11.85
C HIS C 411 -1.05 -10.25 -10.89
N LEU C 412 -1.49 -9.06 -10.52
CA LEU C 412 -0.67 -8.14 -9.70
C LEU C 412 -0.26 -8.75 -8.34
N GLN C 413 -1.15 -9.55 -7.76
CA GLN C 413 -0.90 -10.25 -6.49
C GLN C 413 0.13 -11.37 -6.66
N LEU C 414 -0.05 -12.21 -7.68
CA LEU C 414 0.89 -13.29 -8.00
C LEU C 414 2.33 -12.75 -8.09
N PHE C 415 2.53 -11.65 -8.83
CA PHE C 415 3.85 -11.04 -9.01
C PHE C 415 4.44 -10.43 -7.72
N GLU C 416 3.67 -9.60 -7.03
CA GLU C 416 4.13 -8.93 -5.80
C GLU C 416 4.50 -9.92 -4.71
N GLU C 417 3.73 -11.01 -4.60
CA GLU C 417 4.05 -12.10 -3.67
C GLU C 417 5.29 -12.84 -4.06
N LEU C 418 5.40 -13.17 -5.35
CA LEU C 418 6.58 -13.88 -5.88
C LEU C 418 7.86 -13.06 -5.80
N ARG C 419 7.74 -11.73 -5.95
CA ARG C 419 8.88 -10.82 -5.76
C ARG C 419 9.34 -10.76 -4.30
N ARG C 420 8.39 -10.61 -3.38
CA ARG C 420 8.69 -10.55 -1.94
C ARG C 420 9.30 -11.86 -1.37
N LEU C 421 8.83 -13.02 -1.84
CA LEU C 421 9.41 -14.34 -1.46
C LEU C 421 10.73 -14.71 -2.16
N ALA C 422 11.07 -14.00 -3.25
CA ALA C 422 12.29 -14.28 -4.00
C ALA C 422 13.52 -13.88 -3.17
N PRO C 423 14.53 -14.78 -3.07
CA PRO C 423 15.72 -14.46 -2.27
C PRO C 423 16.55 -13.36 -2.94
N ILE C 424 16.81 -12.25 -2.22
CA ILE C 424 17.37 -11.02 -2.85
C ILE C 424 18.85 -11.17 -3.31
N THR C 425 19.03 -11.93 -4.41
CA THR C 425 20.29 -11.97 -5.17
C THR C 425 20.45 -10.65 -5.92
N SER C 426 21.70 -10.28 -6.16
CA SER C 426 22.04 -9.26 -7.16
C SER C 426 22.80 -9.93 -8.33
N ASP C 427 22.51 -11.21 -8.61
CA ASP C 427 22.78 -11.84 -9.91
C ASP C 427 22.06 -11.03 -11.01
N PRO C 428 22.80 -10.43 -11.96
CA PRO C 428 22.23 -9.52 -12.94
C PRO C 428 21.01 -10.00 -13.72
N THR C 429 20.92 -11.29 -14.02
CA THR C 429 19.80 -11.81 -14.81
C THR C 429 18.47 -11.78 -14.02
N GLU C 430 18.51 -12.22 -12.76
CA GLU C 430 17.33 -12.20 -11.88
C GLU C 430 16.88 -10.77 -11.64
N ALA C 431 17.84 -9.88 -11.41
CA ALA C 431 17.60 -8.45 -11.21
C ALA C 431 16.87 -7.82 -12.37
N THR C 432 17.34 -8.14 -13.58
CA THR C 432 16.72 -7.67 -14.80
C THR C 432 15.35 -8.31 -15.07
N ALA C 433 15.21 -9.61 -14.81
CA ALA C 433 13.92 -10.30 -14.97
C ALA C 433 12.82 -9.67 -14.14
N VAL C 434 13.13 -9.37 -12.88
CA VAL C 434 12.23 -8.64 -11.98
C VAL C 434 11.80 -7.30 -12.57
N GLY C 435 12.78 -6.43 -12.85
CA GLY C 435 12.50 -5.12 -13.40
C GLY C 435 11.66 -5.14 -14.67
N ALA C 436 11.88 -6.15 -15.49
CA ALA C 436 11.13 -6.37 -16.73
C ALA C 436 9.68 -6.63 -16.47
N VAL C 437 9.40 -7.50 -15.51
CA VAL C 437 8.02 -7.79 -15.13
C VAL C 437 7.41 -6.56 -14.50
N GLU C 438 8.14 -5.93 -13.58
CA GLU C 438 7.71 -4.70 -12.90
C GLU C 438 7.30 -3.66 -13.96
N ALA C 439 8.19 -3.40 -14.90
CA ALA C 439 7.93 -2.48 -16.00
C ALA C 439 6.76 -2.91 -16.90
N SER C 440 6.56 -4.21 -17.04
CA SER C 440 5.47 -4.74 -17.90
C SER C 440 4.09 -4.36 -17.42
N PHE C 441 3.93 -4.15 -16.11
CA PHE C 441 2.67 -3.64 -15.55
C PHE C 441 2.57 -2.13 -15.72
N LYS C 442 3.65 -1.42 -15.41
CA LYS C 442 3.65 0.05 -15.45
C LYS C 442 3.48 0.61 -16.87
N CYS C 443 4.50 0.54 -17.75
CA CYS C 443 4.37 1.08 -19.14
C CYS C 443 3.46 0.19 -20.03
N CYS C 444 2.17 0.13 -19.61
CA CYS C 444 1.12 -0.96 -19.82
C CYS C 444 1.33 -2.12 -20.85
N SER C 445 2.47 -2.78 -20.71
CA SER C 445 3.16 -3.37 -21.83
C SER C 445 2.43 -4.52 -22.50
N GLY C 446 2.56 -4.56 -23.82
CA GLY C 446 1.95 -5.58 -24.65
C GLY C 446 2.74 -6.87 -24.66
N ALA C 447 4.04 -6.83 -24.31
CA ALA C 447 4.85 -8.04 -24.17
C ALA C 447 6.14 -7.80 -23.41
N ILE C 448 6.82 -8.90 -23.08
CA ILE C 448 8.23 -8.92 -22.71
C ILE C 448 8.89 -9.86 -23.71
N ILE C 449 9.79 -9.33 -24.53
CA ILE C 449 10.52 -10.10 -25.55
C ILE C 449 11.88 -10.47 -25.00
N VAL C 450 12.15 -11.77 -24.90
CA VAL C 450 13.41 -12.26 -24.38
C VAL C 450 14.19 -12.98 -25.50
N LEU C 451 15.36 -12.47 -25.85
CA LEU C 451 16.28 -13.17 -26.73
C LEU C 451 17.06 -14.15 -25.88
N THR C 452 16.77 -15.45 -26.08
CA THR C 452 17.28 -16.50 -25.21
C THR C 452 17.69 -17.73 -25.99
N LYS C 453 18.89 -18.25 -25.69
CA LYS C 453 19.42 -19.37 -26.44
C LYS C 453 18.93 -20.66 -25.81
N SER C 454 19.13 -20.80 -24.51
CA SER C 454 18.69 -21.97 -23.75
C SER C 454 17.29 -21.87 -23.14
N GLY C 455 16.68 -20.69 -23.17
CA GLY C 455 15.36 -20.47 -22.54
C GLY C 455 15.43 -19.94 -21.11
N ARG C 456 16.49 -20.30 -20.40
CA ARG C 456 16.73 -19.94 -18.99
C ARG C 456 16.30 -18.53 -18.63
N SER C 457 16.59 -17.56 -19.50
CA SER C 457 16.22 -16.16 -19.25
C SER C 457 14.73 -15.98 -19.30
N ALA C 458 14.10 -16.56 -20.32
CA ALA C 458 12.65 -16.50 -20.49
C ALA C 458 11.93 -17.21 -19.34
N HIS C 459 12.55 -18.26 -18.79
CA HIS C 459 12.00 -18.95 -17.63
C HIS C 459 12.06 -18.04 -16.38
N GLN C 460 13.17 -17.34 -16.19
CA GLN C 460 13.34 -16.46 -15.03
C GLN C 460 12.35 -15.31 -15.03
N VAL C 461 11.92 -14.86 -16.21
CA VAL C 461 10.88 -13.84 -16.32
C VAL C 461 9.52 -14.45 -15.96
N ALA C 462 9.25 -15.66 -16.44
CA ALA C 462 7.95 -16.34 -16.23
C ALA C 462 7.68 -16.73 -14.80
N ARG C 463 8.75 -16.93 -14.04
CA ARG C 463 8.68 -17.24 -12.63
C ARG C 463 7.89 -16.19 -11.92
N TYR C 464 8.12 -14.95 -12.32
CA TYR C 464 7.45 -13.78 -11.71
C TYR C 464 6.06 -13.45 -12.29
N ARG C 465 5.50 -14.28 -13.16
CA ARG C 465 4.07 -14.21 -13.54
C ARG C 465 3.59 -12.83 -14.05
N PRO C 466 4.17 -12.33 -15.14
CA PRO C 466 3.62 -11.11 -15.74
C PRO C 466 2.30 -11.39 -16.41
N ARG C 467 1.45 -10.37 -16.55
CA ARG C 467 0.21 -10.53 -17.34
C ARG C 467 0.57 -10.59 -18.80
N ALA C 468 1.61 -9.86 -19.16
CA ALA C 468 1.99 -9.69 -20.54
C ALA C 468 2.53 -11.01 -21.09
N PRO C 469 2.33 -11.27 -22.39
CA PRO C 469 2.92 -12.48 -22.95
C PRO C 469 4.44 -12.37 -22.95
N ILE C 470 5.15 -13.47 -22.67
CA ILE C 470 6.60 -13.48 -22.76
C ILE C 470 6.97 -14.13 -24.09
N ILE C 471 7.43 -13.33 -25.05
CA ILE C 471 7.84 -13.86 -26.34
C ILE C 471 9.31 -14.28 -26.27
N ALA C 472 9.56 -15.58 -26.16
CA ALA C 472 10.92 -16.11 -26.13
C ALA C 472 11.39 -16.32 -27.56
N VAL C 473 12.37 -15.55 -28.00
CA VAL C 473 12.91 -15.65 -29.36
C VAL C 473 14.20 -16.44 -29.26
N THR C 474 14.23 -17.61 -29.91
CA THR C 474 15.40 -18.49 -29.88
C THR C 474 15.70 -19.07 -31.25
N ARG C 475 16.97 -19.36 -31.49
CA ARG C 475 17.39 -20.10 -32.72
C ARG C 475 17.44 -21.60 -32.47
N ASN C 476 17.64 -22.02 -31.22
CA ASN C 476 17.63 -23.42 -30.83
C ASN C 476 16.19 -23.98 -30.84
N PRO C 477 15.89 -24.98 -31.70
CA PRO C 477 14.52 -25.46 -31.77
C PRO C 477 14.08 -26.28 -30.56
N GLN C 478 15.02 -26.95 -29.90
CA GLN C 478 14.70 -27.62 -28.65
C GLN C 478 14.31 -26.61 -27.58
N THR C 479 15.01 -25.49 -27.54
CA THR C 479 14.66 -24.43 -26.60
C THR C 479 13.22 -23.93 -26.85
N ALA C 480 12.88 -23.76 -28.12
CA ALA C 480 11.55 -23.31 -28.49
C ALA C 480 10.50 -24.30 -28.13
N ARG C 481 10.81 -25.58 -28.25
CA ARG C 481 9.85 -26.64 -27.89
C ARG C 481 9.64 -26.76 -26.38
N GLN C 482 10.73 -26.81 -25.63
CA GLN C 482 10.69 -26.95 -24.19
C GLN C 482 10.01 -25.78 -23.48
N ALA C 483 10.10 -24.58 -24.08
CA ALA C 483 9.45 -23.39 -23.52
C ALA C 483 7.98 -23.55 -23.13
N HIS C 484 7.23 -24.41 -23.81
CA HIS C 484 5.79 -24.53 -23.53
C HIS C 484 5.44 -24.98 -22.11
N LEU C 485 6.35 -25.71 -21.45
CA LEU C 485 6.22 -26.11 -20.04
C LEU C 485 5.99 -24.95 -19.09
N TYR C 486 6.43 -23.75 -19.46
CA TYR C 486 6.27 -22.57 -18.62
C TYR C 486 5.03 -21.75 -18.99
N ARG C 487 4.43 -21.16 -17.96
CA ARG C 487 3.21 -20.40 -18.12
C ARG C 487 3.50 -19.05 -18.74
N GLY C 488 2.73 -18.66 -19.73
CA GLY C 488 2.88 -17.33 -20.33
C GLY C 488 4.08 -17.10 -21.22
N ILE C 489 4.91 -18.10 -21.45
CA ILE C 489 5.93 -18.05 -22.51
C ILE C 489 5.28 -18.42 -23.83
N PHE C 490 5.43 -17.56 -24.83
CA PHE C 490 5.02 -17.83 -26.19
C PHE C 490 6.32 -17.91 -26.97
N PRO C 491 6.81 -19.13 -27.29
CA PRO C 491 8.09 -19.20 -27.99
C PRO C 491 7.95 -19.00 -29.49
N VAL C 492 8.98 -18.43 -30.11
CA VAL C 492 9.12 -18.26 -31.58
C VAL C 492 10.51 -18.71 -32.03
N LEU C 493 10.60 -19.28 -33.24
CA LEU C 493 11.86 -19.85 -33.74
C LEU C 493 12.45 -19.00 -34.89
N LYS C 495 14.77 -18.40 -37.77
CA LYS C 495 15.45 -19.22 -38.78
C LYS C 495 16.39 -18.43 -39.73
N ASP C 496 16.22 -17.12 -39.87
CA ASP C 496 17.23 -16.24 -40.50
C ASP C 496 18.58 -16.53 -39.83
N PRO C 497 19.65 -16.74 -40.61
CA PRO C 497 20.93 -16.96 -39.91
C PRO C 497 21.58 -15.66 -39.44
N VAL C 498 22.72 -15.83 -38.78
CA VAL C 498 23.28 -14.77 -37.94
C VAL C 498 23.96 -13.68 -38.77
N GLN C 499 23.63 -12.40 -38.52
CA GLN C 499 24.40 -11.26 -39.09
C GLN C 499 25.64 -11.04 -38.23
N GLU C 500 26.79 -10.73 -38.86
CA GLU C 500 28.08 -10.60 -38.13
C GLU C 500 27.99 -9.51 -37.04
N ALA C 501 27.36 -8.38 -37.38
CA ALA C 501 27.17 -7.29 -36.44
C ALA C 501 26.19 -7.76 -35.37
N TRP C 502 26.63 -7.72 -34.11
CA TRP C 502 25.82 -8.24 -33.01
C TRP C 502 24.51 -7.49 -32.91
N ALA C 503 24.58 -6.18 -32.78
CA ALA C 503 23.38 -5.35 -32.57
C ALA C 503 22.35 -5.42 -33.70
N GLU C 504 22.82 -5.75 -34.92
CA GLU C 504 21.94 -5.97 -36.07
C GLU C 504 21.18 -7.27 -35.94
N ASP C 505 21.90 -8.32 -35.57
CA ASP C 505 21.31 -9.63 -35.28
C ASP C 505 20.20 -9.46 -34.25
N VAL C 506 20.53 -8.76 -33.18
CA VAL C 506 19.60 -8.47 -32.09
C VAL C 506 18.36 -7.74 -32.61
N ASP C 507 18.57 -6.65 -33.35
CA ASP C 507 17.47 -5.86 -33.92
C ASP C 507 16.60 -6.68 -34.88
N LEU C 508 17.21 -7.61 -35.61
CA LEU C 508 16.48 -8.47 -36.53
C LEU C 508 15.58 -9.44 -35.77
N ARG C 509 16.10 -10.05 -34.70
CA ARG C 509 15.29 -10.93 -33.85
C ARG C 509 14.19 -10.17 -33.16
N VAL C 510 14.51 -9.02 -32.58
CA VAL C 510 13.49 -8.20 -31.95
C VAL C 510 12.41 -7.89 -32.98
N ASN C 511 12.82 -7.50 -34.19
CA ASN C 511 11.85 -7.19 -35.24
C ASN C 511 10.98 -8.40 -35.64
N PHE C 512 11.57 -9.59 -35.60
CA PHE C 512 10.82 -10.83 -35.84
C PHE C 512 9.69 -10.96 -34.79
N ALA C 513 10.03 -10.84 -33.51
CA ALA C 513 9.05 -10.86 -32.41
C ALA C 513 7.98 -9.77 -32.50
N MET C 514 8.38 -8.60 -32.97
CA MET C 514 7.45 -7.50 -33.25
C MET C 514 6.45 -7.89 -34.32
N ASN C 515 6.93 -8.54 -35.38
CA ASN C 515 6.06 -9.01 -36.45
C ASN C 515 5.10 -10.08 -35.93
N VAL C 516 5.64 -11.05 -35.20
CA VAL C 516 4.84 -12.14 -34.62
C VAL C 516 3.74 -11.60 -33.72
N GLY C 517 4.14 -10.70 -32.84
CA GLY C 517 3.20 -10.10 -31.89
C GLY C 517 2.08 -9.33 -32.56
N LYS C 518 2.45 -8.44 -33.48
CA LYS C 518 1.48 -7.72 -34.29
C LYS C 518 0.49 -8.69 -34.93
N ALA C 519 1.02 -9.69 -35.64
CA ALA C 519 0.22 -10.73 -36.30
C ALA C 519 -0.63 -11.58 -35.36
N ARG C 520 -0.17 -11.85 -34.14
CA ARG C 520 -0.99 -12.56 -33.14
C ARG C 520 -1.98 -11.67 -32.36
N GLY C 521 -2.01 -10.36 -32.63
CA GLY C 521 -2.87 -9.45 -31.91
C GLY C 521 -2.37 -9.00 -30.55
N PHE C 522 -1.17 -9.42 -30.14
CA PHE C 522 -0.61 -9.09 -28.81
C PHE C 522 -0.43 -7.59 -28.60
N PHE C 523 -0.13 -6.90 -29.71
CA PHE C 523 0.08 -5.45 -29.73
C PHE C 523 0.03 -4.89 -31.16
N LYS C 524 -0.10 -3.56 -31.27
CA LYS C 524 -0.06 -2.87 -32.56
C LYS C 524 0.88 -1.67 -32.49
N LYS C 525 1.15 -1.07 -33.65
CA LYS C 525 2.05 0.08 -33.76
C LYS C 525 1.76 1.12 -32.69
N GLY C 526 2.81 1.64 -32.06
CA GLY C 526 2.66 2.70 -31.07
C GLY C 526 2.52 2.20 -29.65
N ASP C 527 2.25 0.89 -29.46
CA ASP C 527 2.35 0.28 -28.12
C ASP C 527 3.82 0.24 -27.70
N VAL C 528 4.06 -0.17 -26.46
CA VAL C 528 5.40 -0.26 -25.88
C VAL C 528 5.64 -1.67 -25.36
N VAL C 529 6.80 -2.24 -25.67
CA VAL C 529 7.15 -3.55 -25.17
C VAL C 529 8.50 -3.47 -24.46
N ILE C 530 8.81 -4.50 -23.67
CA ILE C 530 10.11 -4.62 -22.99
C ILE C 530 10.91 -5.66 -23.75
N VAL C 531 12.21 -5.45 -23.83
CA VAL C 531 13.11 -6.31 -24.61
C VAL C 531 14.31 -6.62 -23.74
N LEU C 532 14.47 -7.90 -23.38
CA LEU C 532 15.67 -8.40 -22.71
C LEU C 532 16.68 -9.03 -23.68
N THR C 533 17.95 -8.68 -23.52
CA THR C 533 19.04 -9.17 -24.37
C THR C 533 20.29 -9.36 -23.51
N GLY C 534 21.32 -9.92 -24.10
CA GLY C 534 22.65 -9.87 -23.52
C GLY C 534 23.26 -8.51 -23.85
N TRP C 535 24.43 -8.24 -23.29
CA TRP C 535 25.23 -7.08 -23.77
C TRP C 535 26.29 -7.26 -24.96
N ARG C 536 27.23 -8.14 -24.92
CA ARG C 536 28.06 -8.27 -26.10
CA ARG C 536 28.14 -8.28 -26.04
C ARG C 536 27.74 -9.62 -26.65
N PRO C 537 28.46 -10.10 -27.74
CA PRO C 537 28.19 -11.48 -28.15
C PRO C 537 28.88 -12.50 -27.22
N GLY C 538 28.19 -13.59 -26.95
CA GLY C 538 28.67 -14.59 -25.99
C GLY C 538 28.50 -14.26 -24.52
N SER C 539 27.80 -13.15 -24.21
CA SER C 539 27.38 -12.77 -22.84
C SER C 539 26.74 -13.90 -22.01
N GLY C 540 27.14 -13.99 -20.74
CA GLY C 540 26.63 -14.96 -19.79
C GLY C 540 25.29 -14.55 -19.21
N PHE C 541 25.12 -13.25 -18.99
CA PHE C 541 23.85 -12.70 -18.45
C PHE C 541 22.90 -12.24 -19.55
N THR C 542 21.60 -12.35 -19.28
CA THR C 542 20.59 -11.58 -20.03
C THR C 542 20.28 -10.37 -19.19
N ASN C 543 21.18 -9.37 -19.23
CA ASN C 543 21.18 -8.26 -18.27
C ASN C 543 20.86 -6.91 -18.91
N THR C 544 20.17 -6.90 -20.05
CA THR C 544 19.93 -5.66 -20.75
C THR C 544 18.44 -5.46 -21.05
N MET C 545 17.84 -4.50 -20.35
CA MET C 545 16.40 -4.21 -20.42
C MET C 545 16.23 -2.97 -21.29
N ARG C 546 15.27 -3.00 -22.19
CA ARG C 546 15.15 -1.95 -23.18
C ARG C 546 13.69 -1.67 -23.49
N VAL C 547 13.26 -0.43 -23.26
CA VAL C 547 11.85 -0.08 -23.44
C VAL C 547 11.73 0.42 -24.85
N VAL C 548 10.94 -0.29 -25.64
CA VAL C 548 10.91 -0.13 -27.09
C VAL C 548 9.49 0.11 -27.55
N PRO C 549 9.25 1.22 -28.29
CA PRO C 549 7.97 1.35 -28.94
C PRO C 549 7.84 0.43 -30.15
N VAL C 550 6.67 -0.14 -30.35
CA VAL C 550 6.42 -1.05 -31.47
C VAL C 550 6.38 -0.23 -32.75
N PRO C 551 7.23 -0.54 -33.74
CA PRO C 551 7.28 0.26 -34.98
C PRO C 551 6.14 -0.11 -35.94
N ALA D 43 -3.90 15.32 0.47
CA ALA D 43 -2.49 14.90 0.39
C ALA D 43 -2.34 13.39 0.68
N ASP D 44 -2.32 12.59 -0.39
CA ASP D 44 -2.06 11.16 -0.28
C ASP D 44 -0.55 10.86 -0.11
N THR D 45 0.31 11.80 -0.52
CA THR D 45 1.78 11.72 -0.33
C THR D 45 2.27 12.92 0.53
N PHE D 46 3.40 12.73 1.22
CA PHE D 46 4.05 13.81 2.00
C PHE D 46 4.55 14.95 1.10
N LEU D 47 5.07 14.64 -0.07
CA LEU D 47 5.52 15.67 -1.02
C LEU D 47 4.35 16.55 -1.49
N GLU D 48 3.20 15.94 -1.79
CA GLU D 48 1.97 16.67 -2.18
C GLU D 48 1.39 17.54 -1.03
N HIS D 49 1.62 17.09 0.22
CA HIS D 49 1.29 17.86 1.43
C HIS D 49 2.13 19.14 1.57
N MET D 50 3.37 19.11 1.06
CA MET D 50 4.27 20.29 0.98
C MET D 50 3.97 21.20 -0.21
N CYS D 51 3.69 20.62 -1.37
CA CYS D 51 3.35 21.38 -2.58
C CYS D 51 1.99 22.10 -2.50
N ARG D 52 1.10 21.67 -1.61
CA ARG D 52 -0.17 22.39 -1.34
C ARG D 52 -0.02 23.63 -0.46
N LEU D 53 1.01 23.65 0.39
CA LEU D 53 1.22 24.71 1.39
C LEU D 53 1.10 26.14 0.85
N ASP D 54 -0.10 26.70 1.03
CA ASP D 54 -0.43 28.06 0.63
C ASP D 54 -0.20 29.01 1.79
N ILE D 55 0.72 29.95 1.60
CA ILE D 55 1.11 30.89 2.65
C ILE D 55 0.13 32.08 2.77
N ASP D 56 -0.69 32.30 1.73
CA ASP D 56 -1.67 33.39 1.71
C ASP D 56 -2.98 33.05 2.44
N SER D 57 -3.42 31.78 2.35
CA SER D 57 -4.60 31.33 3.10
C SER D 57 -4.29 31.24 4.60
N PRO D 58 -5.27 31.63 5.47
CA PRO D 58 -5.02 31.79 6.92
C PRO D 58 -4.69 30.46 7.63
N PRO D 59 -4.11 30.50 8.85
CA PRO D 59 -3.69 29.26 9.52
C PRO D 59 -4.87 28.46 10.11
N ILE D 60 -5.69 27.89 9.23
CA ILE D 60 -7.02 27.30 9.58
C ILE D 60 -6.93 26.23 10.68
N THR D 61 -5.96 25.34 10.57
CA THR D 61 -5.69 24.31 11.57
C THR D 61 -5.35 24.96 12.94
N ALA D 62 -5.91 24.42 14.04
CA ALA D 62 -5.62 24.90 15.41
C ALA D 62 -4.33 24.30 15.93
N ARG D 63 -3.73 24.99 16.88
CA ARG D 63 -2.44 24.60 17.45
C ARG D 63 -2.58 23.33 18.25
N ASN D 64 -1.56 22.49 18.24
CA ASN D 64 -1.65 21.15 18.85
C ASN D 64 -0.50 20.72 19.77
N THR D 65 0.43 21.64 20.04
CA THR D 65 1.60 21.39 20.88
C THR D 65 1.60 22.32 22.09
N GLY D 66 2.05 21.85 23.24
CA GLY D 66 2.07 22.66 24.47
C GLY D 66 3.00 23.86 24.35
N ILE D 67 2.71 24.92 25.10
CA ILE D 67 3.59 26.09 25.20
C ILE D 67 4.01 26.22 26.65
N ILE D 68 5.31 26.31 26.89
CA ILE D 68 5.84 26.48 28.23
C ILE D 68 6.54 27.82 28.27
N CYS D 69 6.15 28.70 29.19
CA CYS D 69 6.80 30.01 29.36
C CYS D 69 7.49 30.13 30.69
N THR D 70 8.66 30.75 30.67
CA THR D 70 9.45 30.95 31.86
C THR D 70 8.98 32.23 32.48
N ILE D 71 8.47 32.14 33.71
CA ILE D 71 7.99 33.33 34.41
C ILE D 71 9.15 33.97 35.16
N GLY D 72 9.13 35.29 35.21
CA GLY D 72 10.19 36.11 35.82
C GLY D 72 9.78 37.59 35.83
N PRO D 73 10.71 38.50 36.18
CA PRO D 73 10.49 39.95 36.23
C PRO D 73 9.41 40.55 35.32
N ALA D 74 9.43 40.20 34.04
CA ALA D 74 8.55 40.85 33.07
C ALA D 74 7.19 40.19 32.87
N SER D 75 6.97 39.05 33.51
CA SER D 75 5.76 38.22 33.29
C SER D 75 5.13 37.69 34.58
N ARG D 76 5.47 38.33 35.70
CA ARG D 76 5.21 37.82 37.04
C ARG D 76 3.91 38.39 37.64
N SER D 77 3.45 39.54 37.13
CA SER D 77 2.19 40.15 37.56
C SER D 77 0.99 39.33 37.14
N VAL D 78 -0.09 39.44 37.93
CA VAL D 78 -1.32 38.70 37.65
C VAL D 78 -1.94 39.14 36.33
N GLU D 79 -1.87 40.44 36.03
CA GLU D 79 -2.48 40.99 34.81
C GLU D 79 -1.80 40.48 33.56
N THR D 80 -0.48 40.36 33.61
CA THR D 80 0.29 39.78 32.48
C THR D 80 -0.04 38.28 32.36
N LEU D 81 0.18 37.52 33.43
CA LEU D 81 -0.11 36.09 33.47
C LEU D 81 -1.48 35.77 32.88
N LYS D 82 -2.47 36.52 33.30
CA LYS D 82 -3.81 36.49 32.67
C LYS D 82 -3.73 36.57 31.15
N GLU D 83 -3.01 37.55 30.62
CA GLU D 83 -2.91 37.77 29.17
C GLU D 83 -2.12 36.69 28.43
N MET D 84 -1.15 36.11 29.14
CA MET D 84 -0.37 35.00 28.60
C MET D 84 -1.17 33.71 28.58
N ILE D 85 -2.01 33.51 29.58
CA ILE D 85 -2.88 32.35 29.64
C ILE D 85 -3.92 32.38 28.51
N LYS D 86 -4.49 33.55 28.25
CA LYS D 86 -5.39 33.74 27.10
C LYS D 86 -4.70 33.45 25.77
N SER D 87 -3.52 34.04 25.59
CA SER D 87 -2.73 33.89 24.37
C SER D 87 -2.07 32.50 24.20
N GLY D 88 -2.14 31.64 25.22
CA GLY D 88 -1.85 30.22 25.05
C GLY D 88 -0.87 29.56 26.01
N MET D 89 -0.39 30.26 27.03
CA MET D 89 0.52 29.62 27.98
C MET D 89 -0.18 28.40 28.56
N ASN D 90 0.53 27.27 28.63
CA ASN D 90 -0.01 26.04 29.22
C ASN D 90 0.70 25.58 30.48
N VAL D 91 1.93 26.02 30.68
CA VAL D 91 2.76 25.57 31.79
C VAL D 91 3.64 26.74 32.21
N ALA D 92 3.67 27.05 33.49
CA ALA D 92 4.55 28.11 33.99
C ALA D 92 5.84 27.49 34.50
N ARG D 93 6.96 27.95 33.94
CA ARG D 93 8.30 27.46 34.33
C ARG D 93 8.98 28.43 35.28
N LEU D 94 9.44 27.89 36.41
CA LEU D 94 10.18 28.66 37.40
C LEU D 94 11.62 28.18 37.47
N ASN D 95 12.54 29.09 37.14
CA ASN D 95 13.96 28.80 37.07
C ASN D 95 14.60 29.04 38.44
N PHE D 96 14.85 27.95 39.17
CA PHE D 96 15.45 28.02 40.53
C PHE D 96 16.98 28.16 40.50
N SER D 97 17.56 28.44 39.34
CA SER D 97 18.92 28.95 39.28
C SER D 97 19.03 30.32 39.90
N HIS D 98 17.91 31.08 39.92
CA HIS D 98 17.85 32.42 40.52
C HIS D 98 16.68 32.58 41.47
N GLY D 99 16.79 33.60 42.31
CA GLY D 99 15.71 33.99 43.23
C GLY D 99 15.61 33.10 44.45
N THR D 100 15.04 33.65 45.52
CA THR D 100 14.84 32.90 46.78
C THR D 100 13.52 32.15 46.75
N HIS D 101 13.32 31.25 47.71
CA HIS D 101 12.05 30.49 47.82
C HIS D 101 10.86 31.44 47.99
N GLU D 102 11.06 32.47 48.82
CA GLU D 102 10.05 33.51 49.05
C GLU D 102 9.61 34.15 47.73
N TYR D 103 10.59 34.49 46.87
CA TYR D 103 10.31 35.11 45.57
C TYR D 103 9.38 34.23 44.73
N HIS D 104 9.78 32.96 44.59
CA HIS D 104 9.06 32.00 43.75
C HIS D 104 7.68 31.67 44.29
N ALA D 105 7.58 31.49 45.62
CA ALA D 105 6.28 31.30 46.26
C ALA D 105 5.27 32.33 45.77
N GLU D 106 5.69 33.59 45.68
CA GLU D 106 4.82 34.67 45.20
C GLU D 106 4.51 34.52 43.71
N THR D 107 5.53 34.22 42.92
CA THR D 107 5.34 33.96 41.48
C THR D 107 4.28 32.85 41.31
N ILE D 108 4.43 31.75 42.03
CA ILE D 108 3.50 30.62 41.93
C ILE D 108 2.09 31.05 42.31
N LYS D 109 1.99 31.81 43.41
CA LYS D 109 0.71 32.33 43.90
C LYS D 109 0.02 33.25 42.89
N ASN D 110 0.82 34.07 42.20
CA ASN D 110 0.32 34.91 41.11
C ASN D 110 -0.15 34.10 39.89
N VAL D 111 0.56 33.02 39.58
CA VAL D 111 0.22 32.17 38.44
C VAL D 111 -1.16 31.57 38.67
N ARG D 112 -1.40 31.08 39.88
CA ARG D 112 -2.67 30.47 40.24
C ARG D 112 -3.83 31.47 40.32
N THR D 113 -3.58 32.63 40.91
CA THR D 113 -4.55 33.72 40.95
C THR D 113 -5.08 34.02 39.53
N ALA D 114 -4.16 34.09 38.56
CA ALA D 114 -4.48 34.44 37.18
C ALA D 114 -5.21 33.32 36.49
N THR D 115 -4.70 32.10 36.70
CA THR D 115 -5.27 30.85 36.18
C THR D 115 -6.74 30.67 36.57
N GLU D 116 -7.03 30.87 37.85
CA GLU D 116 -8.36 30.67 38.38
C GLU D 116 -9.32 31.80 38.08
N SER D 117 -8.81 32.98 37.71
CA SER D 117 -9.68 34.05 37.20
C SER D 117 -10.72 33.54 36.15
N PHE D 118 -10.31 32.55 35.34
CA PHE D 118 -11.16 32.00 34.26
C PHE D 118 -12.06 30.84 34.69
N ALA D 119 -11.95 30.37 35.95
CA ALA D 119 -12.66 29.17 36.43
C ALA D 119 -14.18 29.30 36.50
N SER D 120 -14.62 30.56 36.67
CA SER D 120 -16.02 30.97 36.61
C SER D 120 -16.77 30.57 35.31
N ASP D 121 -16.07 30.01 34.31
CA ASP D 121 -16.71 29.32 33.15
C ASP D 121 -15.99 28.00 32.91
N PRO D 122 -16.48 26.89 33.50
CA PRO D 122 -15.72 25.60 33.40
C PRO D 122 -15.65 24.98 31.97
N ILE D 123 -16.39 25.52 31.01
CA ILE D 123 -16.31 25.09 29.61
C ILE D 123 -15.04 25.68 28.97
N LEU D 124 -14.80 26.97 29.21
CA LEU D 124 -13.63 27.68 28.67
C LEU D 124 -12.40 27.71 29.59
N TYR D 125 -12.52 27.27 30.84
CA TYR D 125 -11.36 27.23 31.75
C TYR D 125 -10.33 26.25 31.20
N ARG D 126 -9.08 26.68 31.19
CA ARG D 126 -7.94 25.92 30.73
C ARG D 126 -6.99 25.70 31.91
N PRO D 127 -6.62 24.44 32.18
CA PRO D 127 -5.64 24.24 33.25
C PRO D 127 -4.29 24.88 32.91
N VAL D 128 -3.58 25.38 33.91
CA VAL D 128 -2.21 25.88 33.73
C VAL D 128 -1.37 25.12 34.72
N ALA D 129 -0.23 24.59 34.26
CA ALA D 129 0.65 23.79 35.12
C ALA D 129 1.77 24.64 35.70
N VAL D 130 2.40 24.14 36.75
CA VAL D 130 3.59 24.81 37.33
C VAL D 130 4.77 23.85 37.26
N ALA D 131 5.93 24.36 36.83
CA ALA D 131 7.13 23.55 36.64
C ALA D 131 8.32 24.09 37.40
N LEU D 132 8.93 23.25 38.23
CA LEU D 132 10.09 23.67 39.00
C LEU D 132 11.32 23.20 38.27
N ASP D 133 12.22 24.13 37.95
CA ASP D 133 13.40 23.84 37.16
C ASP D 133 14.67 24.00 37.99
N THR D 134 15.33 22.88 38.30
CA THR D 134 16.46 22.86 39.23
C THR D 134 17.67 23.67 38.75
N LYS D 135 18.50 24.11 39.70
CA LYS D 135 19.76 24.78 39.40
C LYS D 135 20.72 23.76 38.78
N GLY D 136 20.87 22.65 39.48
CA GLY D 136 21.75 21.56 39.06
C GLY D 136 23.18 21.77 39.50
N PRO D 137 24.08 20.84 39.13
CA PRO D 137 25.51 21.04 39.35
C PRO D 137 26.04 22.13 38.44
N GLU D 138 26.85 23.02 39.01
CA GLU D 138 27.50 24.09 38.25
C GLU D 138 28.92 24.38 38.74
N LEU D 238 30.70 16.26 39.69
CA LEU D 238 29.74 16.76 40.67
C LEU D 238 28.61 15.76 40.93
N PRO D 239 27.89 15.90 42.06
CA PRO D 239 26.71 15.06 42.30
C PRO D 239 25.48 15.52 41.49
N ALA D 240 24.44 14.69 41.52
CA ALA D 240 23.23 14.91 40.69
C ALA D 240 22.26 15.87 41.35
N VAL D 241 22.21 15.80 42.68
CA VAL D 241 21.35 16.64 43.50
C VAL D 241 22.22 17.34 44.55
N SER D 242 22.49 18.63 44.33
CA SER D 242 23.26 19.44 45.26
C SER D 242 22.44 19.74 46.50
N GLU D 243 23.13 20.08 47.59
CA GLU D 243 22.47 20.45 48.85
C GLU D 243 21.32 21.45 48.60
N LYS D 244 21.54 22.39 47.66
CA LYS D 244 20.52 23.36 47.27
C LYS D 244 19.32 22.70 46.61
N ASP D 245 19.60 21.86 45.61
CA ASP D 245 18.55 21.19 44.85
C ASP D 245 17.64 20.36 45.77
N ILE D 246 18.22 19.75 46.80
CA ILE D 246 17.44 18.99 47.77
C ILE D 246 16.45 19.94 48.45
N GLN D 247 16.89 21.14 48.83
CA GLN D 247 15.96 22.12 49.39
C GLN D 247 14.93 22.56 48.34
N ASP D 248 15.39 22.90 47.15
CA ASP D 248 14.48 23.39 46.12
C ASP D 248 13.40 22.37 45.76
N LEU D 249 13.75 21.09 45.70
CA LEU D 249 12.78 20.02 45.41
C LEU D 249 11.73 19.81 46.51
N LYS D 250 12.16 19.92 47.77
CA LYS D 250 11.26 19.82 48.93
C LYS D 250 10.26 20.98 48.94
N PHE D 251 10.74 22.16 48.54
CA PHE D 251 9.89 23.33 48.35
C PHE D 251 8.92 23.12 47.19
N GLY D 252 9.37 22.44 46.15
CA GLY D 252 8.51 22.03 45.05
C GLY D 252 7.34 21.21 45.54
N VAL D 253 7.63 20.18 46.33
CA VAL D 253 6.58 19.34 46.88
C VAL D 253 5.65 20.18 47.71
N GLU D 254 6.21 20.96 48.66
CA GLU D 254 5.44 21.92 49.48
C GLU D 254 4.50 22.79 48.64
N GLN D 255 5.00 23.34 47.54
CA GLN D 255 4.20 24.26 46.70
C GLN D 255 3.26 23.55 45.71
N ASP D 256 3.29 22.22 45.67
CA ASP D 256 2.35 21.43 44.84
C ASP D 256 2.60 21.64 43.33
N VAL D 257 3.86 21.60 42.96
CA VAL D 257 4.22 21.66 41.55
C VAL D 257 3.78 20.37 40.84
N ASP D 258 3.65 20.46 39.51
CA ASP D 258 3.20 19.36 38.68
C ASP D 258 4.36 18.60 38.05
N MET D 259 5.52 19.25 37.94
CA MET D 259 6.64 18.69 37.21
C MET D 259 7.96 19.36 37.58
N VAL D 260 9.02 18.53 37.56
CA VAL D 260 10.37 18.98 37.80
C VAL D 260 11.18 18.86 36.51
N PHE D 261 11.83 19.95 36.09
CA PHE D 261 12.77 19.93 34.99
C PHE D 261 14.16 19.77 35.58
N ALA D 262 14.65 18.52 35.62
CA ALA D 262 15.90 18.19 36.30
C ALA D 262 17.09 18.44 35.41
N SER D 263 17.99 19.32 35.86
CA SER D 263 19.11 19.79 35.03
C SER D 263 20.33 18.87 35.07
N PHE D 264 21.15 18.94 34.02
CA PHE D 264 22.44 18.20 33.88
C PHE D 264 22.28 16.72 34.23
N ILE D 265 21.31 16.07 33.61
CA ILE D 265 21.08 14.65 33.82
C ILE D 265 22.06 13.93 32.94
N ARG D 266 22.89 13.13 33.59
CA ARG D 266 23.98 12.44 32.95
C ARG D 266 23.69 10.94 32.80
N LYS D 267 23.01 10.32 33.75
CA LYS D 267 22.75 8.88 33.71
C LYS D 267 21.45 8.54 34.41
N ALA D 268 21.03 7.28 34.37
CA ALA D 268 19.75 6.87 34.95
C ALA D 268 19.70 7.07 36.47
N SER D 269 20.79 6.69 37.13
CA SER D 269 20.90 6.82 38.59
C SER D 269 20.75 8.27 39.10
N ASP D 270 21.07 9.26 38.24
CA ASP D 270 20.77 10.66 38.50
C ASP D 270 19.28 10.95 38.59
N VAL D 271 18.50 10.29 37.74
CA VAL D 271 17.05 10.50 37.73
C VAL D 271 16.46 9.92 39.00
N HIS D 272 16.91 8.72 39.35
CA HIS D 272 16.39 8.03 40.54
C HIS D 272 16.68 8.77 41.85
N GLU D 273 17.84 9.42 41.94
CA GLU D 273 18.13 10.34 43.06
C GLU D 273 17.13 11.52 43.12
N VAL D 274 16.71 12.05 41.96
CA VAL D 274 15.72 13.13 41.98
C VAL D 274 14.38 12.57 42.47
N ARG D 275 14.06 11.35 42.05
CA ARG D 275 12.82 10.66 42.45
C ARG D 275 12.74 10.48 43.97
N LYS D 276 13.84 10.01 44.54
CA LYS D 276 13.91 9.72 45.96
C LYS D 276 13.69 10.98 46.80
N VAL D 277 14.32 12.08 46.40
CA VAL D 277 14.17 13.35 47.12
C VAL D 277 12.71 13.80 47.07
N LEU D 278 12.07 13.76 45.90
CA LEU D 278 10.65 14.06 45.80
C LEU D 278 9.83 13.08 46.63
N GLY D 279 10.28 11.83 46.65
CA GLY D 279 9.81 10.83 47.60
C GLY D 279 8.34 10.50 47.55
N GLU D 280 7.83 9.95 48.65
CA GLU D 280 6.43 9.53 48.77
C GLU D 280 5.43 10.65 48.50
N LYS D 281 5.64 11.83 49.10
CA LYS D 281 4.62 12.88 49.05
C LYS D 281 4.50 13.49 47.66
N GLY D 282 5.61 13.55 46.94
CA GLY D 282 5.63 14.05 45.57
C GLY D 282 5.86 12.98 44.54
N LYS D 283 5.24 11.82 44.74
CA LYS D 283 5.47 10.65 43.88
C LYS D 283 4.76 10.77 42.53
N ASN D 284 3.73 11.62 42.44
CA ASN D 284 3.02 11.83 41.17
C ASN D 284 3.51 13.08 40.44
N ILE D 285 4.60 13.68 40.91
CA ILE D 285 5.24 14.78 40.20
C ILE D 285 6.05 14.16 39.07
N LYS D 286 5.92 14.73 37.88
CA LYS D 286 6.59 14.21 36.69
C LYS D 286 8.02 14.71 36.63
N ILE D 287 8.96 13.83 36.34
CA ILE D 287 10.36 14.23 36.18
C ILE D 287 10.72 14.30 34.70
N ILE D 288 11.02 15.51 34.24
CA ILE D 288 11.54 15.71 32.91
C ILE D 288 13.03 15.86 33.06
N SER D 289 13.80 14.92 32.52
CA SER D 289 15.24 15.03 32.50
C SER D 289 15.68 15.96 31.38
N LYS D 290 16.61 16.85 31.69
CA LYS D 290 17.19 17.72 30.69
C LYS D 290 18.49 17.15 30.22
N ILE D 291 18.62 17.04 28.90
CA ILE D 291 19.85 16.56 28.27
C ILE D 291 20.64 17.83 27.92
N GLU D 292 21.76 18.05 28.62
CA GLU D 292 22.53 19.27 28.47
C GLU D 292 24.02 19.08 28.10
N ASN D 293 24.49 17.84 27.91
CA ASN D 293 25.93 17.59 27.75
C ASN D 293 26.19 16.33 26.93
N HIS D 294 27.46 15.94 26.73
CA HIS D 294 27.71 14.75 25.90
C HIS D 294 27.28 13.44 26.60
N GLU D 295 27.70 13.26 27.86
CA GLU D 295 27.31 12.04 28.59
C GLU D 295 25.79 11.86 28.50
N GLY D 296 25.04 12.95 28.65
CA GLY D 296 23.59 12.94 28.48
C GLY D 296 23.12 12.28 27.20
N VAL D 297 23.73 12.63 26.07
CA VAL D 297 23.29 12.12 24.77
C VAL D 297 23.68 10.67 24.59
N ARG D 298 24.86 10.31 25.10
CA ARG D 298 25.41 8.98 24.88
C ARG D 298 24.56 7.96 25.64
N ARG D 299 24.24 8.30 26.90
CA ARG D 299 23.47 7.44 27.79
C ARG D 299 21.96 7.74 27.74
N PHE D 300 21.47 8.29 26.63
CA PHE D 300 20.10 8.76 26.54
C PHE D 300 19.05 7.69 26.83
N ASP D 301 19.24 6.49 26.28
CA ASP D 301 18.23 5.44 26.39
C ASP D 301 17.93 5.10 27.85
N GLU D 302 18.95 5.03 28.69
CA GLU D 302 18.70 4.77 30.12
C GLU D 302 18.02 5.93 30.83
N ILE D 303 18.36 7.15 30.43
CA ILE D 303 17.73 8.35 30.99
C ILE D 303 16.25 8.40 30.59
N LEU D 304 15.94 8.05 29.35
CA LEU D 304 14.55 8.05 28.90
C LEU D 304 13.74 6.99 29.62
N GLU D 305 14.28 5.77 29.71
CA GLU D 305 13.59 4.67 30.39
C GLU D 305 13.37 4.96 31.87
N ALA D 306 14.18 5.82 32.48
CA ALA D 306 14.05 6.23 33.89
C ALA D 306 13.18 7.45 34.15
N SER D 307 13.02 8.31 33.14
CA SER D 307 12.34 9.59 33.31
C SER D 307 10.90 9.52 32.86
N ASP D 308 10.11 10.50 33.30
CA ASP D 308 8.74 10.64 32.81
C ASP D 308 8.75 11.33 31.47
N GLY D 309 9.70 12.24 31.24
CA GLY D 309 9.88 12.87 29.94
C GLY D 309 11.27 13.47 29.76
N ILE D 310 11.49 14.11 28.61
CA ILE D 310 12.79 14.61 28.24
C ILE D 310 12.68 16.06 27.80
N MET D 311 13.69 16.85 28.14
CA MET D 311 13.89 18.18 27.57
C MET D 311 15.24 18.23 26.88
N VAL D 312 15.26 18.76 25.67
CA VAL D 312 16.44 18.83 24.83
C VAL D 312 16.85 20.29 24.82
N ALA D 313 17.93 20.59 25.52
CA ALA D 313 18.47 21.95 25.61
C ALA D 313 19.50 22.14 24.49
N ARG D 314 19.05 22.72 23.37
CA ARG D 314 19.86 22.77 22.15
C ARG D 314 21.15 23.60 22.31
N GLY D 315 21.05 24.72 23.00
CA GLY D 315 22.21 25.59 23.20
C GLY D 315 23.32 25.00 24.06
N ASP D 316 22.91 24.28 25.11
CA ASP D 316 23.85 23.60 26.03
C ASP D 316 24.59 22.48 25.32
N LEU D 317 23.83 21.72 24.51
CA LEU D 317 24.41 20.70 23.62
C LEU D 317 25.34 21.34 22.62
N GLY D 318 24.88 22.41 21.98
CA GLY D 318 25.66 23.25 21.06
C GLY D 318 27.04 23.64 21.53
N ILE D 319 27.22 23.75 22.85
CA ILE D 319 28.56 23.90 23.46
C ILE D 319 29.24 22.55 23.65
N GLU D 320 28.62 21.63 24.40
CA GLU D 320 29.26 20.32 24.72
C GLU D 320 29.52 19.37 23.52
N ILE D 321 28.76 19.55 22.43
CA ILE D 321 28.82 18.70 21.24
C ILE D 321 29.18 19.61 20.04
N PRO D 322 29.80 19.04 18.98
CA PRO D 322 29.94 19.79 17.73
C PRO D 322 28.63 20.39 17.22
N ALA D 323 28.58 21.71 17.05
CA ALA D 323 27.40 22.43 16.50
C ALA D 323 26.69 21.72 15.31
N GLU D 324 27.45 21.33 14.29
CA GLU D 324 26.86 20.65 13.13
C GLU D 324 26.09 19.35 13.42
N LYS D 325 26.23 18.77 14.62
CA LYS D 325 25.61 17.48 14.96
C LYS D 325 24.38 17.60 15.83
N VAL D 326 24.12 18.79 16.40
CA VAL D 326 23.04 18.94 17.38
C VAL D 326 21.68 18.65 16.76
N PHE D 327 21.46 19.10 15.53
CA PHE D 327 20.20 18.84 14.82
C PHE D 327 19.86 17.35 14.69
N LEU D 328 20.88 16.49 14.57
CA LEU D 328 20.66 15.05 14.58
C LEU D 328 20.33 14.55 15.96
N ALA D 329 21.00 15.12 16.96
CA ALA D 329 20.71 14.78 18.36
C ALA D 329 19.26 15.07 18.66
N GLN D 330 18.82 16.27 18.28
CA GLN D 330 17.44 16.69 18.47
C GLN D 330 16.46 15.74 17.78
N LYS D 331 16.75 15.34 16.54
CA LYS D 331 15.84 14.47 15.80
C LYS D 331 15.84 13.07 16.34
N MET D 332 16.98 12.62 16.85
CA MET D 332 17.08 11.32 17.49
C MET D 332 16.30 11.25 18.79
N MET D 333 16.51 12.24 19.64
CA MET D 333 15.90 12.25 20.96
C MET D 333 14.40 12.42 20.87
N ILE D 334 13.95 13.31 20.01
CA ILE D 334 12.52 13.52 19.78
C ILE D 334 11.90 12.26 19.20
N GLY D 335 12.62 11.62 18.28
CA GLY D 335 12.19 10.37 17.68
C GLY D 335 11.99 9.29 18.72
N ARG D 336 13.01 9.06 19.53
CA ARG D 336 12.96 7.97 20.51
C ARG D 336 11.84 8.18 21.52
N CYS D 337 11.65 9.44 21.92
CA CYS D 337 10.59 9.82 22.85
C CYS D 337 9.21 9.59 22.25
N ASN D 338 9.00 9.94 20.98
CA ASN D 338 7.72 9.63 20.30
C ASN D 338 7.39 8.14 20.32
N ARG D 339 8.43 7.31 20.18
CA ARG D 339 8.30 5.86 20.09
C ARG D 339 8.02 5.26 21.44
N ALA D 340 8.68 5.79 22.47
CA ALA D 340 8.46 5.37 23.85
C ALA D 340 7.17 5.93 24.42
N GLY D 341 6.63 6.95 23.76
CA GLY D 341 5.36 7.55 24.16
C GLY D 341 5.49 8.41 25.38
N LYS D 342 6.68 8.94 25.63
CA LYS D 342 6.91 9.87 26.70
C LYS D 342 7.10 11.22 26.06
N PRO D 343 6.75 12.30 26.78
CA PRO D 343 6.78 13.60 26.17
C PRO D 343 8.18 14.21 26.10
N VAL D 344 8.39 15.06 25.10
CA VAL D 344 9.67 15.68 24.89
C VAL D 344 9.48 17.18 24.61
N ILE D 345 10.35 17.98 25.22
CA ILE D 345 10.27 19.43 25.15
C ILE D 345 11.50 19.99 24.42
N CYS D 346 11.32 21.02 23.61
CA CYS D 346 12.48 21.69 23.02
C CYS D 346 12.66 23.01 23.71
N ALA D 347 13.87 23.23 24.20
CA ALA D 347 14.18 24.38 25.02
C ALA D 347 15.41 25.10 24.49
N THR D 348 15.47 26.41 24.79
CA THR D 348 16.59 27.31 24.48
C THR D 348 16.61 27.71 23.01
N GLN D 349 17.05 28.94 22.75
CA GLN D 349 17.27 29.44 21.38
C GLN D 349 16.02 29.34 20.50
N MET D 350 14.85 29.60 21.07
CA MET D 350 13.63 29.58 20.26
C MET D 350 13.42 30.97 19.65
N LEU D 351 12.90 31.92 20.44
CA LEU D 351 12.61 33.28 19.96
C LEU D 351 13.44 34.35 20.73
N GLU D 352 14.72 34.08 21.00
CA GLU D 352 15.57 34.97 21.85
C GLU D 352 15.68 36.42 21.34
N SER D 353 15.52 36.65 20.04
CA SER D 353 15.50 38.02 19.50
C SER D 353 14.32 38.88 20.03
N MET D 354 13.25 38.24 20.53
CA MET D 354 12.07 38.92 21.11
C MET D 354 12.24 39.39 22.55
N ILE D 355 13.43 39.18 23.10
CA ILE D 355 13.82 39.86 24.33
C ILE D 355 13.74 41.36 24.06
N LYS D 356 14.28 41.81 22.92
CA LYS D 356 14.31 43.24 22.56
C LYS D 356 13.31 43.67 21.47
N LYS D 357 12.82 42.72 20.67
CA LYS D 357 12.03 43.05 19.49
C LYS D 357 10.60 42.48 19.58
N PRO D 358 9.62 43.15 18.95
CA PRO D 358 8.24 42.68 19.00
C PRO D 358 7.89 41.51 18.06
N ARG D 359 8.85 41.10 17.21
CA ARG D 359 8.68 40.05 16.23
C ARG D 359 9.99 39.29 16.06
N PRO D 360 9.93 37.97 15.77
CA PRO D 360 11.16 37.19 15.61
C PRO D 360 11.80 37.34 14.25
N THR D 361 12.97 36.71 14.11
CA THR D 361 13.67 36.61 12.82
C THR D 361 13.05 35.50 11.97
N ARG D 362 13.39 35.50 10.69
CA ARG D 362 13.01 34.42 9.79
C ARG D 362 13.52 33.07 10.27
N ALA D 363 14.79 33.05 10.68
CA ALA D 363 15.48 31.82 11.06
C ALA D 363 14.99 31.20 12.36
N GLU D 364 14.59 32.04 13.31
CA GLU D 364 13.99 31.59 14.57
C GLU D 364 12.66 30.92 14.33
N GLY D 365 11.86 31.50 13.43
CA GLY D 365 10.56 30.95 13.07
C GLY D 365 10.65 29.58 12.42
N SER D 366 11.64 29.43 11.54
CA SER D 366 11.95 28.15 10.94
C SER D 366 12.44 27.15 11.97
N ASP D 367 13.34 27.58 12.83
CA ASP D 367 13.92 26.72 13.87
C ASP D 367 12.87 26.10 14.79
N VAL D 368 11.89 26.93 15.19
CA VAL D 368 10.82 26.47 16.08
C VAL D 368 9.92 25.50 15.36
N ALA D 369 9.55 25.88 14.14
CA ALA D 369 8.63 25.09 13.36
C ALA D 369 9.20 23.72 13.06
N ASN D 370 10.49 23.65 12.70
CA ASN D 370 11.13 22.36 12.43
C ASN D 370 11.20 21.51 13.69
N ALA D 371 11.36 22.13 14.86
CA ALA D 371 11.27 21.39 16.13
C ALA D 371 9.89 20.77 16.37
N VAL D 372 8.83 21.47 15.98
CA VAL D 372 7.48 20.91 16.04
C VAL D 372 7.31 19.73 15.08
N LEU D 373 7.81 19.87 13.85
CA LEU D 373 7.71 18.80 12.83
C LEU D 373 8.57 17.62 13.20
N ASP D 374 9.76 17.88 13.74
CA ASP D 374 10.62 16.82 14.26
C ASP D 374 9.78 15.86 15.10
N GLY D 375 8.82 16.42 15.83
CA GLY D 375 7.87 15.69 16.64
C GLY D 375 7.85 16.03 18.13
N ALA D 376 8.25 17.24 18.48
CA ALA D 376 8.22 17.68 19.86
C ALA D 376 6.78 17.80 20.34
N ASP D 377 6.61 17.64 21.64
CA ASP D 377 5.31 17.74 22.27
C ASP D 377 5.09 19.16 22.80
N CYS D 378 6.12 19.77 23.40
CA CYS D 378 6.07 21.18 23.82
C CYS D 378 7.28 21.98 23.37
N ILE D 379 7.08 23.28 23.22
CA ILE D 379 8.14 24.25 23.00
C ILE D 379 8.30 25.09 24.27
N MET D 380 9.53 25.45 24.64
CA MET D 380 9.75 26.25 25.83
C MET D 380 10.47 27.55 25.55
N LEU D 381 9.82 28.64 25.94
CA LEU D 381 10.41 29.98 25.88
C LEU D 381 11.14 30.26 27.20
N SER D 382 12.28 30.93 27.10
CA SER D 382 13.15 31.27 28.23
C SER D 382 13.16 32.82 28.45
N GLY D 383 14.27 33.53 28.22
CA GLY D 383 14.32 34.99 28.40
C GLY D 383 13.21 35.78 27.72
N GLU D 384 12.79 35.31 26.55
CA GLU D 384 11.69 35.89 25.74
C GLU D 384 10.51 36.38 26.57
N THR D 385 10.08 35.51 27.50
CA THR D 385 8.97 35.74 28.46
C THR D 385 9.41 36.07 29.90
N ALA D 386 10.55 35.55 30.33
CA ALA D 386 11.02 35.76 31.70
C ALA D 386 11.34 37.21 32.01
N LYS D 387 12.25 37.81 31.24
CA LYS D 387 12.73 39.17 31.47
C LYS D 387 12.56 40.17 30.31
N GLY D 388 12.30 39.68 29.10
CA GLY D 388 12.23 40.54 27.92
C GLY D 388 11.19 41.65 27.89
N ASP D 389 11.40 42.56 26.95
CA ASP D 389 10.56 43.73 26.77
C ASP D 389 9.21 43.39 26.11
N TYR D 390 9.06 42.20 25.51
CA TYR D 390 7.80 41.83 24.88
C TYR D 390 7.34 40.40 25.23
N PRO D 391 7.02 40.16 26.51
CA PRO D 391 6.65 38.80 26.96
C PRO D 391 5.35 38.32 26.38
N LEU D 392 4.39 39.21 26.22
CA LEU D 392 3.08 38.83 25.70
C LEU D 392 3.16 38.51 24.22
N GLU D 393 3.96 39.25 23.45
CA GLU D 393 4.05 39.02 21.98
C GLU D 393 4.84 37.75 21.64
N ALA D 394 5.76 37.38 22.54
CA ALA D 394 6.50 36.14 22.45
C ALA D 394 5.59 34.94 22.58
N VAL D 395 4.61 35.02 23.49
CA VAL D 395 3.66 33.94 23.64
C VAL D 395 2.77 33.84 22.41
N ARG D 396 2.39 34.96 21.83
CA ARG D 396 1.47 34.94 20.70
C ARG D 396 2.11 34.44 19.42
N MET D 397 3.39 34.75 19.22
CA MET D 397 4.17 34.25 18.08
C MET D 397 4.45 32.77 18.19
N GLN D 398 4.85 32.33 19.39
CA GLN D 398 5.05 30.91 19.65
C GLN D 398 3.78 30.12 19.34
N HIS D 399 2.61 30.69 19.62
CA HIS D 399 1.35 30.09 19.19
C HIS D 399 1.19 30.14 17.68
N LEU D 400 1.44 31.30 17.08
CA LEU D 400 1.38 31.48 15.61
C LEU D 400 2.24 30.49 14.84
N ILE D 401 3.46 30.30 15.30
CA ILE D 401 4.40 29.41 14.64
C ILE D 401 3.90 27.98 14.81
N ALA D 402 3.65 27.57 16.04
CA ALA D 402 3.16 26.22 16.31
C ALA D 402 1.85 25.91 15.60
N ARG D 403 1.06 26.94 15.31
CA ARG D 403 -0.18 26.80 14.54
C ARG D 403 0.14 26.49 13.08
N GLU D 404 1.09 27.23 12.51
CA GLU D 404 1.48 27.04 11.10
C GLU D 404 2.14 25.69 10.87
N ALA D 405 2.94 25.24 11.82
CA ALA D 405 3.61 23.96 11.70
C ALA D 405 2.63 22.82 11.55
N GLU D 406 1.45 22.91 12.13
CA GLU D 406 0.47 21.82 11.98
C GLU D 406 -0.03 21.65 10.55
N ALA D 407 -0.01 22.72 9.76
CA ALA D 407 -0.29 22.60 8.31
C ALA D 407 0.71 21.67 7.63
N ALA D 408 1.99 21.80 8.00
CA ALA D 408 3.05 21.01 7.46
C ALA D 408 3.09 19.58 7.95
N ILE D 409 2.42 19.28 9.06
CA ILE D 409 2.44 17.91 9.61
C ILE D 409 1.57 16.98 8.78
N TYR D 410 2.18 15.82 8.46
CA TYR D 410 1.53 14.74 7.74
C TYR D 410 1.20 13.58 8.70
N HIS D 411 -0.05 13.51 9.12
CA HIS D 411 -0.46 12.72 10.31
C HIS D 411 -0.54 11.21 10.08
N LEU D 412 -1.06 10.82 8.91
CA LEU D 412 -1.32 9.41 8.63
C LEU D 412 -0.05 8.54 8.65
N GLN D 413 1.08 9.13 8.23
CA GLN D 413 2.39 8.47 8.30
C GLN D 413 2.89 8.24 9.75
N LEU D 414 2.82 9.31 10.56
CA LEU D 414 3.19 9.23 11.99
C LEU D 414 2.48 8.05 12.68
N PHE D 415 1.16 7.96 12.49
CA PHE D 415 0.35 6.91 13.12
C PHE D 415 0.67 5.48 12.62
N GLU D 416 0.69 5.30 11.30
CA GLU D 416 0.94 3.98 10.68
C GLU D 416 2.33 3.44 11.04
N GLU D 417 3.32 4.32 11.10
CA GLU D 417 4.66 3.95 11.56
C GLU D 417 4.69 3.57 13.03
N LEU D 418 4.03 4.39 13.86
CA LEU D 418 3.96 4.14 15.30
C LEU D 418 3.18 2.86 15.65
N ARG D 419 2.16 2.54 14.85
CA ARG D 419 1.41 1.29 14.99
C ARG D 419 2.24 0.06 14.62
N ARG D 420 2.94 0.12 13.50
CA ARG D 420 3.80 -0.98 13.03
C ARG D 420 4.99 -1.28 13.98
N LEU D 421 5.60 -0.23 14.58
CA LEU D 421 6.67 -0.39 15.59
C LEU D 421 6.18 -0.78 17.00
N ALA D 422 4.88 -0.62 17.27
CA ALA D 422 4.32 -0.94 18.59
C ALA D 422 4.36 -2.45 18.85
N PRO D 423 4.86 -2.87 20.03
CA PRO D 423 4.91 -4.30 20.35
C PRO D 423 3.50 -4.86 20.56
N ILE D 424 3.14 -5.91 19.82
CA ILE D 424 1.82 -6.58 19.92
C ILE D 424 1.45 -7.16 21.32
N THR D 425 1.15 -6.26 22.24
CA THR D 425 0.50 -6.59 23.54
C THR D 425 -0.98 -6.94 23.25
N SER D 426 -1.55 -7.77 24.10
CA SER D 426 -3.00 -7.89 24.22
C SER D 426 -3.48 -7.31 25.58
N ASP D 427 -2.72 -6.38 26.16
CA ASP D 427 -3.22 -5.52 27.23
C ASP D 427 -4.41 -4.69 26.71
N PRO D 428 -5.61 -4.87 27.29
CA PRO D 428 -6.82 -4.24 26.76
C PRO D 428 -6.78 -2.74 26.50
N THR D 429 -6.04 -1.99 27.32
CA THR D 429 -6.01 -0.53 27.18
C THR D 429 -5.24 -0.09 25.93
N GLU D 430 -4.08 -0.71 25.67
CA GLU D 430 -3.27 -0.42 24.48
C GLU D 430 -4.04 -0.82 23.22
N ALA D 431 -4.70 -1.97 23.28
CA ALA D 431 -5.53 -2.48 22.19
C ALA D 431 -6.64 -1.51 21.81
N THR D 432 -7.31 -0.99 22.83
CA THR D 432 -8.36 0.01 22.65
C THR D 432 -7.82 1.36 22.19
N ALA D 433 -6.69 1.82 22.74
CA ALA D 433 -6.07 3.07 22.31
C ALA D 433 -5.74 3.09 20.82
N VAL D 434 -5.16 1.99 20.34
CA VAL D 434 -4.89 1.80 18.91
C VAL D 434 -6.17 1.93 18.07
N GLY D 435 -7.16 1.07 18.36
CA GLY D 435 -8.41 1.08 17.62
C GLY D 435 -9.10 2.44 17.57
N ALA D 436 -8.97 3.18 18.68
CA ALA D 436 -9.54 4.53 18.80
C ALA D 436 -8.88 5.49 17.82
N VAL D 437 -7.56 5.45 17.75
CA VAL D 437 -6.84 6.30 16.81
C VAL D 437 -7.16 5.86 15.39
N GLU D 438 -7.12 4.55 15.15
CA GLU D 438 -7.45 3.97 13.85
C GLU D 438 -8.81 4.44 13.38
N ALA D 439 -9.82 4.29 14.25
CA ALA D 439 -11.17 4.77 13.97
C ALA D 439 -11.25 6.28 13.78
N SER D 440 -10.40 7.04 14.48
CA SER D 440 -10.39 8.51 14.39
C SER D 440 -10.08 9.04 13.00
N PHE D 441 -9.30 8.28 12.23
CA PHE D 441 -9.06 8.62 10.82
C PHE D 441 -10.22 8.20 9.93
N LYS D 442 -10.70 6.97 10.13
CA LYS D 442 -11.77 6.42 9.30
C LYS D 442 -13.11 7.17 9.43
N CYS D 443 -13.84 7.01 10.55
CA CYS D 443 -15.15 7.70 10.74
C CYS D 443 -14.95 9.23 11.03
N CYS D 444 -14.39 9.90 10.00
CA CYS D 444 -13.61 11.21 9.96
C CYS D 444 -13.52 12.13 11.24
N SER D 445 -13.15 11.51 12.35
CA SER D 445 -13.60 11.92 13.65
C SER D 445 -13.10 13.29 14.08
N GLY D 446 -13.99 14.00 14.78
CA GLY D 446 -13.72 15.32 15.29
C GLY D 446 -12.92 15.30 16.59
N ALA D 447 -13.00 14.19 17.32
CA ALA D 447 -12.20 14.01 18.55
C ALA D 447 -12.10 12.57 19.01
N ILE D 448 -11.21 12.36 19.99
CA ILE D 448 -11.20 11.15 20.81
C ILE D 448 -11.35 11.65 22.24
N ILE D 449 -12.46 11.29 22.90
CA ILE D 449 -12.74 11.71 24.27
C ILE D 449 -12.37 10.59 25.22
N VAL D 450 -11.44 10.88 26.12
CA VAL D 450 -10.95 9.88 27.08
C VAL D 450 -11.34 10.30 28.50
N LEU D 451 -12.15 9.49 29.16
CA LEU D 451 -12.43 9.66 30.57
C LEU D 451 -11.30 9.02 31.35
N THR D 452 -10.47 9.85 31.99
CA THR D 452 -9.22 9.39 32.61
C THR D 452 -8.96 10.08 33.95
N LYS D 453 -8.61 9.29 34.95
CA LYS D 453 -8.42 9.82 36.30
C LYS D 453 -6.97 10.31 36.43
N SER D 454 -6.03 9.43 36.11
CA SER D 454 -4.60 9.73 36.16
C SER D 454 -4.01 10.29 34.86
N GLY D 455 -4.75 10.26 33.76
CA GLY D 455 -4.25 10.69 32.45
C GLY D 455 -3.69 9.57 31.58
N ARG D 456 -3.13 8.54 32.24
CA ARG D 456 -2.49 7.39 31.60
C ARG D 456 -3.18 6.91 30.33
N SER D 457 -4.51 6.85 30.34
CA SER D 457 -5.27 6.38 29.18
C SER D 457 -5.16 7.37 28.03
N ALA D 458 -5.32 8.65 28.36
CA ALA D 458 -5.20 9.73 27.37
C ALA D 458 -3.79 9.82 26.79
N HIS D 459 -2.80 9.47 27.60
CA HIS D 459 -1.41 9.42 27.13
C HIS D 459 -1.22 8.28 26.13
N GLN D 460 -1.80 7.11 26.42
CA GLN D 460 -1.66 5.95 25.53
C GLN D 460 -2.28 6.19 24.15
N VAL D 461 -3.31 7.00 24.09
CA VAL D 461 -3.92 7.41 22.81
C VAL D 461 -2.98 8.37 22.07
N ALA D 462 -2.39 9.32 22.80
CA ALA D 462 -1.54 10.36 22.22
C ALA D 462 -0.24 9.83 21.65
N ARG D 463 0.23 8.71 22.20
CA ARG D 463 1.41 8.03 21.73
C ARG D 463 1.29 7.74 20.25
N TYR D 464 0.08 7.34 19.84
CA TYR D 464 -0.22 7.00 18.46
C TYR D 464 -0.56 8.20 17.53
N ARG D 465 -0.45 9.44 18.00
CA ARG D 465 -0.49 10.62 17.13
CA ARG D 465 -0.50 10.64 17.16
C ARG D 465 -1.72 10.74 16.22
N PRO D 466 -2.92 10.81 16.78
CA PRO D 466 -4.09 11.07 15.93
C PRO D 466 -4.09 12.53 15.46
N ARG D 467 -4.72 12.83 14.33
CA ARG D 467 -4.88 14.23 13.90
C ARG D 467 -5.93 14.88 14.82
N ALA D 468 -6.90 14.07 15.25
CA ALA D 468 -8.02 14.58 15.99
C ALA D 468 -7.57 14.99 17.38
N PRO D 469 -8.22 16.04 17.95
CA PRO D 469 -7.88 16.42 19.30
C PRO D 469 -8.26 15.31 20.28
N ILE D 470 -7.42 15.07 21.29
CA ILE D 470 -7.73 14.11 22.35
C ILE D 470 -8.25 14.90 23.55
N ILE D 471 -9.54 14.85 23.80
CA ILE D 471 -10.12 15.57 24.93
C ILE D 471 -10.06 14.66 26.17
N ALA D 472 -9.11 14.95 27.06
CA ALA D 472 -8.95 14.19 28.29
C ALA D 472 -9.86 14.83 29.34
N VAL D 473 -10.89 14.10 29.75
CA VAL D 473 -11.83 14.58 30.77
C VAL D 473 -11.43 13.94 32.08
N THR D 474 -11.05 14.77 33.05
CA THR D 474 -10.58 14.32 34.35
C THR D 474 -11.17 15.17 35.48
N ARG D 475 -11.35 14.54 36.64
CA ARG D 475 -11.75 15.25 37.86
C ARG D 475 -10.54 15.68 38.68
N ASN D 476 -9.42 14.98 38.53
CA ASN D 476 -8.16 15.31 39.20
C ASN D 476 -7.52 16.54 38.53
N PRO D 477 -7.35 17.66 39.25
CA PRO D 477 -6.81 18.86 38.61
C PRO D 477 -5.34 18.77 38.28
N GLN D 478 -4.58 17.99 39.06
CA GLN D 478 -3.18 17.73 38.71
C GLN D 478 -3.09 16.95 37.41
N THR D 479 -3.98 15.99 37.22
CA THR D 479 -4.02 15.24 35.96
C THR D 479 -4.29 16.18 34.78
N ALA D 480 -5.21 17.11 34.97
CA ALA D 480 -5.54 18.08 33.93
C ALA D 480 -4.37 18.99 33.63
N ARG D 481 -3.61 19.36 34.65
CA ARG D 481 -2.44 20.21 34.46
C ARG D 481 -1.28 19.49 33.75
N GLN D 482 -0.95 18.29 34.23
CA GLN D 482 0.13 17.49 33.67
C GLN D 482 -0.11 17.08 32.20
N ALA D 483 -1.38 16.91 31.83
CA ALA D 483 -1.76 16.58 30.46
C ALA D 483 -1.12 17.44 29.36
N HIS D 484 -0.82 18.70 29.64
CA HIS D 484 -0.29 19.59 28.59
C HIS D 484 1.05 19.15 27.98
N LEU D 485 1.83 18.39 28.74
CA LEU D 485 3.10 17.79 28.28
C LEU D 485 2.96 16.93 27.05
N TYR D 486 1.77 16.38 26.82
CA TYR D 486 1.50 15.53 25.66
C TYR D 486 0.92 16.31 24.47
N ARG D 487 1.31 15.88 23.29
CA ARG D 487 0.90 16.55 22.07
C ARG D 487 -0.52 16.17 21.73
N GLY D 488 -1.34 17.16 21.40
CA GLY D 488 -2.70 16.88 20.97
C GLY D 488 -3.69 16.43 22.04
N ILE D 489 -3.28 16.37 23.31
CA ILE D 489 -4.21 16.26 24.42
C ILE D 489 -4.72 17.64 24.75
N PHE D 490 -6.03 17.79 24.78
CA PHE D 490 -6.70 19.00 25.23
C PHE D 490 -7.40 18.61 26.52
N PRO D 491 -6.83 18.96 27.68
CA PRO D 491 -7.48 18.53 28.92
C PRO D 491 -8.63 19.45 29.32
N VAL D 492 -9.65 18.87 29.96
CA VAL D 492 -10.79 19.60 30.58
C VAL D 492 -11.04 19.07 32.00
N LEU D 493 -11.46 19.97 32.89
CA LEU D 493 -11.62 19.62 34.31
C LEU D 493 -13.12 19.56 34.72
N LYS D 495 -15.91 19.42 37.19
CA LYS D 495 -16.14 19.85 38.59
C LYS D 495 -17.52 19.45 39.17
N ASP D 496 -18.51 19.14 38.32
CA ASP D 496 -19.74 18.45 38.76
C ASP D 496 -19.34 17.22 39.59
N PRO D 497 -19.94 17.03 40.78
CA PRO D 497 -19.56 15.82 41.52
C PRO D 497 -20.24 14.57 41.00
N VAL D 498 -19.88 13.43 41.60
CA VAL D 498 -20.16 12.13 41.01
C VAL D 498 -21.62 11.71 41.22
N GLN D 499 -22.32 11.29 40.15
CA GLN D 499 -23.66 10.67 40.26
C GLN D 499 -23.48 9.19 40.61
N GLU D 500 -24.35 8.66 41.48
CA GLU D 500 -24.28 7.25 41.93
C GLU D 500 -24.30 6.27 40.75
N ALA D 501 -25.21 6.51 39.79
CA ALA D 501 -25.32 5.65 38.62
C ALA D 501 -24.06 5.86 37.77
N TRP D 502 -23.32 4.77 37.53
CA TRP D 502 -22.06 4.86 36.83
C TRP D 502 -22.25 5.44 35.43
N ALA D 503 -23.11 4.81 34.65
CA ALA D 503 -23.32 5.19 33.23
C ALA D 503 -23.83 6.62 33.05
N GLU D 504 -24.50 7.16 34.07
CA GLU D 504 -24.97 8.55 34.08
C GLU D 504 -23.81 9.50 34.27
N ASP D 505 -22.95 9.17 35.24
CA ASP D 505 -21.72 9.92 35.48
C ASP D 505 -20.92 10.01 34.18
N VAL D 506 -20.76 8.85 33.54
CA VAL D 506 -20.04 8.74 32.28
C VAL D 506 -20.67 9.64 31.22
N ASP D 507 -21.98 9.50 31.02
CA ASP D 507 -22.71 10.33 30.04
C ASP D 507 -22.62 11.82 30.32
N LEU D 508 -22.58 12.19 31.60
CA LEU D 508 -22.45 13.59 31.99
C LEU D 508 -21.07 14.15 31.62
N ARG D 509 -20.01 13.38 31.88
CA ARG D 509 -18.66 13.76 31.50
C ARG D 509 -18.51 13.82 29.97
N VAL D 510 -18.99 12.79 29.29
CA VAL D 510 -18.97 12.80 27.84
C VAL D 510 -19.69 14.06 27.34
N ASN D 511 -20.86 14.35 27.90
CA ASN D 511 -21.60 15.54 27.49
C ASN D 511 -20.85 16.84 27.77
N PHE D 512 -20.09 16.89 28.85
CA PHE D 512 -19.23 18.03 29.16
C PHE D 512 -18.21 18.25 28.01
N ALA D 513 -17.50 17.19 27.63
CA ALA D 513 -16.56 17.21 26.50
C ALA D 513 -17.19 17.58 25.15
N MET D 514 -18.43 17.12 24.95
CA MET D 514 -19.23 17.48 23.77
C MET D 514 -19.49 18.97 23.75
N ASN D 515 -19.82 19.54 24.91
CA ASN D 515 -20.06 20.99 25.00
C ASN D 515 -18.77 21.75 24.74
N VAL D 516 -17.68 21.33 25.37
CA VAL D 516 -16.38 21.99 25.22
C VAL D 516 -15.93 21.95 23.76
N GLY D 517 -16.05 20.79 23.13
CA GLY D 517 -15.68 20.62 21.74
C GLY D 517 -16.47 21.51 20.80
N LYS D 518 -17.79 21.45 20.91
CA LYS D 518 -18.67 22.32 20.14
C LYS D 518 -18.23 23.78 20.28
N ALA D 519 -18.11 24.22 21.54
CA ALA D 519 -17.67 25.59 21.86
C ALA D 519 -16.28 25.96 21.36
N ARG D 520 -15.34 25.00 21.33
CA ARG D 520 -14.01 25.24 20.73
C ARG D 520 -13.93 25.10 19.21
N GLY D 521 -15.04 24.76 18.55
CA GLY D 521 -15.03 24.53 17.12
C GLY D 521 -14.49 23.20 16.65
N PHE D 522 -14.15 22.29 17.57
CA PHE D 522 -13.56 20.97 17.23
C PHE D 522 -14.53 20.13 16.39
N PHE D 523 -15.82 20.31 16.63
CA PHE D 523 -16.90 19.60 15.93
C PHE D 523 -18.26 20.28 16.15
N LYS D 524 -19.24 19.92 15.33
CA LYS D 524 -20.62 20.39 15.49
C LYS D 524 -21.59 19.22 15.39
N LYS D 525 -22.86 19.49 15.69
CA LYS D 525 -23.92 18.46 15.65
C LYS D 525 -23.82 17.61 14.38
N GLY D 526 -23.97 16.31 14.54
CA GLY D 526 -24.00 15.40 13.41
C GLY D 526 -22.64 14.81 13.04
N ASP D 527 -21.55 15.41 13.52
CA ASP D 527 -20.22 14.79 13.44
C ASP D 527 -20.20 13.56 14.36
N VAL D 528 -19.12 12.79 14.29
CA VAL D 528 -18.94 11.56 15.06
C VAL D 528 -17.64 11.63 15.85
N VAL D 529 -17.67 11.23 17.11
CA VAL D 529 -16.48 11.21 17.94
C VAL D 529 -16.29 9.82 18.53
N ILE D 530 -15.08 9.54 19.01
CA ILE D 530 -14.78 8.29 19.69
C ILE D 530 -14.71 8.60 21.17
N VAL D 531 -15.16 7.65 22.00
CA VAL D 531 -15.25 7.85 23.44
C VAL D 531 -14.67 6.62 24.12
N LEU D 532 -13.55 6.80 24.83
CA LEU D 532 -12.96 5.75 25.67
C LEU D 532 -13.35 5.88 27.14
N THR D 533 -13.76 4.76 27.74
CA THR D 533 -14.21 4.70 29.13
C THR D 533 -13.73 3.41 29.75
N GLY D 534 -13.96 3.27 31.06
CA GLY D 534 -13.85 1.97 31.72
C GLY D 534 -15.14 1.22 31.45
N TRP D 535 -15.20 -0.04 31.90
CA TRP D 535 -16.45 -0.79 31.96
C TRP D 535 -16.66 -1.14 33.42
N ARG D 536 -17.73 -0.62 34.02
CA ARG D 536 -18.06 -0.71 35.44
C ARG D 536 -17.22 0.20 36.36
N PRO D 537 -17.73 0.51 37.57
CA PRO D 537 -16.99 1.48 38.38
C PRO D 537 -15.76 0.88 39.09
N GLY D 538 -14.69 1.64 39.14
CA GLY D 538 -13.42 1.15 39.69
C GLY D 538 -12.60 0.27 38.77
N SER D 539 -13.04 0.09 37.51
CA SER D 539 -12.30 -0.67 36.47
C SER D 539 -10.81 -0.27 36.33
N GLY D 540 -9.97 -1.30 36.15
CA GLY D 540 -8.54 -1.14 35.97
C GLY D 540 -8.15 -0.72 34.57
N PHE D 541 -8.88 -1.22 33.57
CA PHE D 541 -8.64 -0.86 32.16
C PHE D 541 -9.53 0.30 31.69
N THR D 542 -9.03 1.09 30.74
CA THR D 542 -9.87 1.95 29.91
C THR D 542 -10.09 1.17 28.62
N ASN D 543 -10.99 0.20 28.66
CA ASN D 543 -11.12 -0.82 27.59
C ASN D 543 -12.43 -0.75 26.83
N THR D 544 -13.08 0.42 26.80
CA THR D 544 -14.39 0.53 26.18
C THR D 544 -14.43 1.65 25.15
N MET D 545 -14.48 1.28 23.87
CA MET D 545 -14.46 2.22 22.74
C MET D 545 -15.88 2.37 22.24
N ARG D 546 -16.29 3.60 21.96
CA ARG D 546 -17.69 3.85 21.68
C ARG D 546 -17.85 4.93 20.63
N VAL D 547 -18.50 4.60 19.52
CA VAL D 547 -18.62 5.54 18.41
C VAL D 547 -19.92 6.27 18.63
N VAL D 548 -19.81 7.58 18.83
CA VAL D 548 -20.91 8.41 19.31
C VAL D 548 -21.13 9.58 18.37
N PRO D 549 -22.35 9.73 17.85
CA PRO D 549 -22.62 10.98 17.11
C PRO D 549 -22.80 12.15 18.07
N VAL D 550 -22.29 13.32 17.66
CA VAL D 550 -22.38 14.52 18.48
C VAL D 550 -23.84 15.00 18.44
N PRO D 551 -24.49 15.14 19.62
CA PRO D 551 -25.90 15.52 19.66
C PRO D 551 -26.11 17.02 19.42
#